data_2KOR
#
_entry.id   2KOR
#
loop_
_entity.id
_entity.type
_entity.pdbx_description
1 polymer 'Acyl carrier protein'
2 non-polymer 'S-[2-[3-[[(2S)-2-hydroxy-3,3-dimethyl-4-phosphonooxy-butanoyl]amino]propanoylamino]ethyl] (E)-oct-2-enethioate'
#
_entity_poly.entity_id   1
_entity_poly.type   'polypeptide(L)'
_entity_poly.pdbx_seq_one_letter_code
;AATQEEIVAGLAEIVNEIAGIPVEDVKLDKSFTDDLDVDSLSMVEVVVAAEERFDVKIPDDDVKNLKTVGDATKYILDHQ
A
;
_entity_poly.pdbx_strand_id   A
#
loop_
_chem_comp.id
_chem_comp.type
_chem_comp.name
_chem_comp.formula
SOO non-polymer 'S-[2-[3-[[(2S)-2-hydroxy-3,3-dimethyl-4-phosphonooxy-butanoyl]amino]propanoylamino]ethyl] (E)-oct-2-enethioate' 'C19 H35 N2 O8 P S'
#
# COMPACT_ATOMS: atom_id res chain seq x y z
N ALA A 1 -11.43 6.06 -6.09
CA ALA A 1 -11.47 4.90 -6.99
C ALA A 1 -10.10 4.67 -7.59
N ALA A 2 -9.75 3.42 -7.80
CA ALA A 2 -8.46 3.07 -8.37
C ALA A 2 -8.54 1.67 -8.95
N THR A 3 -7.46 1.23 -9.53
CA THR A 3 -7.39 -0.10 -10.06
C THR A 3 -6.24 -0.84 -9.38
N GLN A 4 -5.90 -2.04 -9.85
CA GLN A 4 -4.77 -2.77 -9.34
C GLN A 4 -3.54 -2.04 -9.80
N GLU A 5 -3.62 -1.50 -11.01
CA GLU A 5 -2.55 -0.73 -11.59
C GLU A 5 -2.31 0.57 -10.83
N GLU A 6 -3.31 1.03 -10.12
CA GLU A 6 -3.12 2.17 -9.26
C GLU A 6 -2.62 1.76 -7.91
N ILE A 7 -3.07 0.62 -7.44
CA ILE A 7 -2.65 0.11 -6.14
C ILE A 7 -1.19 -0.34 -6.20
N VAL A 8 -0.92 -1.35 -6.99
CA VAL A 8 0.42 -1.95 -7.11
C VAL A 8 1.45 -0.90 -7.57
N ALA A 9 1.26 -0.39 -8.78
CA ALA A 9 2.16 0.59 -9.35
C ALA A 9 2.17 1.89 -8.54
N GLY A 10 1.00 2.30 -8.06
CA GLY A 10 0.88 3.54 -7.31
C GLY A 10 1.53 3.48 -5.96
N LEU A 11 1.36 2.35 -5.26
CA LEU A 11 1.97 2.15 -3.96
C LEU A 11 3.44 2.30 -3.99
N ALA A 12 4.06 1.87 -5.05
CA ALA A 12 5.49 1.98 -5.17
C ALA A 12 5.94 3.42 -5.22
N GLU A 13 5.09 4.28 -5.73
CA GLU A 13 5.36 5.71 -5.75
C GLU A 13 5.36 6.22 -4.32
N ILE A 14 4.28 5.90 -3.60
CA ILE A 14 4.13 6.29 -2.19
C ILE A 14 5.24 5.66 -1.33
N VAL A 15 5.49 4.37 -1.53
CA VAL A 15 6.52 3.64 -0.84
C VAL A 15 7.92 4.23 -1.11
N ASN A 16 8.08 4.81 -2.27
CA ASN A 16 9.34 5.42 -2.64
C ASN A 16 9.51 6.75 -1.91
N GLU A 17 8.39 7.35 -1.54
CA GLU A 17 8.40 8.59 -0.78
C GLU A 17 8.68 8.28 0.68
N ILE A 18 7.86 7.40 1.24
CA ILE A 18 7.93 7.02 2.66
C ILE A 18 9.29 6.41 3.00
N ALA A 19 9.71 5.43 2.24
CA ALA A 19 10.95 4.74 2.54
C ALA A 19 11.97 4.95 1.44
N GLY A 20 11.58 4.70 0.23
CA GLY A 20 12.51 4.83 -0.87
C GLY A 20 12.72 3.52 -1.58
N ILE A 21 11.69 2.71 -1.60
CA ILE A 21 11.73 1.44 -2.29
C ILE A 21 11.35 1.70 -3.75
N PRO A 22 12.10 1.11 -4.73
CA PRO A 22 11.88 1.28 -6.18
C PRO A 22 10.40 1.36 -6.61
N VAL A 23 10.15 2.24 -7.55
CA VAL A 23 8.80 2.59 -8.03
C VAL A 23 8.10 1.49 -8.87
N GLU A 24 8.58 0.29 -8.75
CA GLU A 24 7.99 -0.86 -9.42
C GLU A 24 8.17 -2.08 -8.55
N ASP A 25 8.71 -1.90 -7.37
CA ASP A 25 9.14 -3.01 -6.57
C ASP A 25 8.07 -3.45 -5.57
N VAL A 26 6.99 -2.73 -5.57
CA VAL A 26 5.91 -3.02 -4.69
C VAL A 26 4.88 -3.80 -5.49
N LYS A 27 5.26 -5.03 -5.74
CA LYS A 27 4.49 -5.95 -6.57
C LYS A 27 3.52 -6.77 -5.73
N LEU A 28 2.58 -7.42 -6.40
CA LEU A 28 1.54 -8.26 -5.78
C LEU A 28 2.10 -9.32 -4.83
N ASP A 29 3.25 -9.88 -5.13
CA ASP A 29 3.86 -10.92 -4.29
C ASP A 29 4.86 -10.32 -3.31
N LYS A 30 4.85 -9.01 -3.17
CA LYS A 30 5.79 -8.34 -2.31
C LYS A 30 5.08 -7.87 -1.05
N SER A 31 5.39 -8.51 0.04
CA SER A 31 4.84 -8.22 1.32
C SER A 31 5.48 -6.96 1.88
N PHE A 32 4.64 -6.04 2.34
CA PHE A 32 5.06 -4.76 2.90
C PHE A 32 6.03 -4.97 4.04
N THR A 33 5.61 -5.72 5.01
CA THR A 33 6.37 -5.88 6.21
C THR A 33 7.27 -7.13 6.16
N ASP A 34 7.63 -7.57 4.96
CA ASP A 34 8.51 -8.72 4.84
C ASP A 34 9.54 -8.56 3.77
N ASP A 35 9.09 -8.38 2.54
CA ASP A 35 10.01 -8.38 1.43
C ASP A 35 10.37 -6.97 1.07
N LEU A 36 9.41 -6.09 1.23
CA LEU A 36 9.61 -4.69 0.91
C LEU A 36 10.42 -4.02 1.99
N ASP A 37 9.86 -4.05 3.20
CA ASP A 37 10.39 -3.37 4.37
C ASP A 37 10.31 -1.87 4.14
N VAL A 38 9.33 -1.28 4.74
CA VAL A 38 9.01 0.09 4.49
C VAL A 38 9.02 0.88 5.81
N ASP A 39 10.23 1.00 6.36
CA ASP A 39 10.52 1.69 7.65
C ASP A 39 10.01 0.90 8.88
N SER A 40 8.82 0.30 8.74
CA SER A 40 8.17 -0.55 9.73
C SER A 40 7.26 0.24 10.68
N LEU A 41 7.73 1.32 11.26
CA LEU A 41 6.86 2.09 12.14
C LEU A 41 6.04 3.11 11.35
N SER A 42 6.66 3.63 10.31
CA SER A 42 6.07 4.62 9.43
C SER A 42 5.05 4.03 8.48
N MET A 43 4.96 2.70 8.42
CA MET A 43 4.05 2.02 7.47
C MET A 43 2.61 2.64 7.41
N VAL A 44 2.12 3.21 8.51
CA VAL A 44 0.79 3.82 8.54
C VAL A 44 0.76 5.09 7.67
N GLU A 45 1.90 5.69 7.49
CA GLU A 45 2.04 6.90 6.71
C GLU A 45 1.97 6.56 5.23
N VAL A 46 2.40 5.33 4.89
CA VAL A 46 2.21 4.80 3.53
C VAL A 46 0.72 4.74 3.26
N VAL A 47 -0.02 4.19 4.24
CA VAL A 47 -1.49 4.09 4.18
C VAL A 47 -2.08 5.46 3.88
N VAL A 48 -1.75 6.45 4.72
CA VAL A 48 -2.22 7.85 4.58
C VAL A 48 -2.06 8.37 3.11
N ALA A 49 -0.87 8.25 2.57
CA ALA A 49 -0.57 8.74 1.22
C ALA A 49 -1.22 7.85 0.14
N ALA A 50 -1.47 6.61 0.49
CA ALA A 50 -2.17 5.70 -0.40
C ALA A 50 -3.66 6.05 -0.40
N GLU A 51 -4.16 6.42 0.78
CA GLU A 51 -5.54 6.86 0.95
C GLU A 51 -5.76 8.13 0.16
N GLU A 52 -4.72 8.93 0.11
CA GLU A 52 -4.68 10.15 -0.66
C GLU A 52 -4.76 9.81 -2.18
N ARG A 53 -4.07 8.76 -2.56
CA ARG A 53 -3.95 8.34 -3.97
C ARG A 53 -5.22 7.67 -4.52
N PHE A 54 -5.73 6.64 -3.84
CA PHE A 54 -6.85 5.86 -4.40
C PHE A 54 -8.16 6.38 -3.90
N ASP A 55 -8.06 7.22 -2.91
CA ASP A 55 -9.16 7.63 -2.07
C ASP A 55 -9.76 6.40 -1.44
N VAL A 56 -8.98 5.84 -0.57
CA VAL A 56 -9.36 4.66 0.12
C VAL A 56 -9.50 5.03 1.57
N LYS A 57 -10.18 4.24 2.32
CA LYS A 57 -10.38 4.52 3.71
C LYS A 57 -9.92 3.31 4.49
N ILE A 58 -8.72 3.37 5.03
CA ILE A 58 -8.20 2.25 5.77
C ILE A 58 -7.59 2.75 7.07
N PRO A 59 -8.33 2.68 8.17
CA PRO A 59 -7.83 3.07 9.49
C PRO A 59 -6.73 2.13 9.99
N ASP A 60 -5.94 2.60 10.95
CA ASP A 60 -4.82 1.83 11.56
C ASP A 60 -5.28 0.48 12.12
N ASP A 61 -6.48 0.44 12.68
CA ASP A 61 -7.04 -0.80 13.24
C ASP A 61 -7.40 -1.79 12.15
N ASP A 62 -7.62 -1.29 10.97
CA ASP A 62 -7.99 -2.11 9.85
C ASP A 62 -6.75 -2.64 9.13
N VAL A 63 -5.81 -1.72 8.82
CA VAL A 63 -4.60 -2.03 8.04
C VAL A 63 -3.63 -3.03 8.74
N LYS A 64 -3.73 -3.13 10.05
CA LYS A 64 -2.86 -3.99 10.87
C LYS A 64 -2.91 -5.50 10.53
N ASN A 65 -3.77 -5.89 9.60
CA ASN A 65 -3.92 -7.26 9.25
C ASN A 65 -3.49 -7.53 7.80
N LEU A 66 -2.82 -6.57 7.15
CA LEU A 66 -2.39 -6.77 5.75
C LEU A 66 -1.10 -7.59 5.64
N LYS A 67 -0.65 -7.81 4.41
CA LYS A 67 0.56 -8.58 4.16
C LYS A 67 1.26 -8.07 2.90
N THR A 68 0.76 -8.47 1.75
CA THR A 68 1.35 -8.09 0.50
C THR A 68 0.47 -7.05 -0.16
N VAL A 69 0.82 -6.63 -1.35
CA VAL A 69 -0.07 -5.78 -2.06
C VAL A 69 -1.12 -6.60 -2.74
N GLY A 70 -0.91 -7.92 -2.76
CA GLY A 70 -1.90 -8.82 -3.30
C GLY A 70 -3.13 -8.74 -2.46
N ASP A 71 -2.93 -8.73 -1.14
CA ASP A 71 -4.02 -8.56 -0.19
C ASP A 71 -4.49 -7.15 -0.28
N ALA A 72 -3.56 -6.22 -0.30
CA ALA A 72 -3.89 -4.81 -0.37
C ALA A 72 -4.75 -4.47 -1.57
N THR A 73 -4.52 -5.12 -2.70
CA THR A 73 -5.26 -4.83 -3.92
C THR A 73 -6.76 -5.04 -3.76
N LYS A 74 -7.19 -6.27 -3.50
CA LYS A 74 -8.62 -6.54 -3.45
C LYS A 74 -9.24 -5.84 -2.23
N TYR A 75 -8.41 -5.56 -1.27
CA TYR A 75 -8.78 -4.96 -0.02
C TYR A 75 -9.06 -3.49 -0.23
N ILE A 76 -8.10 -2.81 -0.83
CA ILE A 76 -8.22 -1.40 -1.11
C ILE A 76 -9.37 -1.14 -2.05
N LEU A 77 -9.58 -2.04 -3.00
CA LEU A 77 -10.68 -1.91 -3.95
C LEU A 77 -12.05 -1.91 -3.23
N ASP A 78 -12.16 -2.69 -2.18
CA ASP A 78 -13.41 -2.77 -1.42
C ASP A 78 -13.52 -1.64 -0.37
N HIS A 79 -12.39 -1.08 0.00
CA HIS A 79 -12.31 -0.06 1.05
C HIS A 79 -12.19 1.37 0.50
N GLN A 80 -12.26 1.51 -0.81
CA GLN A 80 -12.11 2.82 -1.45
C GLN A 80 -13.45 3.32 -1.99
N ALA A 81 -13.47 4.54 -2.45
CA ALA A 81 -14.65 5.10 -3.05
C ALA A 81 -14.37 5.42 -4.50
C1 SOO B . 1.31 -4.27 6.82
O1 SOO B . 0.74 -5.02 6.04
S1 SOO B . 2.05 -4.86 8.29
C2 SOO B . 1.40 -2.83 6.49
C3 SOO B . 0.80 -2.38 5.38
C4 SOO B . 0.88 -0.96 4.98
C5 SOO B . 0.04 -0.75 3.73
C6 SOO B . 0.07 0.69 3.24
C7 SOO B . -0.81 0.89 2.01
C8 SOO B . -2.26 0.60 2.33
O23 SOO B . 8.89 -0.66 13.24
P24 SOO B . 8.90 -2.12 12.95
O26 SOO B . 10.11 -2.91 13.31
O27 SOO B . 7.69 -2.78 13.64
C28 SOO B . 6.38 -2.25 13.28
C29 SOO B . 5.33 -3.35 13.23
C30 SOO B . 5.90 -4.47 12.38
C31 SOO B . 5.02 -3.88 14.63
C32 SOO B . 4.03 -2.82 12.54
O33 SOO B . 3.14 -3.88 12.19
C34 SOO B . 3.27 -1.73 13.29
O35 SOO B . 3.66 -1.15 14.30
N36 SOO B . 2.12 -1.52 12.74
C37 SOO B . 1.08 -0.59 13.15
C38 SOO B . -0.35 -1.09 12.77
C39 SOO B . -0.50 -1.63 11.34
O40 SOO B . -1.27 -1.11 10.55
N41 SOO B . 0.29 -2.69 11.05
C42 SOO B . 0.36 -3.40 9.77
C43 SOO B . 1.81 -3.50 9.34
H2 SOO B . 1.91 -2.13 7.17
H3 SOO B . 0.30 -3.09 4.71
H4 SOO B . 0.48 -0.34 5.77
H4A SOO B . 1.91 -0.69 4.77
H5 SOO B . -0.98 -1.03 3.93
H5A SOO B . 0.44 -1.38 2.94
H6 SOO B . 1.09 0.95 2.99
H6A SOO B . -0.28 1.33 4.03
H7 SOO B . -0.49 0.23 1.23
H7A SOO B . -0.72 1.92 1.68
H8 SOO B . -2.86 0.76 1.45
H8A SOO B . -2.59 1.26 3.12
H8B SOO B . -2.35 -0.42 2.66
H28 SOO B . 6.10 -1.50 14.00
H28A SOO B . 6.45 -1.79 12.30
H30 SOO B . 6.81 -4.84 12.83
H30A SOO B . 6.11 -4.10 11.39
H30B SOO B . 5.17 -5.27 12.32
H31 SOO B . 4.64 -3.07 15.24
H31A SOO B . 5.92 -4.27 15.07
H31B SOO B . 4.28 -4.66 14.57
H32 SOO B . 4.33 -2.36 11.59
HO33 SOO B . 2.86 -4.30 13.03
HN36 SOO B . 1.96 -2.06 11.94
H37 SOO B . 1.14 -0.39 14.20
H37A SOO B . 1.24 0.33 12.62
H38 SOO B . -0.58 -1.93 13.43
H38A SOO B . -1.06 -0.29 12.93
HN41 SOO B . 0.86 -3.04 11.76
H42 SOO B . 0.00 -4.40 9.97
H42A SOO B . -0.26 -2.90 9.03
H43 SOO B . 2.40 -3.71 10.23
H43A SOO B . 2.14 -2.59 8.86
N ALA A 1 -12.74 4.95 -7.14
CA ALA A 1 -12.27 3.61 -7.45
C ALA A 1 -10.82 3.68 -7.89
N ALA A 2 -10.23 2.52 -8.13
CA ALA A 2 -8.85 2.40 -8.61
C ALA A 2 -8.62 0.97 -9.06
N THR A 3 -7.94 0.77 -10.17
CA THR A 3 -7.64 -0.57 -10.65
C THR A 3 -6.46 -1.18 -9.87
N GLN A 4 -6.13 -2.43 -10.16
CA GLN A 4 -4.96 -3.07 -9.59
C GLN A 4 -3.72 -2.32 -10.02
N GLU A 5 -3.71 -1.92 -11.27
CA GLU A 5 -2.61 -1.17 -11.85
C GLU A 5 -2.42 0.15 -11.10
N GLU A 6 -3.52 0.79 -10.76
CA GLU A 6 -3.49 2.06 -10.05
C GLU A 6 -3.04 1.86 -8.62
N ILE A 7 -3.53 0.82 -7.98
CA ILE A 7 -3.19 0.52 -6.60
C ILE A 7 -1.71 0.18 -6.45
N VAL A 8 -1.30 -0.88 -7.09
CA VAL A 8 0.07 -1.38 -6.99
C VAL A 8 1.11 -0.31 -7.40
N ALA A 9 0.99 0.21 -8.61
CA ALA A 9 1.91 1.24 -9.08
C ALA A 9 1.82 2.52 -8.26
N GLY A 10 0.63 2.80 -7.73
CA GLY A 10 0.44 3.98 -6.91
C GLY A 10 1.11 3.82 -5.58
N LEU A 11 0.98 2.63 -5.01
CA LEU A 11 1.58 2.26 -3.74
C LEU A 11 3.06 2.50 -3.75
N ALA A 12 3.69 2.05 -4.81
CA ALA A 12 5.12 2.14 -4.96
C ALA A 12 5.63 3.56 -4.93
N GLU A 13 4.82 4.52 -5.38
CA GLU A 13 5.20 5.93 -5.35
C GLU A 13 5.35 6.39 -3.92
N ILE A 14 4.34 6.09 -3.12
CA ILE A 14 4.35 6.47 -1.71
C ILE A 14 5.44 5.68 -0.98
N VAL A 15 5.52 4.38 -1.26
CA VAL A 15 6.52 3.51 -0.66
C VAL A 15 7.95 3.99 -0.97
N ASN A 16 8.12 4.56 -2.14
CA ASN A 16 9.40 5.07 -2.59
C ASN A 16 9.79 6.33 -1.80
N GLU A 17 8.78 7.04 -1.33
CA GLU A 17 8.99 8.23 -0.54
C GLU A 17 9.27 7.82 0.92
N ILE A 18 8.35 7.04 1.48
CA ILE A 18 8.41 6.57 2.86
C ILE A 18 9.69 5.79 3.13
N ALA A 19 9.96 4.79 2.31
CA ALA A 19 11.11 3.93 2.52
C ALA A 19 12.14 4.08 1.43
N GLY A 20 11.69 4.02 0.20
CA GLY A 20 12.61 4.11 -0.89
C GLY A 20 12.70 2.80 -1.63
N ILE A 21 11.59 2.15 -1.75
CA ILE A 21 11.53 0.89 -2.47
C ILE A 21 11.16 1.20 -3.90
N PRO A 22 11.91 0.64 -4.88
CA PRO A 22 11.71 0.86 -6.31
C PRO A 22 10.24 0.88 -6.73
N VAL A 23 9.91 1.81 -7.59
CA VAL A 23 8.54 2.08 -8.03
C VAL A 23 7.86 0.94 -8.83
N GLU A 24 8.55 -0.13 -9.09
CA GLU A 24 7.96 -1.27 -9.72
C GLU A 24 8.15 -2.49 -8.81
N ASP A 25 8.82 -2.27 -7.70
CA ASP A 25 9.19 -3.36 -6.84
C ASP A 25 8.10 -3.64 -5.81
N VAL A 26 7.20 -2.69 -5.65
CA VAL A 26 6.10 -2.87 -4.74
C VAL A 26 4.96 -3.49 -5.55
N LYS A 27 5.21 -4.70 -5.99
CA LYS A 27 4.33 -5.44 -6.80
C LYS A 27 3.62 -6.53 -6.02
N LEU A 28 2.60 -7.10 -6.65
CA LEU A 28 1.66 -8.08 -6.01
C LEU A 28 2.34 -9.21 -5.24
N ASP A 29 3.46 -9.68 -5.72
CA ASP A 29 4.18 -10.81 -5.12
C ASP A 29 5.14 -10.37 -4.01
N LYS A 30 4.95 -9.19 -3.46
CA LYS A 30 5.91 -8.65 -2.52
C LYS A 30 5.20 -8.27 -1.22
N SER A 31 5.78 -8.66 -0.12
CA SER A 31 5.22 -8.40 1.18
C SER A 31 5.84 -7.15 1.80
N PHE A 32 5.00 -6.33 2.43
CA PHE A 32 5.45 -5.11 3.12
C PHE A 32 6.47 -5.43 4.21
N THR A 33 6.02 -5.93 5.31
CA THR A 33 6.86 -6.20 6.46
C THR A 33 7.49 -7.60 6.37
N ASP A 34 8.29 -7.80 5.32
CA ASP A 34 8.99 -9.08 5.08
C ASP A 34 9.98 -8.92 3.96
N ASP A 35 9.53 -8.43 2.83
CA ASP A 35 10.39 -8.31 1.68
C ASP A 35 10.78 -6.87 1.46
N LEU A 36 9.77 -6.01 1.41
CA LEU A 36 9.98 -4.59 1.12
C LEU A 36 10.64 -3.87 2.28
N ASP A 37 10.03 -4.00 3.45
CA ASP A 37 10.41 -3.28 4.66
C ASP A 37 10.28 -1.81 4.49
N VAL A 38 9.09 -1.34 4.77
CA VAL A 38 8.73 0.03 4.55
C VAL A 38 8.86 0.79 5.88
N ASP A 39 10.00 0.53 6.55
CA ASP A 39 10.37 1.15 7.86
C ASP A 39 9.36 0.76 8.95
N SER A 40 8.60 -0.29 8.63
CA SER A 40 7.58 -0.94 9.46
C SER A 40 6.51 0.01 10.02
N LEU A 41 6.86 0.75 11.05
CA LEU A 41 5.94 1.65 11.73
C LEU A 41 5.49 2.80 10.82
N SER A 42 6.32 3.11 9.86
CA SER A 42 6.05 4.17 8.93
C SER A 42 5.02 3.76 7.89
N MET A 43 4.70 2.46 7.84
CA MET A 43 3.76 1.97 6.86
C MET A 43 2.37 2.65 7.01
N VAL A 44 2.07 3.13 8.21
CA VAL A 44 0.81 3.81 8.47
C VAL A 44 0.72 5.09 7.65
N GLU A 45 1.85 5.73 7.45
CA GLU A 45 1.90 6.96 6.69
C GLU A 45 1.71 6.64 5.22
N VAL A 46 2.25 5.47 4.80
CA VAL A 46 2.00 4.93 3.46
C VAL A 46 0.49 4.83 3.27
N VAL A 47 -0.18 4.18 4.23
CA VAL A 47 -1.65 4.03 4.23
C VAL A 47 -2.34 5.38 4.03
N VAL A 48 -2.05 6.33 4.90
CA VAL A 48 -2.63 7.69 4.83
C VAL A 48 -2.44 8.30 3.43
N ALA A 49 -1.25 8.19 2.90
CA ALA A 49 -0.92 8.73 1.60
C ALA A 49 -1.51 7.88 0.48
N ALA A 50 -1.75 6.62 0.75
CA ALA A 50 -2.41 5.75 -0.19
C ALA A 50 -3.88 6.12 -0.26
N GLU A 51 -4.42 6.53 0.87
CA GLU A 51 -5.77 7.03 0.93
C GLU A 51 -5.86 8.32 0.13
N GLU A 52 -4.78 9.04 0.11
CA GLU A 52 -4.67 10.25 -0.65
C GLU A 52 -4.55 9.90 -2.15
N ARG A 53 -3.81 8.85 -2.43
CA ARG A 53 -3.58 8.40 -3.80
C ARG A 53 -4.85 7.84 -4.44
N PHE A 54 -5.50 6.88 -3.78
CA PHE A 54 -6.64 6.18 -4.39
C PHE A 54 -7.97 6.71 -3.91
N ASP A 55 -7.93 7.58 -2.91
CA ASP A 55 -9.15 8.07 -2.22
C ASP A 55 -9.81 6.90 -1.46
N VAL A 56 -9.00 5.93 -1.10
CA VAL A 56 -9.50 4.79 -0.37
C VAL A 56 -9.65 5.20 1.10
N LYS A 57 -10.27 4.38 1.88
CA LYS A 57 -10.51 4.66 3.29
C LYS A 57 -10.07 3.48 4.12
N ILE A 58 -8.95 3.61 4.78
CA ILE A 58 -8.42 2.55 5.60
C ILE A 58 -7.72 3.15 6.83
N PRO A 59 -8.36 3.11 8.01
CA PRO A 59 -7.74 3.57 9.25
C PRO A 59 -6.62 2.61 9.71
N ASP A 60 -5.80 3.05 10.66
CA ASP A 60 -4.66 2.26 11.11
C ASP A 60 -5.08 0.96 11.77
N ASP A 61 -6.19 0.98 12.49
CA ASP A 61 -6.73 -0.24 13.14
C ASP A 61 -7.13 -1.29 12.09
N ASP A 62 -7.56 -0.81 10.95
CA ASP A 62 -8.08 -1.67 9.88
C ASP A 62 -6.92 -2.23 9.05
N VAL A 63 -5.95 -1.35 8.71
CA VAL A 63 -4.81 -1.71 7.85
C VAL A 63 -3.90 -2.80 8.48
N LYS A 64 -3.97 -2.93 9.80
CA LYS A 64 -3.18 -3.93 10.57
C LYS A 64 -3.40 -5.39 10.10
N ASN A 65 -4.33 -5.59 9.19
CA ASN A 65 -4.70 -6.91 8.72
C ASN A 65 -4.09 -7.20 7.34
N LEU A 66 -3.14 -6.40 6.91
CA LEU A 66 -2.55 -6.61 5.58
C LEU A 66 -1.24 -7.38 5.68
N LYS A 67 -0.71 -7.80 4.54
CA LYS A 67 0.51 -8.54 4.48
C LYS A 67 1.34 -8.10 3.26
N THR A 68 0.86 -8.45 2.08
CA THR A 68 1.53 -8.08 0.85
C THR A 68 0.74 -6.98 0.19
N VAL A 69 1.11 -6.59 -1.01
CA VAL A 69 0.30 -5.66 -1.73
C VAL A 69 -0.80 -6.40 -2.43
N GLY A 70 -0.68 -7.74 -2.48
CA GLY A 70 -1.73 -8.54 -3.06
C GLY A 70 -2.93 -8.40 -2.17
N ASP A 71 -2.64 -8.50 -0.88
CA ASP A 71 -3.63 -8.27 0.17
C ASP A 71 -4.15 -6.87 0.02
N ALA A 72 -3.22 -5.91 0.04
CA ALA A 72 -3.54 -4.49 -0.04
C ALA A 72 -4.42 -4.14 -1.24
N THR A 73 -4.06 -4.62 -2.42
CA THR A 73 -4.81 -4.33 -3.64
C THR A 73 -6.29 -4.69 -3.50
N LYS A 74 -6.56 -5.96 -3.22
CA LYS A 74 -7.94 -6.46 -3.10
C LYS A 74 -8.65 -5.80 -1.95
N TYR A 75 -7.89 -5.51 -0.92
CA TYR A 75 -8.42 -4.92 0.28
C TYR A 75 -8.82 -3.47 0.01
N ILE A 76 -8.01 -2.80 -0.77
CA ILE A 76 -8.26 -1.44 -1.21
C ILE A 76 -9.41 -1.42 -2.18
N LEU A 77 -9.48 -2.41 -3.05
CA LEU A 77 -10.60 -2.54 -3.98
C LEU A 77 -11.89 -2.73 -3.16
N ASP A 78 -11.79 -3.55 -2.13
CA ASP A 78 -12.88 -3.82 -1.19
C ASP A 78 -13.27 -2.55 -0.44
N HIS A 79 -12.29 -1.83 0.05
CA HIS A 79 -12.52 -0.60 0.79
C HIS A 79 -12.73 0.63 -0.08
N GLN A 80 -12.79 0.44 -1.39
CA GLN A 80 -13.13 1.51 -2.32
C GLN A 80 -14.53 1.99 -2.04
N ALA A 81 -14.70 3.25 -2.10
CA ALA A 81 -15.95 3.89 -1.83
C ALA A 81 -15.92 5.23 -2.49
C1 SOO B . 0.96 -4.09 7.36
O1 SOO B . -0.22 -4.44 7.50
S1 SOO B . 2.24 -4.64 8.39
C2 SOO B . 1.30 -3.13 6.30
C3 SOO B . 0.35 -2.60 5.52
C4 SOO B . 0.68 -1.51 4.56
C5 SOO B . -0.52 -1.14 3.71
C6 SOO B . -0.21 0.02 2.76
C7 SOO B . -1.38 0.30 1.80
C8 SOO B . -2.63 0.67 2.57
O23 SOO B . 10.02 -0.56 13.62
P24 SOO B . 9.55 -1.66 12.76
O26 SOO B . 10.48 -2.79 12.48
O27 SOO B . 8.27 -2.28 13.42
C28 SOO B . 7.13 -1.40 13.74
C29 SOO B . 5.99 -2.18 14.41
C30 SOO B . 5.67 -3.39 13.52
C31 SOO B . 6.46 -2.63 15.81
C32 SOO B . 4.73 -1.23 14.54
O33 SOO B . 4.39 -0.65 13.26
C34 SOO B . 3.47 -1.92 15.07
O35 SOO B . 3.49 -2.88 15.85
N36 SOO B . 2.39 -1.40 14.61
C37 SOO B . 1.03 -1.80 14.90
C38 SOO B . 0.16 -1.79 13.65
C39 SOO B . 0.37 -3.02 12.76
O40 SOO B . 0.30 -4.17 13.22
N41 SOO B . 0.58 -2.75 11.49
C42 SOO B . 0.79 -3.76 10.46
C43 SOO B . 2.06 -3.49 9.67
H2 SOO B . 2.35 -2.82 6.16
H3 SOO B . -0.69 -2.90 5.67
H4 SOO B . 1.01 -0.64 5.10
H4A SOO B . 1.48 -1.85 3.91
H5 SOO B . -1.32 -0.85 4.36
H5A SOO B . -0.81 -2.00 3.12
H6 SOO B . 0.66 -0.23 2.18
H6A SOO B . -0.02 0.91 3.35
H7 SOO B . -1.59 -0.59 1.23
H7A SOO B . -1.11 1.12 1.15
H8 SOO B . -2.91 -0.15 3.22
H8A SOO B . -3.43 0.85 1.88
H8B SOO B . -2.45 1.56 3.16
H28 SOO B . 7.48 -0.63 14.41
H28A SOO B . 6.77 -0.96 12.83
H30 SOO B . 6.55 -4.01 13.44
H30A SOO B . 5.37 -3.05 12.55
H30B SOO B . 4.86 -3.96 13.98
H31 SOO B . 5.66 -3.18 16.28
H31A SOO B . 6.71 -1.76 16.40
H31B SOO B . 7.33 -3.27 15.71
H32 SOO B . 4.93 -0.41 15.21
HO33 SOO B . 4.28 -1.39 12.65
HN36 SOO B . 2.54 -0.63 14.00
H37 SOO B . 1.00 -2.77 15.38
H37A SOO B . 0.60 -1.08 15.58
H38 SOO B . -0.86 -1.85 13.97
H38A SOO B . 0.34 -0.90 13.07
HN41 SOO B . 0.60 -1.81 11.19
H42 SOO B . 0.86 -4.74 10.93
H42A SOO B . -0.05 -3.75 9.79
H43 SOO B . 2.91 -3.53 10.32
H43A SOO B . 1.97 -2.50 9.23
N ALA A 1 -13.30 4.59 -7.06
CA ALA A 1 -12.82 3.23 -7.28
C ALA A 1 -11.55 3.27 -8.12
N ALA A 2 -10.74 2.26 -7.97
CA ALA A 2 -9.50 2.14 -8.68
C ALA A 2 -9.30 0.71 -9.13
N THR A 3 -8.22 0.45 -9.77
CA THR A 3 -7.89 -0.87 -10.24
C THR A 3 -6.60 -1.36 -9.59
N GLN A 4 -6.21 -2.60 -9.87
CA GLN A 4 -4.98 -3.18 -9.40
C GLN A 4 -3.79 -2.39 -9.94
N GLU A 5 -3.93 -1.95 -11.18
CA GLU A 5 -2.89 -1.20 -11.87
C GLU A 5 -2.62 0.13 -11.16
N GLU A 6 -3.66 0.71 -10.60
CA GLU A 6 -3.54 1.97 -9.92
C GLU A 6 -2.99 1.79 -8.52
N ILE A 7 -3.44 0.73 -7.88
CA ILE A 7 -3.01 0.40 -6.52
C ILE A 7 -1.54 0.05 -6.47
N VAL A 8 -1.16 -0.99 -7.20
CA VAL A 8 0.21 -1.49 -7.22
C VAL A 8 1.21 -0.39 -7.65
N ALA A 9 1.04 0.14 -8.86
CA ALA A 9 1.93 1.18 -9.38
C ALA A 9 1.89 2.45 -8.51
N GLY A 10 0.74 2.74 -7.92
CA GLY A 10 0.58 3.92 -7.09
C GLY A 10 1.27 3.77 -5.76
N LEU A 11 1.12 2.60 -5.14
CA LEU A 11 1.74 2.28 -3.87
C LEU A 11 3.21 2.48 -3.90
N ALA A 12 3.83 2.03 -4.97
CA ALA A 12 5.26 2.10 -5.12
C ALA A 12 5.78 3.53 -5.04
N GLU A 13 4.96 4.49 -5.46
CA GLU A 13 5.36 5.88 -5.40
C GLU A 13 5.48 6.32 -3.95
N ILE A 14 4.42 6.09 -3.19
CA ILE A 14 4.37 6.46 -1.77
C ILE A 14 5.39 5.64 -0.99
N VAL A 15 5.50 4.36 -1.32
CA VAL A 15 6.47 3.47 -0.71
C VAL A 15 7.88 4.00 -0.94
N ASN A 16 8.13 4.47 -2.12
CA ASN A 16 9.44 5.01 -2.48
C ASN A 16 9.77 6.27 -1.69
N GLU A 17 8.77 7.02 -1.33
CA GLU A 17 8.95 8.24 -0.56
C GLU A 17 9.28 7.91 0.89
N ILE A 18 8.35 7.27 1.53
CA ILE A 18 8.40 7.01 2.95
C ILE A 18 9.33 5.84 3.30
N ALA A 19 9.20 4.72 2.61
CA ALA A 19 10.00 3.55 2.93
C ALA A 19 11.32 3.53 2.16
N GLY A 20 11.28 3.97 0.91
CA GLY A 20 12.48 4.02 0.10
C GLY A 20 12.66 2.78 -0.74
N ILE A 21 11.56 2.22 -1.16
CA ILE A 21 11.59 1.02 -1.96
C ILE A 21 11.26 1.39 -3.41
N PRO A 22 12.05 0.86 -4.38
CA PRO A 22 11.88 1.10 -5.83
C PRO A 22 10.42 1.15 -6.30
N VAL A 23 10.15 2.06 -7.23
CA VAL A 23 8.80 2.31 -7.76
C VAL A 23 8.36 1.26 -8.78
N GLU A 24 8.98 0.14 -8.74
CA GLU A 24 8.70 -0.94 -9.64
C GLU A 24 8.74 -2.23 -8.87
N ASP A 25 8.91 -2.11 -7.57
CA ASP A 25 9.19 -3.26 -6.75
C ASP A 25 8.04 -3.58 -5.83
N VAL A 26 7.08 -2.68 -5.73
CA VAL A 26 5.96 -2.88 -4.87
C VAL A 26 4.90 -3.56 -5.69
N LYS A 27 5.15 -4.82 -5.93
CA LYS A 27 4.34 -5.64 -6.78
C LYS A 27 3.46 -6.57 -5.96
N LEU A 28 2.49 -7.19 -6.64
CA LEU A 28 1.48 -8.07 -6.03
C LEU A 28 2.02 -9.04 -4.98
N ASP A 29 3.04 -9.82 -5.31
CA ASP A 29 3.55 -10.74 -4.33
C ASP A 29 4.85 -10.25 -3.73
N LYS A 30 4.72 -9.16 -3.03
CA LYS A 30 5.77 -8.54 -2.26
C LYS A 30 5.16 -8.18 -0.91
N SER A 31 5.78 -8.58 0.15
CA SER A 31 5.24 -8.40 1.47
C SER A 31 5.68 -7.06 2.06
N PHE A 32 4.75 -6.36 2.71
CA PHE A 32 5.05 -5.15 3.40
C PHE A 32 5.81 -5.53 4.62
N THR A 33 6.54 -4.62 5.15
CA THR A 33 7.39 -4.82 6.32
C THR A 33 8.33 -6.05 6.17
N ASP A 34 8.63 -6.41 4.92
CA ASP A 34 9.52 -7.54 4.60
C ASP A 34 10.31 -7.20 3.37
N ASP A 35 9.65 -7.25 2.23
CA ASP A 35 10.27 -6.92 0.96
C ASP A 35 10.32 -5.44 0.84
N LEU A 36 9.15 -4.88 1.02
CA LEU A 36 8.90 -3.48 0.83
C LEU A 36 9.17 -2.72 2.09
N ASP A 37 9.74 -3.43 3.09
CA ASP A 37 10.10 -2.93 4.47
C ASP A 37 9.74 -1.47 4.66
N VAL A 38 8.63 -1.24 5.29
CA VAL A 38 8.01 0.05 5.23
C VAL A 38 8.32 0.85 6.50
N ASP A 39 9.58 0.70 6.96
CA ASP A 39 10.14 1.45 8.13
C ASP A 39 9.42 1.09 9.46
N SER A 40 8.44 0.22 9.34
CA SER A 40 7.59 -0.34 10.40
C SER A 40 6.71 0.69 11.13
N LEU A 41 7.26 1.80 11.52
CA LEU A 41 6.49 2.81 12.20
C LEU A 41 5.80 3.78 11.23
N SER A 42 6.54 4.27 10.23
CA SER A 42 6.02 5.28 9.31
C SER A 42 5.05 4.71 8.30
N MET A 43 4.97 3.40 8.25
CA MET A 43 4.07 2.70 7.33
C MET A 43 2.61 3.26 7.33
N VAL A 44 2.17 3.83 8.47
CA VAL A 44 0.84 4.44 8.58
C VAL A 44 0.73 5.64 7.64
N GLU A 45 1.83 6.34 7.47
CA GLU A 45 1.90 7.49 6.61
C GLU A 45 1.72 7.04 5.17
N VAL A 46 2.35 5.90 4.81
CA VAL A 46 2.12 5.26 3.50
C VAL A 46 0.62 4.99 3.32
N VAL A 47 0.01 4.39 4.34
CA VAL A 47 -1.44 4.10 4.33
C VAL A 47 -2.24 5.38 4.08
N VAL A 48 -2.03 6.40 4.89
CA VAL A 48 -2.72 7.69 4.74
C VAL A 48 -2.52 8.31 3.34
N ALA A 49 -1.32 8.20 2.83
CA ALA A 49 -1.00 8.73 1.52
C ALA A 49 -1.59 7.82 0.44
N ALA A 50 -1.77 6.55 0.75
CA ALA A 50 -2.42 5.62 -0.15
C ALA A 50 -3.90 5.92 -0.18
N GLU A 51 -4.44 6.32 0.98
CA GLU A 51 -5.82 6.76 1.08
C GLU A 51 -6.01 7.94 0.14
N GLU A 52 -5.05 8.81 0.17
CA GLU A 52 -5.00 9.97 -0.70
C GLU A 52 -4.87 9.52 -2.18
N ARG A 53 -3.92 8.66 -2.41
CA ARG A 53 -3.54 8.17 -3.72
C ARG A 53 -4.67 7.45 -4.48
N PHE A 54 -5.42 6.61 -3.78
CA PHE A 54 -6.47 5.81 -4.46
C PHE A 54 -7.85 6.31 -4.08
N ASP A 55 -7.89 7.38 -3.30
CA ASP A 55 -9.15 7.94 -2.74
C ASP A 55 -9.77 6.96 -1.70
N VAL A 56 -8.98 5.96 -1.31
CA VAL A 56 -9.44 4.93 -0.42
C VAL A 56 -9.39 5.45 1.02
N LYS A 57 -9.81 4.65 1.94
CA LYS A 57 -9.78 4.95 3.34
C LYS A 57 -9.42 3.69 4.04
N ILE A 58 -8.32 3.70 4.74
CA ILE A 58 -7.86 2.54 5.45
C ILE A 58 -7.26 3.00 6.77
N PRO A 59 -7.92 2.74 7.89
CA PRO A 59 -7.38 3.08 9.20
C PRO A 59 -6.23 2.14 9.60
N ASP A 60 -5.46 2.54 10.58
CA ASP A 60 -4.34 1.70 11.05
C ASP A 60 -4.83 0.43 11.73
N ASP A 61 -6.10 0.40 12.11
CA ASP A 61 -6.72 -0.82 12.62
C ASP A 61 -6.82 -1.86 11.51
N ASP A 62 -7.13 -1.36 10.32
CA ASP A 62 -7.31 -2.18 9.13
C ASP A 62 -5.98 -2.67 8.58
N VAL A 63 -5.02 -1.76 8.47
CA VAL A 63 -3.71 -2.07 7.84
C VAL A 63 -2.97 -3.23 8.53
N LYS A 64 -3.30 -3.47 9.80
CA LYS A 64 -2.71 -4.55 10.59
C LYS A 64 -3.00 -5.92 9.95
N ASN A 65 -3.96 -5.96 9.05
CA ASN A 65 -4.41 -7.19 8.43
C ASN A 65 -3.83 -7.35 7.03
N LEU A 66 -2.91 -6.48 6.66
CA LEU A 66 -2.30 -6.53 5.35
C LEU A 66 -1.02 -7.33 5.37
N LYS A 67 -0.59 -7.75 4.21
CA LYS A 67 0.65 -8.50 4.10
C LYS A 67 1.35 -8.19 2.79
N THR A 68 0.75 -8.53 1.69
CA THR A 68 1.32 -8.22 0.41
C THR A 68 0.43 -7.20 -0.26
N VAL A 69 0.83 -6.68 -1.42
CA VAL A 69 -0.03 -5.75 -2.09
C VAL A 69 -1.10 -6.48 -2.84
N GLY A 70 -0.95 -7.78 -2.96
CA GLY A 70 -1.96 -8.59 -3.60
C GLY A 70 -3.21 -8.58 -2.77
N ASP A 71 -3.03 -8.79 -1.47
CA ASP A 71 -4.16 -8.74 -0.54
C ASP A 71 -4.60 -7.30 -0.41
N ALA A 72 -3.61 -6.40 -0.34
CA ALA A 72 -3.86 -4.97 -0.19
C ALA A 72 -4.69 -4.41 -1.34
N THR A 73 -4.41 -4.86 -2.56
CA THR A 73 -5.16 -4.44 -3.73
C THR A 73 -6.65 -4.71 -3.53
N LYS A 74 -6.98 -5.96 -3.25
CA LYS A 74 -8.37 -6.37 -3.11
C LYS A 74 -8.99 -5.75 -1.88
N TYR A 75 -8.15 -5.53 -0.90
CA TYR A 75 -8.52 -4.92 0.34
C TYR A 75 -8.94 -3.49 0.07
N ILE A 76 -8.07 -2.76 -0.61
CA ILE A 76 -8.31 -1.39 -1.02
C ILE A 76 -9.54 -1.32 -1.90
N LEU A 77 -9.64 -2.21 -2.88
CA LEU A 77 -10.78 -2.29 -3.80
C LEU A 77 -12.11 -2.37 -3.05
N ASP A 78 -12.13 -3.10 -1.97
CA ASP A 78 -13.35 -3.27 -1.20
C ASP A 78 -13.53 -2.13 -0.19
N HIS A 79 -12.43 -1.58 0.25
CA HIS A 79 -12.42 -0.54 1.29
C HIS A 79 -12.56 0.87 0.71
N GLN A 80 -12.74 0.96 -0.58
CA GLN A 80 -12.86 2.25 -1.27
C GLN A 80 -14.25 2.44 -1.84
N ALA A 81 -14.47 3.59 -2.39
CA ALA A 81 -15.69 3.92 -3.07
C ALA A 81 -15.32 4.16 -4.51
C1 SOO B . 1.36 -3.98 7.12
O1 SOO B . 1.04 -4.75 6.21
S1 SOO B . 1.26 -4.45 8.82
C2 SOO B . 1.79 -2.62 6.77
C3 SOO B . 1.64 -2.12 5.52
C4 SOO B . 2.12 -0.75 5.22
C5 SOO B . 1.75 -0.31 3.82
C6 SOO B . 0.24 -0.24 3.64
C7 SOO B . -0.14 0.26 2.25
C8 SOO B . -1.64 0.33 2.11
O23 SOO B . 9.68 0.22 14.63
P24 SOO B . 9.49 -0.94 13.73
O26 SOO B . 10.55 -1.99 13.64
O27 SOO B . 8.17 -1.68 14.18
C28 SOO B . 6.96 -0.90 14.49
C29 SOO B . 5.78 -1.83 14.81
C30 SOO B . 5.31 -2.44 13.50
C31 SOO B . 6.22 -2.95 15.75
C32 SOO B . 4.62 -1.03 15.53
O33 SOO B . 5.17 -0.39 16.67
C34 SOO B . 4.03 0.09 14.68
O35 SOO B . 4.43 1.26 14.84
N36 SOO B . 3.09 -0.24 13.83
C37 SOO B . 2.40 0.69 12.97
C38 SOO B . 0.89 0.41 12.88
C39 SOO B . 0.52 -1.00 12.43
O40 SOO B . -0.50 -1.57 12.84
N41 SOO B . 1.35 -1.55 11.59
C42 SOO B . 1.22 -2.90 11.02
C43 SOO B . 1.53 -2.89 9.53
H2 SOO B . 2.10 -1.92 7.57
H3 SOO B . 1.34 -2.79 4.70
H4 SOO B . 1.67 -0.06 5.93
H4A SOO B . 3.19 -0.71 5.33
H5 SOO B . 2.16 -1.01 3.10
H5A SOO B . 2.16 0.68 3.63
H6 SOO B . -0.19 0.43 4.38
H6A SOO B . -0.17 -1.23 3.77
H7 SOO B . 0.24 -0.43 1.51
H7A SOO B . 0.28 1.24 2.09
H8 SOO B . -2.03 1.00 2.86
H8A SOO B . -2.06 -0.65 2.26
H8B SOO B . -1.90 0.68 1.13
H28 SOO B . 7.16 -0.28 15.35
H28A SOO B . 6.71 -0.29 13.64
H30 SOO B . 5.00 -1.65 12.83
H30A SOO B . 4.49 -3.11 13.69
H30B SOO B . 6.12 -2.99 13.04
H31 SOO B . 6.59 -2.53 16.67
H31A SOO B . 7.01 -3.53 15.28
H31B SOO B . 5.38 -3.61 15.97
H32 SOO B . 3.84 -1.70 15.84
HO33 SOO B . 5.12 0.54 16.43
HN36 SOO B . 2.80 -1.19 13.79
H37 SOO B . 2.54 1.70 13.33
H37A SOO B . 2.82 0.62 11.98
H38 SOO B . 0.43 0.56 13.84
H38A SOO B . 0.51 1.09 12.13
HN41 SOO B . 2.12 -1.00 11.33
H42 SOO B . 1.87 -3.58 11.52
H42A SOO B . 0.19 -3.23 11.14
H43 SOO B . 2.56 -2.62 9.39
H43A SOO B . 0.89 -2.18 9.04
N ALA A 1 -11.60 5.55 -5.75
CA ALA A 1 -11.51 4.23 -6.39
C ALA A 1 -10.26 4.16 -7.25
N ALA A 2 -9.77 2.96 -7.48
CA ALA A 2 -8.53 2.74 -8.23
C ALA A 2 -8.42 1.27 -8.53
N THR A 3 -7.93 0.90 -9.70
CA THR A 3 -7.84 -0.52 -10.03
C THR A 3 -6.55 -1.09 -9.46
N GLN A 4 -6.25 -2.36 -9.77
CA GLN A 4 -5.06 -3.02 -9.30
C GLN A 4 -3.80 -2.28 -9.72
N GLU A 5 -3.82 -1.77 -10.94
CA GLU A 5 -2.70 -1.00 -11.44
C GLU A 5 -2.50 0.31 -10.69
N GLU A 6 -3.58 0.95 -10.31
CA GLU A 6 -3.47 2.18 -9.55
C GLU A 6 -2.98 1.88 -8.17
N ILE A 7 -3.50 0.80 -7.61
CA ILE A 7 -3.12 0.32 -6.29
C ILE A 7 -1.63 0.01 -6.24
N VAL A 8 -1.21 -0.96 -7.00
CA VAL A 8 0.19 -1.41 -7.02
C VAL A 8 1.16 -0.26 -7.35
N ALA A 9 1.04 0.30 -8.55
CA ALA A 9 1.94 1.34 -9.02
C ALA A 9 1.85 2.60 -8.16
N GLY A 10 0.66 2.89 -7.67
CA GLY A 10 0.46 4.06 -6.85
C GLY A 10 1.00 3.89 -5.48
N LEU A 11 0.91 2.69 -4.95
CA LEU A 11 1.42 2.35 -3.64
C LEU A 11 2.91 2.56 -3.64
N ALA A 12 3.54 2.07 -4.68
CA ALA A 12 4.97 2.15 -4.85
C ALA A 12 5.46 3.59 -4.87
N GLU A 13 4.64 4.50 -5.39
CA GLU A 13 5.00 5.93 -5.44
C GLU A 13 5.19 6.46 -4.02
N ILE A 14 4.27 6.12 -3.14
CA ILE A 14 4.32 6.57 -1.76
C ILE A 14 5.36 5.75 -0.97
N VAL A 15 5.41 4.46 -1.25
CA VAL A 15 6.38 3.57 -0.61
C VAL A 15 7.82 4.02 -0.94
N ASN A 16 8.00 4.54 -2.13
CA ASN A 16 9.27 5.03 -2.62
C ASN A 16 9.73 6.22 -1.75
N GLU A 17 8.76 6.95 -1.25
CA GLU A 17 8.99 8.12 -0.41
C GLU A 17 9.26 7.70 1.02
N ILE A 18 8.30 6.99 1.59
CA ILE A 18 8.34 6.59 2.99
C ILE A 18 9.51 5.66 3.28
N ALA A 19 9.61 4.58 2.51
CA ALA A 19 10.59 3.55 2.80
C ALA A 19 11.74 3.56 1.82
N GLY A 20 11.49 4.01 0.62
CA GLY A 20 12.52 4.04 -0.39
C GLY A 20 12.55 2.77 -1.19
N ILE A 21 11.41 2.14 -1.30
CA ILE A 21 11.31 0.91 -2.06
C ILE A 21 10.98 1.29 -3.50
N PRO A 22 11.70 0.73 -4.49
CA PRO A 22 11.51 1.06 -5.92
C PRO A 22 10.05 1.01 -6.38
N VAL A 23 9.72 1.89 -7.31
CA VAL A 23 8.34 2.05 -7.79
C VAL A 23 7.86 0.91 -8.69
N GLU A 24 8.73 -0.03 -8.94
CA GLU A 24 8.40 -1.21 -9.71
C GLU A 24 8.67 -2.44 -8.87
N ASP A 25 8.84 -2.22 -7.59
CA ASP A 25 9.19 -3.31 -6.69
C ASP A 25 8.08 -3.60 -5.68
N VAL A 26 7.15 -2.66 -5.51
CA VAL A 26 6.05 -2.84 -4.60
C VAL A 26 4.93 -3.48 -5.41
N LYS A 27 5.18 -4.71 -5.81
CA LYS A 27 4.30 -5.45 -6.67
C LYS A 27 3.43 -6.41 -5.87
N LEU A 28 2.42 -7.00 -6.52
CA LEU A 28 1.40 -7.88 -5.88
C LEU A 28 1.98 -8.91 -4.93
N ASP A 29 3.01 -9.59 -5.36
CA ASP A 29 3.60 -10.68 -4.56
C ASP A 29 4.55 -10.14 -3.45
N LYS A 30 4.66 -8.84 -3.30
CA LYS A 30 5.61 -8.29 -2.37
C LYS A 30 4.95 -7.83 -1.09
N SER A 31 5.38 -8.42 0.00
CA SER A 31 4.87 -8.12 1.31
C SER A 31 5.56 -6.91 1.90
N PHE A 32 4.76 -6.03 2.48
CA PHE A 32 5.22 -4.81 3.12
C PHE A 32 6.14 -5.15 4.26
N THR A 33 5.58 -5.66 5.29
CA THR A 33 6.28 -5.91 6.48
C THR A 33 6.77 -7.36 6.51
N ASP A 34 7.67 -7.66 5.58
CA ASP A 34 8.28 -8.97 5.43
C ASP A 34 9.39 -8.90 4.41
N ASP A 35 9.05 -8.49 3.21
CA ASP A 35 10.00 -8.53 2.12
C ASP A 35 10.54 -7.16 1.81
N LEU A 36 9.64 -6.22 1.65
CA LEU A 36 10.01 -4.87 1.30
C LEU A 36 10.57 -4.13 2.50
N ASP A 37 9.88 -4.28 3.62
CA ASP A 37 10.19 -3.61 4.90
C ASP A 37 9.92 -2.13 4.77
N VAL A 38 8.79 -1.72 5.28
CA VAL A 38 8.36 -0.34 5.14
C VAL A 38 8.45 0.34 6.52
N ASP A 39 9.43 -0.15 7.28
CA ASP A 39 9.77 0.34 8.63
C ASP A 39 8.61 0.12 9.62
N SER A 40 7.68 -0.71 9.18
CA SER A 40 6.49 -1.21 9.90
C SER A 40 5.59 -0.12 10.50
N LEU A 41 6.03 0.49 11.55
CA LEU A 41 5.29 1.56 12.19
C LEU A 41 5.14 2.76 11.24
N SER A 42 6.14 2.93 10.38
CA SER A 42 6.16 4.00 9.43
C SER A 42 5.24 3.72 8.26
N MET A 43 4.75 2.49 8.12
CA MET A 43 3.88 2.18 7.00
C MET A 43 2.58 2.97 7.12
N VAL A 44 2.26 3.38 8.34
CA VAL A 44 1.04 4.12 8.59
C VAL A 44 1.08 5.46 7.83
N GLU A 45 2.28 5.95 7.61
CA GLU A 45 2.46 7.17 6.87
C GLU A 45 2.26 6.92 5.39
N VAL A 46 2.52 5.67 4.97
CA VAL A 46 2.24 5.25 3.60
C VAL A 46 0.75 5.30 3.40
N VAL A 47 0.03 4.65 4.34
CA VAL A 47 -1.45 4.53 4.32
C VAL A 47 -2.10 5.88 3.99
N VAL A 48 -1.75 6.91 4.73
CA VAL A 48 -2.27 8.29 4.54
C VAL A 48 -2.21 8.71 3.05
N ALA A 49 -1.03 8.71 2.50
CA ALA A 49 -0.80 9.17 1.14
C ALA A 49 -1.26 8.14 0.12
N ALA A 50 -1.34 6.89 0.54
CA ALA A 50 -1.87 5.82 -0.29
C ALA A 50 -3.37 6.00 -0.41
N GLU A 51 -4.01 6.35 0.70
CA GLU A 51 -5.43 6.66 0.71
C GLU A 51 -5.69 7.82 -0.20
N GLU A 52 -4.80 8.76 -0.17
CA GLU A 52 -4.84 9.95 -1.01
C GLU A 52 -4.57 9.60 -2.51
N ARG A 53 -3.92 8.47 -2.73
CA ARG A 53 -3.51 8.05 -4.07
C ARG A 53 -4.66 7.34 -4.80
N PHE A 54 -5.40 6.51 -4.08
CA PHE A 54 -6.45 5.67 -4.71
C PHE A 54 -7.83 6.22 -4.38
N ASP A 55 -7.86 7.12 -3.44
CA ASP A 55 -9.07 7.60 -2.80
C ASP A 55 -9.77 6.43 -2.17
N VAL A 56 -9.18 6.01 -1.10
CA VAL A 56 -9.65 4.92 -0.34
C VAL A 56 -9.89 5.37 1.05
N LYS A 57 -10.46 4.49 1.79
CA LYS A 57 -10.76 4.72 3.19
C LYS A 57 -10.19 3.58 3.98
N ILE A 58 -9.01 3.78 4.51
CA ILE A 58 -8.32 2.73 5.19
C ILE A 58 -7.94 3.15 6.60
N PRO A 59 -8.48 2.48 7.60
CA PRO A 59 -8.08 2.69 8.98
C PRO A 59 -6.75 1.96 9.26
N ASP A 60 -5.83 2.64 9.95
CA ASP A 60 -4.48 2.08 10.19
C ASP A 60 -4.48 0.81 11.01
N ASP A 61 -5.51 0.57 11.80
CA ASP A 61 -5.54 -0.66 12.57
C ASP A 61 -5.97 -1.82 11.70
N ASP A 62 -6.74 -1.52 10.70
CA ASP A 62 -7.28 -2.54 9.83
C ASP A 62 -6.24 -2.91 8.77
N VAL A 63 -5.41 -1.95 8.41
CA VAL A 63 -4.38 -2.17 7.41
C VAL A 63 -3.26 -3.06 7.98
N LYS A 64 -3.15 -3.09 9.31
CA LYS A 64 -2.17 -3.93 10.05
C LYS A 64 -2.33 -5.43 9.73
N ASN A 65 -3.44 -5.78 9.12
CA ASN A 65 -3.81 -7.16 8.87
C ASN A 65 -3.33 -7.62 7.50
N LEU A 66 -2.66 -6.75 6.78
CA LEU A 66 -2.25 -7.03 5.42
C LEU A 66 -0.95 -7.80 5.34
N LYS A 67 -0.58 -8.16 4.14
CA LYS A 67 0.63 -8.82 3.88
C LYS A 67 1.33 -8.19 2.68
N THR A 68 0.91 -8.57 1.50
CA THR A 68 1.48 -8.12 0.27
C THR A 68 0.65 -7.02 -0.28
N VAL A 69 1.02 -6.47 -1.42
CA VAL A 69 0.14 -5.56 -2.05
C VAL A 69 -0.91 -6.30 -2.79
N GLY A 70 -0.70 -7.62 -2.96
CA GLY A 70 -1.69 -8.44 -3.56
C GLY A 70 -2.85 -8.54 -2.63
N ASP A 71 -2.51 -8.79 -1.38
CA ASP A 71 -3.47 -8.83 -0.29
C ASP A 71 -4.09 -7.46 -0.13
N ALA A 72 -3.25 -6.44 -0.23
CA ALA A 72 -3.68 -5.06 -0.13
C ALA A 72 -4.58 -4.64 -1.28
N THR A 73 -4.37 -5.19 -2.47
CA THR A 73 -5.15 -4.82 -3.63
C THR A 73 -6.64 -5.10 -3.41
N LYS A 74 -6.99 -6.37 -3.09
CA LYS A 74 -8.40 -6.74 -2.81
C LYS A 74 -8.95 -5.87 -1.69
N TYR A 75 -8.10 -5.67 -0.71
CA TYR A 75 -8.41 -4.90 0.46
C TYR A 75 -8.76 -3.46 0.08
N ILE A 76 -7.91 -2.86 -0.70
CA ILE A 76 -8.07 -1.51 -1.17
C ILE A 76 -9.24 -1.39 -2.11
N LEU A 77 -9.52 -2.46 -2.85
CA LEU A 77 -10.66 -2.47 -3.75
C LEU A 77 -11.99 -2.43 -2.94
N ASP A 78 -11.99 -3.09 -1.81
CA ASP A 78 -13.15 -3.13 -0.92
C ASP A 78 -13.25 -1.82 -0.12
N HIS A 79 -12.11 -1.28 0.21
CA HIS A 79 -11.96 -0.06 1.01
C HIS A 79 -12.03 1.22 0.21
N GLN A 80 -12.30 1.13 -1.06
CA GLN A 80 -12.30 2.32 -1.88
C GLN A 80 -13.68 2.79 -2.24
N ALA A 81 -13.76 4.06 -2.40
CA ALA A 81 -14.92 4.75 -2.84
C ALA A 81 -14.43 6.07 -3.35
C1 SOO B . 0.99 -4.37 6.88
O1 SOO B . 0.65 -5.19 6.04
S1 SOO B . 1.36 -4.84 8.53
C2 SOO B . 1.00 -2.95 6.51
C3 SOO B . 0.50 -2.54 5.32
C4 SOO B . 0.62 -1.11 4.94
C5 SOO B . -0.09 -0.81 3.64
C6 SOO B . 0.00 0.67 3.29
C7 SOO B . -0.79 1.01 2.02
C8 SOO B . -2.27 0.75 2.23
O23 SOO B . 9.21 -1.72 13.87
P24 SOO B . 8.42 -2.57 12.95
O26 SOO B . 9.09 -3.69 12.24
O27 SOO B . 7.21 -3.14 13.75
C28 SOO B . 6.39 -2.21 14.55
C29 SOO B . 5.21 -2.95 15.18
C30 SOO B . 4.30 -3.44 14.04
C31 SOO B . 5.72 -4.17 15.95
C32 SOO B . 4.43 -2.01 16.22
O33 SOO B . 5.34 -1.52 17.20
C34 SOO B . 3.85 -0.76 15.58
O35 SOO B . 4.37 0.33 15.83
N36 SOO B . 2.82 -0.90 14.80
C37 SOO B . 2.15 0.17 14.10
C38 SOO B . 2.14 -0.12 12.61
C39 SOO B . 1.70 -1.54 12.30
O40 SOO B . 1.00 -2.19 13.08
N41 SOO B . 2.12 -2.00 11.15
C42 SOO B . 1.83 -3.32 10.65
C43 SOO B . 1.92 -3.33 9.15
H2 SOO B . 1.33 -2.20 7.23
H3 SOO B . 0.16 -3.28 4.57
H4 SOO B . 0.20 -0.50 5.72
H4A SOO B . 1.67 -0.87 4.82
H5 SOO B . -1.14 -1.08 3.74
H5A SOO B . 0.36 -1.40 2.85
H6 SOO B . 1.03 0.92 3.14
H6A SOO B . -0.40 1.25 4.11
H7 SOO B . -0.44 0.38 1.21
H7A SOO B . -0.64 2.05 1.79
H8 SOO B . -2.80 0.99 1.33
H8A SOO B . -2.63 1.36 3.04
H8B SOO B . -2.42 -0.29 2.47
H28 SOO B . 7.01 -1.79 15.32
H28A SOO B . 6.02 -1.42 13.92
H30 SOO B . 3.94 -2.59 13.46
H30A SOO B . 3.44 -3.96 14.44
H30B SOO B . 4.85 -4.10 13.38
H31 SOO B . 6.25 -4.83 15.26
H31A SOO B . 4.88 -4.69 16.39
H31B SOO B . 6.40 -3.85 16.72
H32 SOO B . 3.64 -2.56 16.71
HO33 SOO B . 5.31 -0.57 17.00
HN36 SOO B . 2.46 -1.79 14.64
H37 SOO B . 1.12 0.19 14.45
H37A SOO B . 2.64 1.11 14.30
H38 SOO B . 1.51 0.59 12.10
H38A SOO B . 3.14 0.00 12.25
HN41 SOO B . 2.67 -1.42 10.59
H42 SOO B . 2.48 -4.05 11.08
H42A SOO B . 0.79 -3.57 10.91
H43 SOO B . 2.98 -3.21 8.95
H43A SOO B . 1.36 -2.49 8.76
N ALA A 1 -11.10 5.77 -5.71
CA ALA A 1 -11.17 4.69 -6.69
C ALA A 1 -9.81 4.54 -7.35
N ALA A 2 -9.36 3.31 -7.50
CA ALA A 2 -8.08 3.00 -8.11
C ALA A 2 -8.05 1.52 -8.41
N THR A 3 -7.64 1.18 -9.61
CA THR A 3 -7.57 -0.21 -10.04
C THR A 3 -6.32 -0.92 -9.47
N GLN A 4 -6.10 -2.18 -9.85
CA GLN A 4 -4.93 -2.95 -9.41
C GLN A 4 -3.68 -2.24 -9.86
N GLU A 5 -3.66 -1.86 -11.13
CA GLU A 5 -2.52 -1.19 -11.73
C GLU A 5 -2.24 0.16 -11.06
N GLU A 6 -3.26 0.73 -10.47
CA GLU A 6 -3.12 1.98 -9.78
C GLU A 6 -2.72 1.75 -8.33
N ILE A 7 -3.29 0.73 -7.72
CA ILE A 7 -2.98 0.36 -6.35
C ILE A 7 -1.54 -0.09 -6.24
N VAL A 8 -1.22 -1.17 -6.90
CA VAL A 8 0.12 -1.78 -6.83
C VAL A 8 1.21 -0.78 -7.23
N ALA A 9 1.16 -0.34 -8.46
CA ALA A 9 2.16 0.57 -9.00
C ALA A 9 2.16 1.93 -8.28
N GLY A 10 1.01 2.32 -7.73
CA GLY A 10 0.89 3.60 -7.06
C GLY A 10 1.34 3.55 -5.63
N LEU A 11 1.14 2.40 -5.01
CA LEU A 11 1.53 2.16 -3.62
C LEU A 11 3.02 2.36 -3.52
N ALA A 12 3.71 1.81 -4.49
CA ALA A 12 5.14 1.88 -4.57
C ALA A 12 5.64 3.31 -4.67
N GLU A 13 4.83 4.20 -5.22
CA GLU A 13 5.19 5.59 -5.36
C GLU A 13 5.23 6.24 -3.98
N ILE A 14 4.20 6.00 -3.19
CA ILE A 14 4.15 6.55 -1.84
C ILE A 14 5.19 5.83 -0.95
N VAL A 15 5.38 4.54 -1.20
CA VAL A 15 6.42 3.77 -0.52
C VAL A 15 7.81 4.35 -0.86
N ASN A 16 7.93 4.85 -2.05
CA ASN A 16 9.16 5.44 -2.54
C ASN A 16 9.42 6.77 -1.86
N GLU A 17 8.35 7.46 -1.52
CA GLU A 17 8.45 8.73 -0.82
C GLU A 17 8.83 8.51 0.65
N ILE A 18 8.01 7.70 1.33
CA ILE A 18 8.17 7.45 2.76
C ILE A 18 9.44 6.65 3.03
N ALA A 19 9.58 5.54 2.34
CA ALA A 19 10.69 4.63 2.61
C ALA A 19 11.80 4.79 1.59
N GLY A 20 11.46 4.71 0.32
CA GLY A 20 12.47 4.81 -0.72
C GLY A 20 12.58 3.53 -1.52
N ILE A 21 11.61 2.66 -1.34
CA ILE A 21 11.56 1.39 -2.05
C ILE A 21 11.12 1.66 -3.50
N PRO A 22 11.84 1.06 -4.49
CA PRO A 22 11.59 1.24 -5.92
C PRO A 22 10.11 1.08 -6.31
N VAL A 23 9.69 1.90 -7.25
CA VAL A 23 8.32 1.94 -7.70
C VAL A 23 7.88 0.68 -8.47
N GLU A 24 8.84 -0.09 -8.94
CA GLU A 24 8.58 -1.37 -9.60
C GLU A 24 8.97 -2.51 -8.69
N ASP A 25 9.09 -2.22 -7.44
CA ASP A 25 9.48 -3.24 -6.48
C ASP A 25 8.31 -3.67 -5.58
N VAL A 26 7.37 -2.76 -5.36
CA VAL A 26 6.22 -3.07 -4.54
C VAL A 26 5.15 -3.60 -5.47
N LYS A 27 5.32 -4.85 -5.83
CA LYS A 27 4.42 -5.48 -6.77
C LYS A 27 3.59 -6.58 -6.10
N LEU A 28 2.67 -7.18 -6.86
CA LEU A 28 1.65 -8.13 -6.36
C LEU A 28 2.13 -9.31 -5.50
N ASP A 29 3.37 -9.73 -5.65
CA ASP A 29 3.83 -10.90 -4.90
C ASP A 29 4.72 -10.44 -3.73
N LYS A 30 4.73 -9.15 -3.45
CA LYS A 30 5.57 -8.62 -2.44
C LYS A 30 4.81 -8.29 -1.20
N SER A 31 5.29 -8.80 -0.12
CA SER A 31 4.73 -8.57 1.15
C SER A 31 5.39 -7.34 1.76
N PHE A 32 4.60 -6.45 2.29
CA PHE A 32 5.10 -5.24 2.96
C PHE A 32 6.07 -5.64 4.09
N THR A 33 5.50 -6.18 5.14
CA THR A 33 6.25 -6.56 6.31
C THR A 33 6.78 -8.01 6.22
N ASP A 34 7.32 -8.37 5.05
CA ASP A 34 7.84 -9.75 4.85
C ASP A 34 8.78 -9.84 3.63
N ASP A 35 8.68 -8.88 2.72
CA ASP A 35 9.61 -8.78 1.57
C ASP A 35 10.22 -7.40 1.51
N LEU A 36 9.34 -6.42 1.49
CA LEU A 36 9.70 -5.04 1.22
C LEU A 36 10.49 -4.36 2.32
N ASP A 37 10.00 -4.45 3.54
CA ASP A 37 10.55 -3.71 4.70
C ASP A 37 10.28 -2.24 4.52
N VAL A 38 9.10 -1.85 4.92
CA VAL A 38 8.65 -0.48 4.75
C VAL A 38 8.63 0.19 6.12
N ASP A 39 9.65 -0.13 6.92
CA ASP A 39 9.88 0.43 8.28
C ASP A 39 8.88 -0.08 9.34
N SER A 40 7.69 -0.42 8.88
CA SER A 40 6.58 -1.00 9.62
C SER A 40 5.84 0.00 10.52
N LEU A 41 6.56 0.83 11.25
CA LEU A 41 5.88 1.82 12.08
C LEU A 41 5.58 3.09 11.29
N SER A 42 6.51 3.48 10.43
CA SER A 42 6.33 4.64 9.58
C SER A 42 5.43 4.29 8.42
N MET A 43 5.19 3.00 8.26
CA MET A 43 4.38 2.51 7.19
C MET A 43 2.97 3.15 7.15
N VAL A 44 2.47 3.62 8.31
CA VAL A 44 1.15 4.24 8.38
C VAL A 44 1.16 5.55 7.58
N GLU A 45 2.34 6.14 7.42
CA GLU A 45 2.49 7.37 6.68
C GLU A 45 2.33 7.07 5.19
N VAL A 46 2.74 5.86 4.79
CA VAL A 46 2.49 5.38 3.45
C VAL A 46 0.98 5.27 3.29
N VAL A 47 0.37 4.53 4.23
CA VAL A 47 -1.08 4.28 4.26
C VAL A 47 -1.88 5.56 4.09
N VAL A 48 -1.63 6.56 4.94
CA VAL A 48 -2.39 7.82 4.93
C VAL A 48 -2.37 8.52 3.56
N ALA A 49 -1.24 8.46 2.93
CA ALA A 49 -1.05 9.08 1.62
C ALA A 49 -1.58 8.15 0.53
N ALA A 50 -1.52 6.86 0.77
CA ALA A 50 -2.08 5.88 -0.13
C ALA A 50 -3.59 6.03 -0.15
N GLU A 51 -4.15 6.37 1.02
CA GLU A 51 -5.57 6.64 1.14
C GLU A 51 -5.95 7.75 0.20
N GLU A 52 -5.11 8.75 0.14
CA GLU A 52 -5.29 9.89 -0.73
C GLU A 52 -5.14 9.45 -2.19
N ARG A 53 -4.06 8.74 -2.47
CA ARG A 53 -3.69 8.28 -3.80
C ARG A 53 -4.79 7.42 -4.46
N PHE A 54 -5.30 6.46 -3.74
CA PHE A 54 -6.30 5.55 -4.32
C PHE A 54 -7.69 6.05 -4.08
N ASP A 55 -7.78 7.09 -3.28
CA ASP A 55 -9.04 7.58 -2.73
C ASP A 55 -9.75 6.43 -2.05
N VAL A 56 -9.16 6.04 -0.95
CA VAL A 56 -9.62 4.95 -0.15
C VAL A 56 -9.49 5.37 1.32
N LYS A 57 -9.83 4.50 2.22
CA LYS A 57 -9.77 4.78 3.63
C LYS A 57 -9.35 3.52 4.30
N ILE A 58 -8.26 3.54 5.00
CA ILE A 58 -7.81 2.37 5.71
C ILE A 58 -7.15 2.79 7.02
N PRO A 59 -7.88 2.64 8.14
CA PRO A 59 -7.35 2.93 9.48
C PRO A 59 -6.19 1.96 9.83
N ASP A 60 -5.38 2.28 10.85
CA ASP A 60 -4.19 1.46 11.15
C ASP A 60 -4.56 0.03 11.53
N ASP A 61 -5.64 -0.14 12.31
CA ASP A 61 -6.07 -1.50 12.68
C ASP A 61 -6.60 -2.25 11.51
N ASP A 62 -6.96 -1.54 10.49
CA ASP A 62 -7.50 -2.12 9.30
C ASP A 62 -6.39 -2.52 8.36
N VAL A 63 -5.41 -1.65 8.19
CA VAL A 63 -4.32 -1.89 7.27
C VAL A 63 -3.35 -2.97 7.77
N LYS A 64 -3.24 -3.13 9.09
CA LYS A 64 -2.29 -4.12 9.68
C LYS A 64 -2.69 -5.58 9.35
N ASN A 65 -3.80 -5.76 8.66
CA ASN A 65 -4.26 -7.08 8.24
C ASN A 65 -3.67 -7.43 6.87
N LEU A 66 -2.94 -6.49 6.30
CA LEU A 66 -2.38 -6.68 4.98
C LEU A 66 -0.98 -7.26 5.06
N LYS A 67 -0.72 -8.24 4.23
CA LYS A 67 0.58 -8.83 4.13
C LYS A 67 1.24 -8.34 2.85
N THR A 68 0.66 -8.69 1.73
CA THR A 68 1.19 -8.35 0.44
C THR A 68 0.39 -7.23 -0.15
N VAL A 69 0.75 -6.79 -1.34
CA VAL A 69 -0.10 -5.88 -2.03
C VAL A 69 -1.22 -6.64 -2.68
N GLY A 70 -1.10 -7.98 -2.71
CA GLY A 70 -2.16 -8.79 -3.23
C GLY A 70 -3.32 -8.68 -2.29
N ASP A 71 -2.99 -8.71 -0.99
CA ASP A 71 -3.94 -8.48 0.07
C ASP A 71 -4.49 -7.09 -0.08
N ALA A 72 -3.57 -6.12 -0.17
CA ALA A 72 -3.89 -4.71 -0.27
C ALA A 72 -4.84 -4.39 -1.42
N THR A 73 -4.50 -4.85 -2.62
CA THR A 73 -5.29 -4.59 -3.83
C THR A 73 -6.78 -4.91 -3.62
N LYS A 74 -7.07 -6.15 -3.28
CA LYS A 74 -8.44 -6.62 -3.15
C LYS A 74 -9.16 -5.86 -2.04
N TYR A 75 -8.41 -5.56 -1.01
CA TYR A 75 -8.89 -4.91 0.19
C TYR A 75 -9.23 -3.46 -0.10
N ILE A 76 -8.29 -2.77 -0.73
CA ILE A 76 -8.45 -1.38 -1.12
C ILE A 76 -9.59 -1.24 -2.10
N LEU A 77 -9.67 -2.16 -3.06
CA LEU A 77 -10.75 -2.17 -4.04
C LEU A 77 -12.12 -2.24 -3.37
N ASP A 78 -12.22 -3.01 -2.30
CA ASP A 78 -13.48 -3.12 -1.57
C ASP A 78 -13.73 -1.92 -0.65
N HIS A 79 -12.67 -1.50 0.03
CA HIS A 79 -12.75 -0.39 1.00
C HIS A 79 -12.78 1.00 0.34
N GLN A 80 -12.82 1.02 -0.97
CA GLN A 80 -12.94 2.25 -1.71
C GLN A 80 -14.32 2.25 -2.37
N ALA A 81 -14.94 3.39 -2.46
CA ALA A 81 -16.19 3.49 -3.13
C ALA A 81 -16.00 4.31 -4.38
C1 SOO B . 1.15 -3.22 7.08
O1 SOO B . -0.03 -2.96 7.33
S1 SOO B . 2.14 -4.22 8.10
C2 SOO B . 1.78 -2.59 5.91
C3 SOO B . 1.14 -1.64 5.19
C4 SOO B . 1.88 -0.93 4.10
C5 SOO B . 1.06 0.18 3.48
C6 SOO B . -0.21 -0.33 2.82
C7 SOO B . -1.01 0.81 2.21
C8 SOO B . -2.26 0.26 1.56
O23 SOO B . 9.29 -3.03 13.22
P24 SOO B . 8.38 -3.43 12.11
O26 SOO B . 8.89 -4.42 11.10
O27 SOO B . 7.07 -4.01 12.74
C28 SOO B . 6.38 -3.17 13.73
C29 SOO B . 5.04 -3.79 14.17
C30 SOO B . 4.19 -4.01 12.93
C31 SOO B . 5.29 -5.13 14.86
C32 SOO B . 4.34 -2.81 15.21
O33 SOO B . 5.20 -2.64 16.35
C34 SOO B . 4.12 -1.40 14.64
O35 SOO B . 4.83 -0.48 15.02
N36 SOO B . 3.16 -1.25 13.74
C37 SOO B . 2.83 0.01 13.10
C38 SOO B . 1.35 0.11 12.71
C39 SOO B . 0.81 -1.06 11.89
O40 SOO B . -0.36 -1.37 11.94
N41 SOO B . 1.70 -1.65 11.15
C42 SOO B . 1.42 -2.79 10.26
C43 SOO B . 2.56 -3.03 9.28
H2 SOO B . 2.84 -2.82 5.67
H3 SOO B . 0.09 -1.40 5.40
H4 SOO B . 2.78 -0.51 4.52
H4A SOO B . 2.14 -1.64 3.33
H5 SOO B . 1.65 0.69 2.74
H5A SOO B . 0.78 0.90 4.26
H6 SOO B . -0.82 -0.82 3.57
H6A SOO B . 0.04 -1.03 2.05
H7 SOO B . -0.42 1.31 1.45
H7A SOO B . -1.29 1.52 2.98
H8 SOO B . -2.86 -0.24 2.32
H8A SOO B . -1.98 -0.44 0.79
H8B SOO B . -2.82 1.07 1.14
H28 SOO B . 7.01 -3.05 14.59
H28A SOO B . 6.19 -2.21 13.29
H30 SOO B . 3.25 -4.45 13.21
H30A SOO B . 4.71 -4.68 12.26
H30B SOO B . 4.01 -3.07 12.44
H31 SOO B . 5.77 -5.81 14.16
H31A SOO B . 4.34 -5.56 15.15
H31B SOO B . 5.91 -4.99 15.72
H32 SOO B . 3.39 -3.24 15.53
HO33 SOO B . 5.49 -1.72 16.30
HN36 SOO B . 2.63 -2.03 13.48
H37 SOO B . 3.09 0.83 13.73
H37A SOO B . 3.41 0.09 12.19
H38 SOO B . 0.74 0.17 13.60
H38A SOO B . 1.26 1.00 12.10
HN41 SOO B . 2.60 -1.27 11.18
H42 SOO B . 1.26 -3.68 10.85
H42A SOO B . 0.53 -2.58 9.68
H43 SOO B . 3.46 -3.32 9.81
H43A SOO B . 2.72 -2.09 8.78
N ALA A 1 -10.49 6.44 -7.80
CA ALA A 1 -10.59 5.02 -7.54
C ALA A 1 -9.27 4.40 -7.93
N ALA A 2 -9.19 3.10 -7.96
CA ALA A 2 -7.98 2.45 -8.35
C ALA A 2 -8.28 1.12 -8.97
N THR A 3 -7.31 0.56 -9.63
CA THR A 3 -7.37 -0.76 -10.15
C THR A 3 -6.18 -1.52 -9.56
N GLN A 4 -5.88 -2.71 -10.04
CA GLN A 4 -4.75 -3.45 -9.54
C GLN A 4 -3.47 -2.74 -9.92
N GLU A 5 -3.39 -2.32 -11.18
CA GLU A 5 -2.22 -1.62 -11.72
C GLU A 5 -2.01 -0.33 -10.95
N GLU A 6 -3.12 0.40 -10.78
CA GLU A 6 -3.13 1.71 -10.16
C GLU A 6 -2.67 1.63 -8.73
N ILE A 7 -3.08 0.57 -8.03
CA ILE A 7 -2.63 0.37 -6.68
C ILE A 7 -1.18 0.04 -6.68
N VAL A 8 -0.81 -1.07 -7.29
CA VAL A 8 0.58 -1.56 -7.31
C VAL A 8 1.59 -0.45 -7.73
N ALA A 9 1.37 0.13 -8.88
CA ALA A 9 2.26 1.15 -9.41
C ALA A 9 2.12 2.49 -8.67
N GLY A 10 1.00 2.71 -8.03
CA GLY A 10 0.75 3.96 -7.36
C GLY A 10 1.31 3.93 -5.99
N LEU A 11 1.00 2.85 -5.32
CA LEU A 11 1.42 2.55 -3.97
C LEU A 11 2.91 2.66 -3.84
N ALA A 12 3.62 2.13 -4.83
CA ALA A 12 5.06 2.11 -4.84
C ALA A 12 5.67 3.50 -4.83
N GLU A 13 4.96 4.48 -5.36
CA GLU A 13 5.46 5.85 -5.35
C GLU A 13 5.43 6.38 -3.92
N ILE A 14 4.33 6.15 -3.24
CA ILE A 14 4.17 6.57 -1.86
C ILE A 14 5.14 5.75 -0.98
N VAL A 15 5.26 4.47 -1.27
CA VAL A 15 6.19 3.58 -0.56
C VAL A 15 7.65 4.07 -0.74
N ASN A 16 7.89 4.72 -1.84
CA ASN A 16 9.22 5.20 -2.16
C ASN A 16 9.53 6.47 -1.40
N GLU A 17 8.57 7.36 -1.34
CA GLU A 17 8.76 8.62 -0.65
C GLU A 17 8.81 8.44 0.87
N ILE A 18 7.95 7.59 1.40
CA ILE A 18 7.90 7.38 2.84
C ILE A 18 9.05 6.47 3.29
N ALA A 19 9.16 5.31 2.68
CA ALA A 19 10.16 4.34 3.11
C ALA A 19 11.37 4.38 2.20
N GLY A 20 11.16 4.16 0.94
CA GLY A 20 12.26 4.14 0.00
C GLY A 20 12.38 2.83 -0.72
N ILE A 21 11.27 2.26 -1.07
CA ILE A 21 11.24 1.04 -1.83
C ILE A 21 10.87 1.42 -3.27
N PRO A 22 11.60 0.87 -4.26
CA PRO A 22 11.42 1.19 -5.69
C PRO A 22 9.97 1.32 -6.15
N VAL A 23 9.74 2.31 -7.00
CA VAL A 23 8.41 2.70 -7.49
C VAL A 23 7.80 1.70 -8.50
N GLU A 24 8.28 0.50 -8.49
CA GLU A 24 7.77 -0.55 -9.35
C GLU A 24 8.08 -1.90 -8.71
N ASP A 25 8.45 -1.87 -7.45
CA ASP A 25 8.93 -3.07 -6.78
C ASP A 25 7.89 -3.64 -5.86
N VAL A 26 6.90 -2.85 -5.55
CA VAL A 26 5.86 -3.18 -4.60
C VAL A 26 4.79 -3.93 -5.37
N LYS A 27 5.11 -5.16 -5.68
CA LYS A 27 4.33 -5.98 -6.57
C LYS A 27 3.41 -6.96 -5.82
N LEU A 28 2.43 -7.51 -6.54
CA LEU A 28 1.33 -8.36 -6.00
C LEU A 28 1.74 -9.39 -4.94
N ASP A 29 2.60 -10.31 -5.28
CA ASP A 29 2.95 -11.40 -4.35
C ASP A 29 4.18 -11.06 -3.53
N LYS A 30 4.43 -9.79 -3.36
CA LYS A 30 5.54 -9.34 -2.58
C LYS A 30 5.02 -8.84 -1.25
N SER A 31 5.52 -9.41 -0.18
CA SER A 31 5.04 -9.09 1.13
C SER A 31 5.69 -7.82 1.65
N PHE A 32 4.88 -6.97 2.25
CA PHE A 32 5.34 -5.73 2.86
C PHE A 32 6.30 -6.08 3.97
N THR A 33 5.89 -6.97 4.81
CA THR A 33 6.68 -7.36 5.95
C THR A 33 7.59 -8.54 5.65
N ASP A 34 8.26 -8.53 4.50
CA ASP A 34 9.19 -9.61 4.17
C ASP A 34 10.06 -9.24 2.99
N ASP A 35 9.45 -9.13 1.83
CA ASP A 35 10.18 -8.88 0.59
C ASP A 35 10.51 -7.43 0.48
N LEU A 36 9.49 -6.63 0.67
CA LEU A 36 9.59 -5.21 0.49
C LEU A 36 10.24 -4.54 1.68
N ASP A 37 9.61 -4.69 2.84
CA ASP A 37 10.00 -4.04 4.08
C ASP A 37 9.87 -2.54 3.94
N VAL A 38 8.72 -2.04 4.35
CA VAL A 38 8.30 -0.67 4.06
C VAL A 38 8.47 0.17 5.31
N ASP A 39 9.47 -0.21 6.10
CA ASP A 39 9.71 0.33 7.43
C ASP A 39 8.41 0.36 8.20
N SER A 40 8.17 -0.72 8.76
CA SER A 40 6.95 -1.12 9.44
C SER A 40 6.31 -0.04 10.35
N LEU A 41 7.10 0.83 10.97
CA LEU A 41 6.54 1.85 11.81
C LEU A 41 6.08 3.06 11.00
N SER A 42 6.81 3.39 9.95
CA SER A 42 6.49 4.53 9.12
C SER A 42 5.48 4.16 8.07
N MET A 43 5.25 2.87 7.92
CA MET A 43 4.28 2.31 6.99
C MET A 43 2.94 3.06 7.01
N VAL A 44 2.47 3.37 8.21
CA VAL A 44 1.21 4.09 8.42
C VAL A 44 1.17 5.42 7.62
N GLU A 45 2.32 6.01 7.43
CA GLU A 45 2.46 7.28 6.74
C GLU A 45 2.31 7.07 5.23
N VAL A 46 2.59 5.84 4.79
CA VAL A 46 2.31 5.43 3.41
C VAL A 46 0.80 5.37 3.25
N VAL A 47 0.16 4.63 4.15
CA VAL A 47 -1.29 4.40 4.15
C VAL A 47 -2.08 5.70 4.01
N VAL A 48 -1.82 6.66 4.88
CA VAL A 48 -2.55 7.95 4.89
C VAL A 48 -2.46 8.68 3.54
N ALA A 49 -1.35 8.51 2.91
CA ALA A 49 -1.07 9.09 1.61
C ALA A 49 -1.66 8.22 0.50
N ALA A 50 -1.72 6.93 0.75
CA ALA A 50 -2.33 5.99 -0.17
C ALA A 50 -3.82 6.25 -0.22
N GLU A 51 -4.39 6.59 0.94
CA GLU A 51 -5.79 6.97 1.03
C GLU A 51 -6.04 8.15 0.12
N GLU A 52 -5.15 9.13 0.20
CA GLU A 52 -5.18 10.33 -0.62
C GLU A 52 -5.14 9.95 -2.12
N ARG A 53 -4.30 8.99 -2.43
CA ARG A 53 -4.06 8.52 -3.79
C ARG A 53 -5.28 7.79 -4.40
N PHE A 54 -5.77 6.79 -3.69
CA PHE A 54 -6.81 5.92 -4.25
C PHE A 54 -8.19 6.45 -3.97
N ASP A 55 -8.26 7.54 -3.22
CA ASP A 55 -9.53 8.12 -2.73
C ASP A 55 -10.16 7.18 -1.75
N VAL A 56 -9.32 6.34 -1.17
CA VAL A 56 -9.73 5.34 -0.23
C VAL A 56 -9.55 5.89 1.19
N LYS A 57 -9.83 5.08 2.15
CA LYS A 57 -9.64 5.36 3.56
C LYS A 57 -9.43 4.04 4.23
N ILE A 58 -8.33 3.91 4.90
CA ILE A 58 -7.95 2.72 5.57
C ILE A 58 -7.18 3.13 6.82
N PRO A 59 -7.77 2.97 7.98
CA PRO A 59 -7.13 3.31 9.25
C PRO A 59 -5.98 2.34 9.57
N ASP A 60 -5.07 2.75 10.46
CA ASP A 60 -3.90 1.95 10.84
C ASP A 60 -4.28 0.70 11.59
N ASP A 61 -5.50 0.64 12.06
CA ASP A 61 -6.03 -0.57 12.64
C ASP A 61 -6.26 -1.60 11.54
N ASP A 62 -6.98 -1.18 10.51
CA ASP A 62 -7.34 -2.03 9.37
C ASP A 62 -6.12 -2.55 8.63
N VAL A 63 -5.14 -1.69 8.45
CA VAL A 63 -3.93 -2.01 7.66
C VAL A 63 -3.07 -3.13 8.27
N LYS A 64 -3.19 -3.33 9.59
CA LYS A 64 -2.36 -4.33 10.31
C LYS A 64 -2.55 -5.76 9.78
N ASN A 65 -3.64 -5.97 9.09
CA ASN A 65 -4.02 -7.29 8.64
C ASN A 65 -3.45 -7.62 7.25
N LEU A 66 -2.62 -6.74 6.71
CA LEU A 66 -2.09 -6.94 5.38
C LEU A 66 -0.76 -7.70 5.38
N LYS A 67 -0.48 -8.34 4.26
CA LYS A 67 0.74 -9.10 4.07
C LYS A 67 1.44 -8.62 2.81
N THR A 68 0.82 -8.86 1.70
CA THR A 68 1.34 -8.52 0.41
C THR A 68 0.49 -7.44 -0.18
N VAL A 69 0.81 -7.02 -1.39
CA VAL A 69 -0.05 -6.08 -2.04
C VAL A 69 -1.18 -6.83 -2.70
N GLY A 70 -1.04 -8.15 -2.77
CA GLY A 70 -2.10 -8.97 -3.29
C GLY A 70 -3.26 -8.95 -2.36
N ASP A 71 -2.97 -8.72 -1.09
CA ASP A 71 -4.01 -8.51 -0.12
C ASP A 71 -4.46 -7.10 -0.28
N ALA A 72 -3.48 -6.18 -0.15
CA ALA A 72 -3.71 -4.73 -0.19
C ALA A 72 -4.53 -4.25 -1.39
N THR A 73 -4.23 -4.73 -2.58
CA THR A 73 -4.95 -4.33 -3.79
C THR A 73 -6.45 -4.61 -3.64
N LYS A 74 -6.79 -5.88 -3.43
CA LYS A 74 -8.17 -6.30 -3.28
C LYS A 74 -8.80 -5.64 -2.07
N TYR A 75 -7.97 -5.44 -1.08
CA TYR A 75 -8.37 -4.85 0.17
C TYR A 75 -8.78 -3.41 -0.08
N ILE A 76 -7.92 -2.65 -0.72
CA ILE A 76 -8.18 -1.26 -1.05
C ILE A 76 -9.38 -1.16 -1.97
N LEU A 77 -9.46 -2.06 -2.94
CA LEU A 77 -10.57 -2.07 -3.88
C LEU A 77 -11.91 -2.35 -3.17
N ASP A 78 -11.85 -3.11 -2.10
CA ASP A 78 -13.03 -3.46 -1.31
C ASP A 78 -13.30 -2.38 -0.26
N HIS A 79 -12.26 -1.68 0.12
CA HIS A 79 -12.33 -0.67 1.18
C HIS A 79 -12.58 0.72 0.62
N GLN A 80 -12.55 0.87 -0.71
CA GLN A 80 -12.71 2.18 -1.33
C GLN A 80 -14.13 2.47 -1.76
N ALA A 81 -14.63 3.58 -1.28
CA ALA A 81 -15.93 4.08 -1.61
C ALA A 81 -16.01 5.49 -1.08
C1 SOO B . 2.16 -3.64 6.82
O1 SOO B . 1.10 -4.02 7.32
S1 SOO B . 3.71 -3.96 7.54
C2 SOO B . 2.15 -2.85 5.59
C3 SOO B . 1.01 -2.49 4.99
C4 SOO B . 1.06 -1.55 3.83
C5 SOO B . -0.31 -1.32 3.23
C6 SOO B . -0.24 -0.36 2.04
C7 SOO B . -1.60 -0.18 1.36
C8 SOO B . -2.61 0.41 2.32
O23 SOO B . 10.16 -2.70 12.68
P24 SOO B . 9.25 -3.24 11.64
O26 SOO B . 9.85 -3.98 10.47
O27 SOO B . 8.21 -4.15 12.35
C28 SOO B . 7.48 -3.54 13.48
C29 SOO B . 6.38 -4.46 14.03
C30 SOO B . 5.45 -4.85 12.88
C31 SOO B . 7.02 -5.71 14.61
C32 SOO B . 5.60 -3.71 15.20
O33 SOO B . 6.48 -3.48 16.29
C34 SOO B . 5.10 -2.31 14.77
O35 SOO B . 5.61 -1.30 15.30
N36 SOO B . 4.14 -2.22 13.87
C37 SOO B . 3.59 -0.95 13.38
C38 SOO B . 2.10 -1.03 12.97
C39 SOO B . 1.81 -2.08 11.90
O40 SOO B . 0.75 -2.70 11.90
N41 SOO B . 2.76 -2.26 11.03
C42 SOO B . 2.72 -3.21 9.92
C43 SOO B . 3.69 -2.80 8.83
H2 SOO B . 3.11 -2.52 5.15
H3 SOO B . 0.03 -2.81 5.40
H4 SOO B . 1.47 -0.61 4.15
H4A SOO B . 1.72 -1.98 3.07
H5 SOO B . -0.95 -0.91 3.98
H5A SOO B . -0.71 -2.26 2.88
H6 SOO B . 0.47 -0.74 1.33
H6A SOO B . 0.10 0.61 2.39
H7 SOO B . -1.97 -1.15 1.05
H7A SOO B . -1.49 0.47 0.52
H8 SOO B . -2.72 -0.24 3.18
H8A SOO B . -3.55 0.51 1.82
H8B SOO B . -2.26 1.38 2.65
H28 SOO B . 8.18 -3.30 14.26
H28A SOO B . 7.01 -2.62 13.13
H30 SOO B . 5.01 -3.95 12.46
H30A SOO B . 4.67 -5.49 13.26
H30B SOO B . 6.02 -5.36 12.13
H31 SOO B . 7.69 -5.44 15.41
H31A SOO B . 7.57 -6.23 13.84
H31B SOO B . 6.25 -6.36 15.00
H32 SOO B . 4.77 -4.31 15.53
HO33 SOO B . 6.50 -2.51 16.32
HN36 SOO B . 3.77 -3.05 13.48
H37 SOO B . 3.68 -0.20 14.16
H37A SOO B . 4.17 -0.61 12.53
H38 SOO B . 1.49 -1.25 13.82
H38A SOO B . 1.86 -0.07 12.54
HN41 SOO B . 3.56 -1.70 11.14
H42 SOO B . 3.00 -4.18 10.30
H42A SOO B . 1.71 -3.26 9.53
H43 SOO B . 4.67 -2.73 9.25
H43A SOO B . 3.37 -1.85 8.44
N ALA A 1 -13.52 4.13 -7.40
CA ALA A 1 -12.84 2.85 -7.49
C ALA A 1 -11.58 2.99 -8.31
N ALA A 2 -10.78 1.95 -8.38
CA ALA A 2 -9.52 1.93 -9.11
C ALA A 2 -9.23 0.50 -9.55
N THR A 3 -8.05 0.25 -10.05
CA THR A 3 -7.66 -1.07 -10.51
C THR A 3 -6.47 -1.60 -9.70
N GLN A 4 -5.92 -2.75 -10.10
CA GLN A 4 -4.71 -3.30 -9.53
C GLN A 4 -3.56 -2.37 -9.85
N GLU A 5 -3.56 -1.94 -11.10
CA GLU A 5 -2.59 -1.01 -11.64
C GLU A 5 -2.48 0.23 -10.76
N GLU A 6 -3.60 0.89 -10.54
CA GLU A 6 -3.66 2.10 -9.75
C GLU A 6 -3.17 1.89 -8.33
N ILE A 7 -3.51 0.75 -7.76
CA ILE A 7 -3.10 0.43 -6.42
C ILE A 7 -1.60 0.18 -6.35
N VAL A 8 -1.14 -0.83 -7.04
CA VAL A 8 0.27 -1.20 -7.04
C VAL A 8 1.17 -0.06 -7.53
N ALA A 9 0.91 0.46 -8.72
CA ALA A 9 1.75 1.52 -9.28
C ALA A 9 1.66 2.79 -8.42
N GLY A 10 0.51 3.01 -7.82
CA GLY A 10 0.34 4.13 -6.93
C GLY A 10 1.13 3.96 -5.66
N LEU A 11 0.98 2.79 -5.05
CA LEU A 11 1.68 2.41 -3.83
C LEU A 11 3.15 2.63 -3.90
N ALA A 12 3.76 2.19 -4.98
CA ALA A 12 5.19 2.30 -5.14
C ALA A 12 5.67 3.72 -5.06
N GLU A 13 4.88 4.64 -5.57
CA GLU A 13 5.23 6.04 -5.52
C GLU A 13 5.26 6.53 -4.09
N ILE A 14 4.28 6.12 -3.30
CA ILE A 14 4.23 6.48 -1.90
C ILE A 14 5.33 5.74 -1.12
N VAL A 15 5.46 4.45 -1.38
CA VAL A 15 6.47 3.58 -0.77
C VAL A 15 7.89 4.14 -1.02
N ASN A 16 8.07 4.71 -2.18
CA ASN A 16 9.36 5.28 -2.58
C ASN A 16 9.66 6.56 -1.80
N GLU A 17 8.63 7.22 -1.33
CA GLU A 17 8.78 8.44 -0.54
C GLU A 17 9.06 8.08 0.91
N ILE A 18 8.23 7.19 1.41
CA ILE A 18 8.29 6.76 2.81
C ILE A 18 9.57 5.99 3.12
N ALA A 19 9.85 4.97 2.33
CA ALA A 19 10.99 4.12 2.60
C ALA A 19 12.05 4.23 1.53
N GLY A 20 11.64 4.49 0.32
CA GLY A 20 12.60 4.60 -0.75
C GLY A 20 12.76 3.32 -1.51
N ILE A 21 11.74 2.49 -1.46
CA ILE A 21 11.73 1.23 -2.17
C ILE A 21 11.39 1.51 -3.63
N PRO A 22 12.14 0.90 -4.59
CA PRO A 22 11.93 1.07 -6.04
C PRO A 22 10.45 1.07 -6.45
N VAL A 23 10.12 1.97 -7.34
CA VAL A 23 8.75 2.22 -7.81
C VAL A 23 8.16 1.11 -8.71
N GLU A 24 8.77 -0.04 -8.70
CA GLU A 24 8.34 -1.17 -9.44
C GLU A 24 8.48 -2.40 -8.52
N ASP A 25 8.85 -2.14 -7.29
CA ASP A 25 9.18 -3.23 -6.42
C ASP A 25 8.07 -3.57 -5.44
N VAL A 26 6.96 -2.88 -5.54
CA VAL A 26 5.84 -3.15 -4.66
C VAL A 26 4.92 -4.17 -5.39
N LYS A 27 5.56 -5.20 -5.85
CA LYS A 27 4.96 -6.24 -6.68
C LYS A 27 3.88 -7.01 -5.89
N LEU A 28 2.88 -7.57 -6.61
CA LEU A 28 1.73 -8.28 -6.00
C LEU A 28 2.13 -9.32 -4.96
N ASP A 29 3.24 -9.96 -5.18
CA ASP A 29 3.71 -11.05 -4.31
C ASP A 29 4.65 -10.56 -3.21
N LYS A 30 4.82 -9.26 -3.07
CA LYS A 30 5.78 -8.71 -2.13
C LYS A 30 5.08 -8.25 -0.88
N SER A 31 5.51 -8.79 0.24
CA SER A 31 4.96 -8.42 1.52
C SER A 31 5.58 -7.12 2.01
N PHE A 32 4.72 -6.19 2.42
CA PHE A 32 5.13 -4.89 2.94
C PHE A 32 6.07 -5.05 4.12
N THR A 33 5.53 -5.50 5.22
CA THR A 33 6.23 -5.62 6.45
C THR A 33 6.97 -6.96 6.57
N ASP A 34 7.70 -7.30 5.52
CA ASP A 34 8.51 -8.53 5.50
C ASP A 34 9.63 -8.42 4.47
N ASP A 35 9.25 -8.19 3.22
CA ASP A 35 10.26 -8.15 2.18
C ASP A 35 10.65 -6.74 1.89
N LEU A 36 9.66 -5.89 1.73
CA LEU A 36 9.88 -4.50 1.39
C LEU A 36 10.53 -3.77 2.55
N ASP A 37 9.83 -3.78 3.67
CA ASP A 37 10.14 -3.00 4.86
C ASP A 37 10.02 -1.55 4.53
N VAL A 38 8.93 -1.00 4.91
CA VAL A 38 8.61 0.33 4.50
C VAL A 38 8.68 1.29 5.68
N ASP A 39 9.88 1.30 6.25
CA ASP A 39 10.32 2.10 7.41
C ASP A 39 9.69 1.57 8.72
N SER A 40 8.87 0.55 8.56
CA SER A 40 8.24 -0.21 9.62
C SER A 40 7.21 0.60 10.47
N LEU A 41 7.65 1.61 11.19
CA LEU A 41 6.73 2.42 12.00
C LEU A 41 6.03 3.46 11.14
N SER A 42 6.74 3.88 10.12
CA SER A 42 6.31 4.90 9.17
C SER A 42 5.28 4.31 8.22
N MET A 43 5.16 3.00 8.26
CA MET A 43 4.20 2.25 7.49
C MET A 43 2.79 2.90 7.47
N VAL A 44 2.39 3.50 8.58
CA VAL A 44 1.09 4.15 8.69
C VAL A 44 1.00 5.38 7.76
N GLU A 45 2.12 6.01 7.52
CA GLU A 45 2.16 7.17 6.66
C GLU A 45 1.96 6.75 5.21
N VAL A 46 2.45 5.54 4.88
CA VAL A 46 2.23 4.94 3.57
C VAL A 46 0.74 4.86 3.36
N VAL A 47 0.08 4.25 4.34
CA VAL A 47 -1.38 4.08 4.36
C VAL A 47 -2.06 5.42 4.05
N VAL A 48 -1.80 6.42 4.88
CA VAL A 48 -2.38 7.77 4.74
C VAL A 48 -2.25 8.33 3.29
N ALA A 49 -1.07 8.24 2.73
CA ALA A 49 -0.81 8.77 1.40
C ALA A 49 -1.39 7.85 0.32
N ALA A 50 -1.42 6.56 0.59
CA ALA A 50 -2.03 5.59 -0.30
C ALA A 50 -3.52 5.85 -0.33
N GLU A 51 -4.09 6.15 0.84
CA GLU A 51 -5.49 6.53 0.95
C GLU A 51 -5.77 7.67 0.03
N GLU A 52 -4.93 8.70 0.13
CA GLU A 52 -5.02 9.89 -0.68
C GLU A 52 -4.98 9.54 -2.17
N ARG A 53 -4.03 8.69 -2.54
CA ARG A 53 -3.81 8.26 -3.91
C ARG A 53 -5.04 7.55 -4.50
N PHE A 54 -5.65 6.66 -3.73
CA PHE A 54 -6.76 5.86 -4.27
C PHE A 54 -8.10 6.46 -3.91
N ASP A 55 -8.06 7.52 -3.11
CA ASP A 55 -9.27 8.15 -2.53
C ASP A 55 -9.94 7.15 -1.59
N VAL A 56 -9.14 6.25 -1.04
CA VAL A 56 -9.65 5.20 -0.20
C VAL A 56 -9.64 5.65 1.27
N LYS A 57 -10.19 4.86 2.12
CA LYS A 57 -10.27 5.15 3.55
C LYS A 57 -9.97 3.89 4.32
N ILE A 58 -8.80 3.83 4.94
CA ILE A 58 -8.38 2.67 5.70
C ILE A 58 -7.60 3.13 6.94
N PRO A 59 -8.19 3.00 8.13
CA PRO A 59 -7.52 3.36 9.39
C PRO A 59 -6.35 2.40 9.73
N ASP A 60 -5.45 2.83 10.63
CA ASP A 60 -4.23 2.03 10.98
C ASP A 60 -4.56 0.70 11.61
N ASP A 61 -5.64 0.65 12.36
CA ASP A 61 -6.04 -0.60 12.99
C ASP A 61 -6.63 -1.56 11.96
N ASP A 62 -7.11 -1.02 10.87
CA ASP A 62 -7.72 -1.83 9.82
C ASP A 62 -6.65 -2.31 8.85
N VAL A 63 -5.68 -1.44 8.56
CA VAL A 63 -4.64 -1.74 7.58
C VAL A 63 -3.72 -2.88 8.02
N LYS A 64 -3.66 -3.12 9.34
CA LYS A 64 -2.78 -4.14 9.92
C LYS A 64 -3.04 -5.58 9.40
N ASN A 65 -4.08 -5.74 8.61
CA ASN A 65 -4.48 -7.04 8.11
C ASN A 65 -3.87 -7.32 6.77
N LEU A 66 -3.09 -6.39 6.26
CA LEU A 66 -2.47 -6.57 4.97
C LEU A 66 -1.22 -7.42 5.11
N LYS A 67 -0.67 -7.81 3.99
CA LYS A 67 0.53 -8.58 3.94
C LYS A 67 1.28 -8.16 2.71
N THR A 68 0.79 -8.58 1.57
CA THR A 68 1.40 -8.22 0.34
C THR A 68 0.54 -7.20 -0.32
N VAL A 69 0.88 -6.79 -1.50
CA VAL A 69 0.01 -5.91 -2.21
C VAL A 69 -1.08 -6.70 -2.91
N GLY A 70 -0.92 -8.02 -2.95
CA GLY A 70 -1.96 -8.86 -3.52
C GLY A 70 -3.14 -8.82 -2.60
N ASP A 71 -2.83 -8.78 -1.31
CA ASP A 71 -3.81 -8.60 -0.25
C ASP A 71 -4.36 -7.21 -0.37
N ALA A 72 -3.42 -6.24 -0.37
CA ALA A 72 -3.74 -4.82 -0.43
C ALA A 72 -4.67 -4.45 -1.56
N THR A 73 -4.38 -4.92 -2.77
CA THR A 73 -5.19 -4.62 -3.96
C THR A 73 -6.68 -4.91 -3.70
N LYS A 74 -7.02 -6.17 -3.43
CA LYS A 74 -8.41 -6.58 -3.20
C LYS A 74 -9.00 -5.89 -1.97
N TYR A 75 -8.17 -5.67 -0.99
CA TYR A 75 -8.58 -5.11 0.27
C TYR A 75 -8.91 -3.63 0.11
N ILE A 76 -8.04 -2.95 -0.57
CA ILE A 76 -8.18 -1.55 -0.83
C ILE A 76 -9.37 -1.34 -1.75
N LEU A 77 -9.50 -2.19 -2.77
CA LEU A 77 -10.65 -2.12 -3.67
C LEU A 77 -11.96 -2.29 -2.90
N ASP A 78 -11.94 -3.23 -1.97
CA ASP A 78 -13.07 -3.51 -1.07
C ASP A 78 -13.42 -2.29 -0.21
N HIS A 79 -12.41 -1.51 0.13
CA HIS A 79 -12.59 -0.28 0.90
C HIS A 79 -12.87 0.93 0.03
N GLN A 80 -12.83 0.75 -1.27
CA GLN A 80 -13.02 1.85 -2.20
C GLN A 80 -14.44 2.04 -2.61
N ALA A 81 -14.70 3.22 -3.07
CA ALA A 81 -15.93 3.60 -3.63
C ALA A 81 -15.60 4.38 -4.88
C1 SOO B . 0.84 -3.51 7.57
O1 SOO B . -0.36 -3.26 7.62
S1 SOO B . 1.67 -4.41 8.81
C2 SOO B . 1.64 -2.91 6.49
C3 SOO B . 1.11 -1.96 5.70
C4 SOO B . 1.97 -1.25 4.71
C5 SOO B . 1.27 -0.06 4.08
C6 SOO B . 0.02 -0.46 3.30
C7 SOO B . -0.64 0.75 2.65
C8 SOO B . -1.86 0.32 1.89
O23 SOO B . 9.12 0.07 13.14
P24 SOO B . 9.18 -1.41 12.95
O26 SOO B . 10.44 -2.12 13.29
O27 SOO B . 8.03 -2.05 13.72
C28 SOO B . 6.71 -1.60 13.33
C29 SOO B . 5.64 -2.59 13.70
C30 SOO B . 6.11 -3.94 13.18
C31 SOO B . 5.42 -2.63 15.22
C32 SOO B . 4.30 -2.23 12.97
O33 SOO B . 3.27 -3.21 13.19
C34 SOO B . 3.71 -0.86 13.30
O35 SOO B . 4.38 0.14 13.61
N36 SOO B . 2.45 -0.88 13.17
C37 SOO B . 1.49 0.20 13.34
C38 SOO B . 0.04 -0.32 13.46
C39 SOO B . -0.23 -1.63 12.71
O40 SOO B . -0.94 -2.51 13.18
N41 SOO B . 0.40 -1.75 11.56
C42 SOO B . 0.37 -2.91 10.66
C43 SOO B . 1.73 -3.17 10.02
H2 SOO B . 2.71 -3.14 6.40
H3 SOO B . 0.03 -1.71 5.77
H4 SOO B . 2.85 -0.90 5.21
H4A SOO B . 2.24 -1.95 3.94
H5 SOO B . 1.95 0.43 3.40
H5A SOO B . 0.97 0.63 4.85
H6 SOO B . -0.68 -0.93 3.97
H6A SOO B . 0.30 -1.16 2.53
H7 SOO B . 0.05 1.21 1.96
H7A SOO B . -0.92 1.46 3.43
H8 SOO B . -2.32 1.18 1.44
H8A SOO B . -2.56 -0.14 2.56
H8B SOO B . -1.58 -0.38 1.13
H28 SOO B . 6.51 -0.66 13.84
H28A SOO B . 6.69 -1.44 12.26
H30 SOO B . 5.34 -4.69 13.31
H30A SOO B . 7.00 -4.23 13.74
H30B SOO B . 6.38 -3.84 12.14
H31 SOO B . 6.35 -2.92 15.70
H31A SOO B . 4.65 -3.35 15.46
H31B SOO B . 5.12 -1.66 15.56
H32 SOO B . 4.47 -2.23 11.91
HO33 SOO B . 3.47 -3.72 13.98
HN36 SOO B . 2.13 -1.77 12.89
H37 SOO B . 1.75 0.87 14.14
H37A SOO B . 1.49 0.77 12.42
H38 SOO B . -0.15 -0.59 14.49
H38A SOO B . -0.63 0.43 13.08
HN41 SOO B . 0.97 -0.99 11.32
H42 SOO B . 0.07 -3.79 11.22
H42A SOO B . -0.35 -2.73 9.88
H43 SOO B . 2.45 -3.43 10.78
H43A SOO B . 2.04 -2.24 9.55
N ALA A 1 -12.65 5.10 -9.15
CA ALA A 1 -12.13 3.95 -8.43
C ALA A 1 -10.76 3.62 -8.97
N ALA A 2 -10.12 2.65 -8.42
CA ALA A 2 -8.82 2.25 -8.86
C ALA A 2 -8.87 0.83 -9.40
N THR A 3 -7.74 0.34 -9.82
CA THR A 3 -7.59 -1.02 -10.29
C THR A 3 -6.35 -1.61 -9.60
N GLN A 4 -5.90 -2.75 -10.06
CA GLN A 4 -4.72 -3.35 -9.53
C GLN A 4 -3.53 -2.59 -10.05
N GLU A 5 -3.61 -2.13 -11.30
CA GLU A 5 -2.56 -1.34 -11.91
C GLU A 5 -2.39 -0.04 -11.14
N GLU A 6 -3.51 0.59 -10.80
CA GLU A 6 -3.47 1.87 -10.09
C GLU A 6 -2.92 1.71 -8.69
N ILE A 7 -3.40 0.71 -7.97
CA ILE A 7 -2.96 0.48 -6.60
C ILE A 7 -1.49 0.14 -6.54
N VAL A 8 -1.12 -0.96 -7.13
CA VAL A 8 0.25 -1.49 -7.09
C VAL A 8 1.28 -0.44 -7.56
N ALA A 9 1.11 0.07 -8.76
CA ALA A 9 2.03 1.05 -9.33
C ALA A 9 2.06 2.35 -8.52
N GLY A 10 0.91 2.76 -8.01
CA GLY A 10 0.82 3.99 -7.28
C GLY A 10 1.38 3.86 -5.89
N LEU A 11 1.15 2.69 -5.31
CA LEU A 11 1.61 2.34 -3.99
C LEU A 11 3.11 2.50 -3.93
N ALA A 12 3.76 1.97 -4.95
CA ALA A 12 5.19 2.03 -5.07
C ALA A 12 5.74 3.45 -5.10
N GLU A 13 4.97 4.37 -5.67
CA GLU A 13 5.37 5.77 -5.70
C GLU A 13 5.41 6.35 -4.29
N ILE A 14 4.36 6.12 -3.52
CA ILE A 14 4.29 6.60 -2.13
C ILE A 14 5.34 5.85 -1.28
N VAL A 15 5.48 4.56 -1.54
CA VAL A 15 6.48 3.73 -0.89
C VAL A 15 7.87 4.30 -1.09
N ASN A 16 8.17 4.70 -2.30
CA ASN A 16 9.49 5.20 -2.66
C ASN A 16 9.82 6.47 -1.87
N GLU A 17 8.81 7.26 -1.59
CA GLU A 17 8.97 8.49 -0.83
C GLU A 17 9.31 8.19 0.63
N ILE A 18 8.46 7.40 1.23
CA ILE A 18 8.53 7.12 2.65
C ILE A 18 9.56 6.03 3.00
N ALA A 19 9.47 4.89 2.35
CA ALA A 19 10.35 3.77 2.67
C ALA A 19 11.58 3.74 1.78
N GLY A 20 11.43 4.24 0.56
CA GLY A 20 12.55 4.29 -0.36
C GLY A 20 12.64 3.05 -1.22
N ILE A 21 11.69 2.17 -1.07
CA ILE A 21 11.65 0.94 -1.85
C ILE A 21 11.28 1.30 -3.29
N PRO A 22 12.04 0.77 -4.28
CA PRO A 22 11.85 1.05 -5.72
C PRO A 22 10.39 1.05 -6.17
N VAL A 23 10.08 1.91 -7.13
CA VAL A 23 8.71 2.13 -7.62
C VAL A 23 8.21 1.01 -8.55
N GLU A 24 8.89 -0.09 -8.54
CA GLU A 24 8.51 -1.23 -9.33
C GLU A 24 8.69 -2.47 -8.50
N ASP A 25 9.07 -2.27 -7.26
CA ASP A 25 9.42 -3.38 -6.41
C ASP A 25 8.30 -3.73 -5.47
N VAL A 26 7.26 -2.94 -5.49
CA VAL A 26 6.13 -3.15 -4.64
C VAL A 26 5.13 -3.94 -5.47
N LYS A 27 5.55 -5.15 -5.78
CA LYS A 27 4.81 -6.06 -6.62
C LYS A 27 3.80 -6.83 -5.79
N LEU A 28 2.81 -7.44 -6.45
CA LEU A 28 1.75 -8.20 -5.81
C LEU A 28 2.30 -9.25 -4.83
N ASP A 29 3.40 -9.86 -5.21
CA ASP A 29 4.03 -10.94 -4.46
C ASP A 29 5.02 -10.44 -3.42
N LYS A 30 5.01 -9.16 -3.14
CA LYS A 30 5.98 -8.61 -2.22
C LYS A 30 5.26 -8.24 -0.93
N SER A 31 5.67 -8.84 0.14
CA SER A 31 5.10 -8.57 1.42
C SER A 31 5.73 -7.31 2.02
N PHE A 32 4.87 -6.42 2.49
CA PHE A 32 5.26 -5.13 3.05
C PHE A 32 6.20 -5.34 4.19
N THR A 33 5.67 -5.83 5.25
CA THR A 33 6.40 -6.00 6.43
C THR A 33 6.97 -7.42 6.50
N ASP A 34 7.93 -7.65 5.60
CA ASP A 34 8.65 -8.90 5.47
C ASP A 34 9.76 -8.75 4.45
N ASP A 35 9.37 -8.46 3.22
CA ASP A 35 10.32 -8.46 2.13
C ASP A 35 10.67 -7.05 1.70
N LEU A 36 9.73 -6.15 1.87
CA LEU A 36 9.94 -4.77 1.45
C LEU A 36 10.49 -3.91 2.58
N ASP A 37 9.76 -3.89 3.68
CA ASP A 37 10.01 -3.02 4.84
C ASP A 37 9.59 -1.61 4.51
N VAL A 38 8.55 -1.17 5.15
CA VAL A 38 8.01 0.15 4.90
C VAL A 38 8.27 1.00 6.15
N ASP A 39 9.43 0.70 6.77
CA ASP A 39 9.94 1.34 8.01
C ASP A 39 9.01 1.04 9.21
N SER A 40 8.04 0.16 8.94
CA SER A 40 7.03 -0.42 9.84
C SER A 40 6.14 0.54 10.63
N LEU A 41 6.68 1.59 11.13
CA LEU A 41 5.89 2.60 11.76
C LEU A 41 5.38 3.58 10.71
N SER A 42 6.19 3.74 9.67
CA SER A 42 5.89 4.65 8.60
C SER A 42 4.95 4.08 7.57
N MET A 43 4.69 2.78 7.62
CA MET A 43 3.74 2.19 6.70
C MET A 43 2.35 2.82 6.82
N VAL A 44 2.02 3.29 8.03
CA VAL A 44 0.76 3.97 8.28
C VAL A 44 0.69 5.23 7.43
N GLU A 45 1.81 5.91 7.36
CA GLU A 45 1.95 7.14 6.63
C GLU A 45 1.73 6.87 5.14
N VAL A 46 2.35 5.79 4.63
CA VAL A 46 2.07 5.28 3.28
C VAL A 46 0.55 5.09 3.10
N VAL A 47 -0.08 4.37 4.03
CA VAL A 47 -1.54 4.14 4.03
C VAL A 47 -2.30 5.45 3.87
N VAL A 48 -2.08 6.41 4.77
CA VAL A 48 -2.74 7.73 4.72
C VAL A 48 -2.59 8.41 3.33
N ALA A 49 -1.41 8.30 2.76
CA ALA A 49 -1.14 8.90 1.46
C ALA A 49 -1.82 8.09 0.35
N ALA A 50 -1.94 6.80 0.56
CA ALA A 50 -2.65 5.93 -0.35
C ALA A 50 -4.14 6.23 -0.27
N GLU A 51 -4.58 6.58 0.94
CA GLU A 51 -5.94 7.00 1.19
C GLU A 51 -6.23 8.28 0.43
N GLU A 52 -5.21 9.06 0.23
CA GLU A 52 -5.31 10.27 -0.56
C GLU A 52 -5.29 9.89 -2.05
N ARG A 53 -4.32 9.05 -2.40
CA ARG A 53 -4.05 8.57 -3.76
C ARG A 53 -5.29 7.96 -4.46
N PHE A 54 -5.95 7.00 -3.80
CA PHE A 54 -7.09 6.30 -4.44
C PHE A 54 -8.40 6.79 -3.87
N ASP A 55 -8.28 7.50 -2.78
CA ASP A 55 -9.38 7.81 -1.89
C ASP A 55 -9.90 6.54 -1.28
N VAL A 56 -9.12 6.02 -0.39
CA VAL A 56 -9.48 4.84 0.29
C VAL A 56 -9.61 5.19 1.75
N LYS A 57 -10.08 4.30 2.53
CA LYS A 57 -10.24 4.51 3.96
C LYS A 57 -9.85 3.25 4.70
N ILE A 58 -8.66 3.26 5.25
CA ILE A 58 -8.13 2.11 5.96
C ILE A 58 -7.40 2.58 7.23
N PRO A 59 -8.05 2.49 8.40
CA PRO A 59 -7.42 2.87 9.67
C PRO A 59 -6.25 1.93 10.04
N ASP A 60 -5.42 2.36 10.97
CA ASP A 60 -4.22 1.60 11.41
C ASP A 60 -4.56 0.25 11.99
N ASP A 61 -5.70 0.14 12.63
CA ASP A 61 -6.09 -1.13 13.24
C ASP A 61 -6.57 -2.10 12.17
N ASP A 62 -6.97 -1.55 11.05
CA ASP A 62 -7.50 -2.34 9.96
C ASP A 62 -6.34 -2.84 9.13
N VAL A 63 -5.45 -1.90 8.78
CA VAL A 63 -4.28 -2.13 7.93
C VAL A 63 -3.37 -3.25 8.48
N LYS A 64 -3.46 -3.50 9.78
CA LYS A 64 -2.69 -4.54 10.47
C LYS A 64 -2.90 -5.95 9.84
N ASN A 65 -3.95 -6.10 9.05
CA ASN A 65 -4.28 -7.38 8.47
C ASN A 65 -3.66 -7.56 7.09
N LEU A 66 -2.89 -6.59 6.67
CA LEU A 66 -2.27 -6.65 5.36
C LEU A 66 -0.99 -7.44 5.41
N LYS A 67 -0.52 -7.83 4.24
CA LYS A 67 0.71 -8.57 4.13
C LYS A 67 1.42 -8.23 2.83
N THR A 68 0.88 -8.69 1.72
CA THR A 68 1.42 -8.39 0.42
C THR A 68 0.58 -7.29 -0.19
N VAL A 69 0.93 -6.84 -1.38
CA VAL A 69 0.07 -5.88 -2.04
C VAL A 69 -1.04 -6.58 -2.77
N GLY A 70 -0.92 -7.90 -2.89
CA GLY A 70 -1.95 -8.69 -3.52
C GLY A 70 -3.21 -8.59 -2.71
N ASP A 71 -3.05 -8.77 -1.41
CA ASP A 71 -4.16 -8.65 -0.49
C ASP A 71 -4.61 -7.21 -0.45
N ALA A 72 -3.62 -6.31 -0.34
CA ALA A 72 -3.86 -4.87 -0.26
C ALA A 72 -4.64 -4.36 -1.46
N THR A 73 -4.43 -4.94 -2.64
CA THR A 73 -5.13 -4.52 -3.84
C THR A 73 -6.66 -4.65 -3.65
N LYS A 74 -7.17 -5.87 -3.45
CA LYS A 74 -8.62 -6.07 -3.26
C LYS A 74 -9.13 -5.37 -2.03
N TYR A 75 -8.24 -5.25 -1.08
CA TYR A 75 -8.53 -4.67 0.20
C TYR A 75 -8.82 -3.16 0.02
N ILE A 76 -7.95 -2.50 -0.72
CA ILE A 76 -8.09 -1.10 -1.04
C ILE A 76 -9.26 -0.91 -1.98
N LEU A 77 -9.39 -1.81 -2.94
CA LEU A 77 -10.51 -1.76 -3.90
C LEU A 77 -11.86 -1.84 -3.18
N ASP A 78 -11.89 -2.52 -2.07
CA ASP A 78 -13.11 -2.62 -1.28
C ASP A 78 -13.27 -1.41 -0.35
N HIS A 79 -12.20 -1.06 0.36
CA HIS A 79 -12.25 0.06 1.33
C HIS A 79 -12.32 1.43 0.67
N GLN A 80 -12.22 1.50 -0.63
CA GLN A 80 -12.32 2.76 -1.32
C GLN A 80 -13.77 3.03 -1.64
N ALA A 81 -14.11 4.31 -1.70
CA ALA A 81 -15.48 4.78 -1.85
C ALA A 81 -16.32 4.25 -0.70
C1 SOO B . 1.38 -4.12 7.88
O1 SOO B . 0.38 -4.80 7.68
S1 SOO B . 2.54 -4.52 9.12
C2 SOO B . 1.66 -3.00 6.98
C3 SOO B . 0.84 -2.74 5.97
C4 SOO B . 1.06 -1.59 5.06
C5 SOO B . -0.04 -1.53 4.04
C6 SOO B . 0.04 -0.36 3.09
C7 SOO B . -1.14 -0.39 2.15
C8 SOO B . -1.08 0.75 1.17
O23 SOO B . 10.05 -1.22 13.57
P24 SOO B . 9.25 -1.97 12.54
O26 SOO B . 9.91 -3.05 11.76
O27 SOO B . 7.99 -2.60 13.27
C28 SOO B . 7.09 -1.70 14.05
C29 SOO B . 5.89 -2.47 14.62
C30 SOO B . 5.13 -3.09 13.45
C31 SOO B . 6.40 -3.58 15.54
C32 SOO B . 4.96 -1.51 15.47
O33 SOO B . 5.70 -1.01 16.60
C34 SOO B . 4.48 -0.29 14.66
O35 SOO B . 5.07 0.80 14.78
N36 SOO B . 3.41 -0.45 13.88
C37 SOO B . 2.81 0.60 13.07
C38 SOO B . 1.29 0.41 12.93
C39 SOO B . 0.85 -0.93 12.35
O40 SOO B . -0.21 -1.45 12.66
N41 SOO B . 1.70 -1.45 11.51
C42 SOO B . 1.53 -2.72 10.81
C43 SOO B . 2.70 -2.96 9.88
H2 SOO B . 2.56 -2.38 7.13
H3 SOO B . -0.06 -3.38 5.83
H4 SOO B . 1.07 -0.68 5.63
H4A SOO B . 2.01 -1.72 4.55
H5 SOO B . -0.99 -1.48 4.57
H5A SOO B . -0.03 -2.44 3.46
H6 SOO B . 0.95 -0.43 2.51
H6A SOO B . 0.03 0.57 3.66
H7 SOO B . -2.06 -0.29 2.71
H7A SOO B . -1.14 -1.32 1.60
H8 SOO B . -0.17 0.66 0.59
H8A SOO B . -1.09 1.70 1.70
H8B SOO B . -1.92 0.68 0.51
H28 SOO B . 7.67 -1.27 14.85
H28A SOO B . 6.73 -0.91 13.40
H30 SOO B . 4.78 -2.29 12.81
H30A SOO B . 4.28 -3.63 13.84
H30B SOO B . 5.77 -3.75 12.91
H31 SOO B . 6.97 -3.14 16.35
H31A SOO B . 7.03 -4.26 14.98
H31B SOO B . 5.56 -4.12 15.95
H32 SOO B . 4.12 -2.06 15.83
HO33 SOO B . 5.75 -0.06 16.42
HN36 SOO B . 2.96 -1.33 13.84
H37 SOO B . 3.00 1.56 13.53
H37A SOO B . 3.27 0.60 12.10
H38 SOO B . 0.82 0.52 13.89
H38A SOO B . 0.97 1.18 12.24
HN41 SOO B . 2.50 -0.93 11.34
H42 SOO B . 1.50 -3.51 11.55
H42A SOO B . 0.61 -2.70 10.24
H43 SOO B . 3.63 -2.93 10.44
H43A SOO B . 2.67 -2.17 9.13
N ALA A 1 -11.82 5.15 -5.93
CA ALA A 1 -11.71 4.02 -6.85
C ALA A 1 -10.39 4.06 -7.59
N ALA A 2 -9.80 2.89 -7.75
CA ALA A 2 -8.55 2.71 -8.46
C ALA A 2 -8.46 1.25 -8.85
N THR A 3 -7.79 0.96 -9.93
CA THR A 3 -7.60 -0.40 -10.35
C THR A 3 -6.47 -1.06 -9.57
N GLN A 4 -6.20 -2.32 -9.89
CA GLN A 4 -5.11 -3.06 -9.31
C GLN A 4 -3.80 -2.38 -9.63
N GLU A 5 -3.67 -1.94 -10.87
CA GLU A 5 -2.46 -1.30 -11.33
C GLU A 5 -2.26 0.02 -10.57
N GLU A 6 -3.34 0.76 -10.36
CA GLU A 6 -3.28 2.03 -9.67
C GLU A 6 -2.91 1.82 -8.21
N ILE A 7 -3.38 0.73 -7.64
CA ILE A 7 -3.01 0.36 -6.28
C ILE A 7 -1.52 0.02 -6.22
N VAL A 8 -1.14 -1.00 -6.95
CA VAL A 8 0.23 -1.49 -7.00
C VAL A 8 1.24 -0.38 -7.39
N ALA A 9 1.03 0.27 -8.51
CA ALA A 9 1.92 1.33 -8.98
C ALA A 9 1.82 2.57 -8.09
N GLY A 10 0.63 2.84 -7.58
CA GLY A 10 0.42 3.99 -6.74
C GLY A 10 1.18 3.87 -5.43
N LEU A 11 0.99 2.73 -4.78
CA LEU A 11 1.65 2.39 -3.53
C LEU A 11 3.12 2.64 -3.57
N ALA A 12 3.76 2.12 -4.59
CA ALA A 12 5.20 2.17 -4.74
C ALA A 12 5.77 3.58 -4.71
N GLU A 13 5.03 4.56 -5.20
CA GLU A 13 5.51 5.93 -5.21
C GLU A 13 5.51 6.52 -3.80
N ILE A 14 4.46 6.23 -3.05
CA ILE A 14 4.37 6.70 -1.67
C ILE A 14 5.34 5.90 -0.82
N VAL A 15 5.44 4.61 -1.11
CA VAL A 15 6.39 3.74 -0.45
C VAL A 15 7.81 4.27 -0.69
N ASN A 16 8.03 4.76 -1.88
CA ASN A 16 9.33 5.27 -2.28
C ASN A 16 9.72 6.51 -1.50
N GLU A 17 8.79 7.44 -1.35
CA GLU A 17 9.10 8.70 -0.69
C GLU A 17 9.17 8.56 0.85
N ILE A 18 8.51 7.55 1.42
CA ILE A 18 8.53 7.39 2.88
C ILE A 18 9.44 6.23 3.32
N ALA A 19 9.22 5.04 2.77
CA ALA A 19 9.96 3.86 3.20
C ALA A 19 11.25 3.68 2.42
N GLY A 20 11.27 4.15 1.20
CA GLY A 20 12.46 4.05 0.40
C GLY A 20 12.55 2.74 -0.33
N ILE A 21 11.49 2.37 -1.01
CA ILE A 21 11.46 1.16 -1.81
C ILE A 21 11.15 1.58 -3.25
N PRO A 22 11.89 1.03 -4.23
CA PRO A 22 11.72 1.35 -5.67
C PRO A 22 10.24 1.35 -6.14
N VAL A 23 9.94 2.29 -7.03
CA VAL A 23 8.58 2.49 -7.57
C VAL A 23 8.15 1.42 -8.59
N GLU A 24 8.88 0.35 -8.59
CA GLU A 24 8.64 -0.76 -9.47
C GLU A 24 8.86 -2.04 -8.71
N ASP A 25 8.97 -1.93 -7.41
CA ASP A 25 9.33 -3.08 -6.62
C ASP A 25 8.17 -3.56 -5.75
N VAL A 26 7.18 -2.71 -5.59
CA VAL A 26 6.04 -3.00 -4.79
C VAL A 26 5.01 -3.62 -5.72
N LYS A 27 5.20 -4.88 -5.98
CA LYS A 27 4.38 -5.61 -6.92
C LYS A 27 3.53 -6.68 -6.22
N LEU A 28 2.55 -7.24 -6.96
CA LEU A 28 1.49 -8.14 -6.41
C LEU A 28 1.95 -9.26 -5.47
N ASP A 29 3.04 -9.90 -5.78
CA ASP A 29 3.47 -11.06 -5.00
C ASP A 29 4.39 -10.65 -3.84
N LYS A 30 4.55 -9.36 -3.63
CA LYS A 30 5.46 -8.88 -2.63
C LYS A 30 4.72 -8.46 -1.39
N SER A 31 5.22 -8.92 -0.29
CA SER A 31 4.67 -8.65 0.99
C SER A 31 5.35 -7.43 1.59
N PHE A 32 4.54 -6.50 2.08
CA PHE A 32 5.01 -5.29 2.75
C PHE A 32 5.88 -5.71 3.92
N THR A 33 5.29 -6.47 4.78
CA THR A 33 5.88 -6.87 6.02
C THR A 33 6.76 -8.14 5.88
N ASP A 34 7.50 -8.24 4.76
CA ASP A 34 8.42 -9.37 4.52
C ASP A 34 9.41 -9.05 3.42
N ASP A 35 8.93 -8.77 2.22
CA ASP A 35 9.80 -8.53 1.07
C ASP A 35 10.27 -7.12 1.04
N LEU A 36 9.32 -6.23 1.12
CA LEU A 36 9.55 -4.81 0.95
C LEU A 36 10.16 -4.19 2.19
N ASP A 37 9.46 -4.34 3.30
CA ASP A 37 9.75 -3.67 4.57
C ASP A 37 9.50 -2.20 4.42
N VAL A 38 8.42 -1.76 4.99
CA VAL A 38 7.98 -0.40 4.81
C VAL A 38 8.36 0.43 6.05
N ASP A 39 9.58 0.15 6.58
CA ASP A 39 10.19 0.85 7.74
C ASP A 39 9.40 0.64 9.06
N SER A 40 8.30 -0.09 8.91
CA SER A 40 7.36 -0.56 9.92
C SER A 40 6.64 0.50 10.77
N LEU A 41 7.29 1.52 11.19
CA LEU A 41 6.60 2.57 11.92
C LEU A 41 6.00 3.61 10.98
N SER A 42 6.71 3.88 9.90
CA SER A 42 6.33 4.90 8.96
C SER A 42 5.31 4.40 7.94
N MET A 43 5.11 3.09 7.89
CA MET A 43 4.14 2.50 6.97
C MET A 43 2.74 3.11 7.10
N VAL A 44 2.39 3.57 8.30
CA VAL A 44 1.10 4.24 8.53
C VAL A 44 1.04 5.53 7.71
N GLU A 45 2.17 6.22 7.65
CA GLU A 45 2.30 7.45 6.91
C GLU A 45 2.15 7.15 5.42
N VAL A 46 2.77 6.04 4.98
CA VAL A 46 2.56 5.51 3.63
C VAL A 46 1.05 5.33 3.38
N VAL A 47 0.37 4.57 4.25
CA VAL A 47 -1.09 4.29 4.16
C VAL A 47 -1.87 5.57 3.84
N VAL A 48 -1.73 6.57 4.72
CA VAL A 48 -2.42 7.85 4.58
C VAL A 48 -2.27 8.44 3.15
N ALA A 49 -1.07 8.36 2.60
CA ALA A 49 -0.80 8.94 1.31
C ALA A 49 -1.12 7.97 0.16
N ALA A 50 -1.11 6.68 0.45
CA ALA A 50 -1.42 5.66 -0.54
C ALA A 50 -2.92 5.65 -0.76
N GLU A 51 -3.65 5.56 0.33
CA GLU A 51 -5.08 5.64 0.35
C GLU A 51 -5.58 6.95 -0.27
N GLU A 52 -4.76 7.98 -0.15
CA GLU A 52 -5.05 9.30 -0.70
C GLU A 52 -4.96 9.26 -2.26
N ARG A 53 -4.24 8.27 -2.77
CA ARG A 53 -4.02 8.08 -4.22
C ARG A 53 -5.20 7.33 -4.84
N PHE A 54 -5.66 6.28 -4.16
CA PHE A 54 -6.69 5.39 -4.72
C PHE A 54 -8.08 5.92 -4.43
N ASP A 55 -8.11 6.97 -3.65
CA ASP A 55 -9.33 7.51 -3.09
C ASP A 55 -10.01 6.43 -2.27
N VAL A 56 -9.38 6.14 -1.19
CA VAL A 56 -9.82 5.20 -0.23
C VAL A 56 -9.37 5.71 1.12
N LYS A 57 -9.81 5.12 2.16
CA LYS A 57 -9.54 5.58 3.50
C LYS A 57 -9.44 4.37 4.38
N ILE A 58 -8.25 3.98 4.73
CA ILE A 58 -8.05 2.82 5.56
C ILE A 58 -7.21 3.25 6.77
N PRO A 59 -7.77 3.15 7.97
CA PRO A 59 -7.06 3.52 9.19
C PRO A 59 -5.98 2.50 9.57
N ASP A 60 -5.03 2.93 10.40
CA ASP A 60 -3.88 2.12 10.82
C ASP A 60 -4.28 0.75 11.38
N ASP A 61 -5.32 0.70 12.20
CA ASP A 61 -5.74 -0.59 12.78
C ASP A 61 -6.21 -1.58 11.74
N ASP A 62 -6.77 -1.06 10.68
CA ASP A 62 -7.29 -1.90 9.62
C ASP A 62 -6.19 -2.34 8.67
N VAL A 63 -5.19 -1.49 8.47
CA VAL A 63 -4.10 -1.80 7.56
C VAL A 63 -3.14 -2.84 8.15
N LYS A 64 -3.14 -2.96 9.49
CA LYS A 64 -2.27 -3.92 10.23
C LYS A 64 -2.57 -5.39 9.87
N ASN A 65 -3.55 -5.61 9.04
CA ASN A 65 -3.98 -6.94 8.62
C ASN A 65 -3.59 -7.25 7.20
N LEU A 66 -2.83 -6.39 6.59
CA LEU A 66 -2.38 -6.60 5.24
C LEU A 66 -1.06 -7.36 5.23
N LYS A 67 -0.75 -8.03 4.14
CA LYS A 67 0.56 -8.63 4.01
C LYS A 67 1.20 -8.29 2.68
N THR A 68 0.60 -8.74 1.60
CA THR A 68 1.14 -8.44 0.30
C THR A 68 0.35 -7.32 -0.32
N VAL A 69 0.75 -6.86 -1.49
CA VAL A 69 -0.08 -5.91 -2.15
C VAL A 69 -1.20 -6.62 -2.86
N GLY A 70 -1.09 -7.93 -2.98
CA GLY A 70 -2.16 -8.73 -3.52
C GLY A 70 -3.29 -8.67 -2.53
N ASP A 71 -2.95 -8.92 -1.27
CA ASP A 71 -3.88 -8.86 -0.15
C ASP A 71 -4.41 -7.43 -0.04
N ALA A 72 -3.52 -6.47 -0.22
CA ALA A 72 -3.87 -5.06 -0.17
C ALA A 72 -4.83 -4.68 -1.28
N THR A 73 -4.53 -5.05 -2.53
CA THR A 73 -5.34 -4.68 -3.69
C THR A 73 -6.84 -4.99 -3.47
N LYS A 74 -7.15 -6.28 -3.24
CA LYS A 74 -8.54 -6.74 -3.04
C LYS A 74 -9.18 -6.03 -1.85
N TYR A 75 -8.37 -5.78 -0.85
CA TYR A 75 -8.79 -5.16 0.38
C TYR A 75 -9.16 -3.71 0.13
N ILE A 76 -8.26 -3.00 -0.53
CA ILE A 76 -8.44 -1.61 -0.88
C ILE A 76 -9.65 -1.47 -1.79
N LEU A 77 -9.75 -2.35 -2.78
CA LEU A 77 -10.87 -2.37 -3.72
C LEU A 77 -12.22 -2.43 -2.99
N ASP A 78 -12.29 -3.22 -1.92
CA ASP A 78 -13.54 -3.39 -1.18
C ASP A 78 -13.79 -2.16 -0.29
N HIS A 79 -12.73 -1.62 0.27
CA HIS A 79 -12.82 -0.45 1.16
C HIS A 79 -13.07 0.86 0.43
N GLN A 80 -12.67 0.93 -0.82
CA GLN A 80 -12.82 2.14 -1.58
C GLN A 80 -14.13 2.17 -2.30
N ALA A 81 -14.55 3.33 -2.64
CA ALA A 81 -15.66 3.54 -3.49
C ALA A 81 -15.06 3.93 -4.83
C1 SOO B . 1.04 -4.13 6.65
O1 SOO B . 0.51 -4.75 5.74
S1 SOO B . 1.00 -4.69 8.32
C2 SOO B . 1.63 -2.83 6.32
C3 SOO B . 1.23 -2.14 5.24
C4 SOO B . 1.98 -0.92 4.84
C5 SOO B . 1.07 0.11 4.17
C6 SOO B . 0.22 -0.48 3.04
C7 SOO B . -0.74 0.57 2.49
C8 SOO B . -1.63 -0.07 1.45
O23 SOO B . 10.56 -1.84 13.44
P24 SOO B . 9.78 -2.42 12.30
O26 SOO B . 10.52 -3.26 11.31
O27 SOO B . 8.60 -3.29 12.88
C28 SOO B . 7.66 -2.70 13.88
C29 SOO B . 6.54 -3.72 14.17
C30 SOO B . 5.73 -3.93 12.90
C31 SOO B . 7.16 -5.06 14.58
C32 SOO B . 5.60 -3.24 15.39
O33 SOO B . 6.36 -3.18 16.58
C34 SOO B . 4.92 -1.87 15.24
O35 SOO B . 5.14 -1.01 16.09
N36 SOO B . 4.11 -1.67 14.23
C37 SOO B . 3.37 -0.42 14.01
C38 SOO B . 2.73 -0.40 12.64
C39 SOO B . 1.95 -1.67 12.33
O40 SOO B . 1.20 -2.21 13.15
N41 SOO B . 2.17 -2.13 11.12
C42 SOO B . 1.58 -3.32 10.55
C43 SOO B . 1.71 -3.30 9.05
H2 SOO B . 2.18 -2.22 7.06
H3 SOO B . 0.69 -2.68 4.45
H4 SOO B . 2.42 -0.48 5.71
H4A SOO B . 2.76 -1.21 4.13
H5 SOO B . 1.68 0.91 3.78
H5A SOO B . 0.41 0.51 4.91
H6 SOO B . -0.34 -1.31 3.43
H6A SOO B . 0.87 -0.81 2.25
H7 SOO B . -0.18 1.36 2.01
H7A SOO B . -1.34 0.96 3.29
H8 SOO B . -2.20 -0.87 1.91
H8A SOO B . -1.04 -0.47 0.64
H8B SOO B . -2.31 0.67 1.05
H28 SOO B . 8.20 -2.42 14.75
H28A SOO B . 7.21 -1.82 13.44
H30 SOO B . 5.33 -2.98 12.56
H30A SOO B . 4.91 -4.60 13.09
H30B SOO B . 6.36 -4.34 12.14
H31 SOO B . 6.37 -5.77 14.80
H31A SOO B . 7.77 -4.92 15.47
H31B SOO B . 7.77 -5.43 13.78
H32 SOO B . 4.80 -3.95 15.51
HO33 SOO B . 6.36 -2.23 16.78
HN36 SOO B . 3.92 -2.38 13.57
H37 SOO B . 2.59 -0.37 14.75
H37A SOO B . 4.04 0.42 14.11
H38 SOO B . 2.10 0.46 12.55
H38A SOO B . 3.53 -0.31 11.91
HN41 SOO B . 2.79 -1.63 10.56
H42 SOO B . 2.08 -4.19 10.95
H42A SOO B . 0.52 -3.36 10.81
H43 SOO B . 2.77 -3.28 8.81
H43A SOO B . 1.23 -2.41 8.67
N ALA A 1 -10.65 6.50 -7.01
CA ALA A 1 -10.66 5.05 -7.08
C ALA A 1 -9.33 4.60 -7.63
N ALA A 2 -9.14 3.30 -7.83
CA ALA A 2 -7.89 2.79 -8.35
C ALA A 2 -8.06 1.37 -8.81
N THR A 3 -7.41 1.02 -9.89
CA THR A 3 -7.40 -0.34 -10.37
C THR A 3 -6.29 -1.11 -9.68
N GLN A 4 -6.08 -2.37 -10.05
CA GLN A 4 -4.95 -3.14 -9.53
C GLN A 4 -3.66 -2.47 -9.95
N GLU A 5 -3.67 -1.98 -11.18
CA GLU A 5 -2.54 -1.34 -11.76
C GLU A 5 -2.19 -0.06 -10.99
N GLU A 6 -3.21 0.70 -10.65
CA GLU A 6 -3.04 1.93 -9.88
C GLU A 6 -2.68 1.66 -8.44
N ILE A 7 -3.26 0.63 -7.85
CA ILE A 7 -2.95 0.25 -6.47
C ILE A 7 -1.50 -0.16 -6.36
N VAL A 8 -1.11 -1.17 -7.11
CA VAL A 8 0.24 -1.70 -7.08
C VAL A 8 1.29 -0.62 -7.41
N ALA A 9 1.21 -0.07 -8.62
CA ALA A 9 2.17 0.95 -9.05
C ALA A 9 2.08 2.20 -8.19
N GLY A 10 0.86 2.56 -7.80
CA GLY A 10 0.62 3.73 -6.98
C GLY A 10 1.16 3.58 -5.60
N LEU A 11 1.11 2.38 -5.08
CA LEU A 11 1.64 2.08 -3.78
C LEU A 11 3.12 2.35 -3.77
N ALA A 12 3.79 1.89 -4.81
CA ALA A 12 5.21 2.07 -4.96
C ALA A 12 5.58 3.55 -5.03
N GLU A 13 4.70 4.33 -5.64
CA GLU A 13 4.86 5.78 -5.73
C GLU A 13 5.01 6.37 -4.34
N ILE A 14 4.04 6.06 -3.47
CA ILE A 14 4.03 6.56 -2.09
C ILE A 14 5.14 5.88 -1.26
N VAL A 15 5.33 4.58 -1.46
CA VAL A 15 6.37 3.82 -0.77
C VAL A 15 7.75 4.43 -1.02
N ASN A 16 7.96 4.89 -2.22
CA ASN A 16 9.22 5.49 -2.62
C ASN A 16 9.43 6.84 -1.91
N GLU A 17 8.34 7.48 -1.53
CA GLU A 17 8.41 8.76 -0.82
C GLU A 17 8.69 8.51 0.67
N ILE A 18 7.83 7.71 1.28
CA ILE A 18 7.87 7.45 2.73
C ILE A 18 9.12 6.65 3.13
N ALA A 19 9.31 5.53 2.47
CA ALA A 19 10.40 4.63 2.85
C ALA A 19 11.56 4.72 1.90
N GLY A 20 11.28 4.88 0.64
CA GLY A 20 12.33 4.95 -0.35
C GLY A 20 12.64 3.58 -0.89
N ILE A 21 11.61 2.92 -1.35
CA ILE A 21 11.75 1.59 -1.91
C ILE A 21 11.46 1.67 -3.41
N PRO A 22 12.25 0.94 -4.25
CA PRO A 22 12.08 0.89 -5.70
C PRO A 22 10.61 0.86 -6.17
N VAL A 23 10.31 1.70 -7.15
CA VAL A 23 8.94 1.90 -7.64
C VAL A 23 8.42 0.74 -8.49
N GLU A 24 9.27 -0.22 -8.72
CA GLU A 24 8.87 -1.39 -9.48
C GLU A 24 8.86 -2.58 -8.57
N ASP A 25 9.21 -2.36 -7.34
CA ASP A 25 9.44 -3.48 -6.45
C ASP A 25 8.22 -3.82 -5.62
N VAL A 26 7.26 -2.92 -5.58
CA VAL A 26 6.06 -3.10 -4.80
C VAL A 26 5.07 -3.82 -5.69
N LYS A 27 5.38 -5.07 -5.93
CA LYS A 27 4.63 -5.91 -6.80
C LYS A 27 3.64 -6.75 -6.00
N LEU A 28 2.62 -7.29 -6.69
CA LEU A 28 1.57 -8.13 -6.08
C LEU A 28 2.12 -9.28 -5.25
N ASP A 29 3.26 -9.77 -5.65
CA ASP A 29 3.88 -10.93 -5.01
C ASP A 29 4.82 -10.51 -3.88
N LYS A 30 4.74 -9.26 -3.44
CA LYS A 30 5.68 -8.76 -2.47
C LYS A 30 4.94 -8.34 -1.21
N SER A 31 5.41 -8.82 -0.09
CA SER A 31 4.84 -8.53 1.18
C SER A 31 5.44 -7.22 1.70
N PHE A 32 4.59 -6.36 2.25
CA PHE A 32 4.99 -5.03 2.76
C PHE A 32 6.16 -5.08 3.71
N THR A 33 5.94 -5.53 4.92
CA THR A 33 6.99 -5.48 5.93
C THR A 33 7.93 -6.69 5.87
N ASP A 34 8.20 -7.17 4.67
CA ASP A 34 9.10 -8.30 4.51
C ASP A 34 9.88 -8.20 3.22
N ASP A 35 9.19 -8.20 2.11
CA ASP A 35 9.83 -8.14 0.81
C ASP A 35 10.19 -6.72 0.48
N LEU A 36 9.27 -5.83 0.75
CA LEU A 36 9.46 -4.44 0.43
C LEU A 36 10.30 -3.78 1.50
N ASP A 37 9.86 -3.98 2.73
CA ASP A 37 10.42 -3.36 3.92
C ASP A 37 10.13 -1.88 3.89
N VAL A 38 9.02 -1.53 4.47
CA VAL A 38 8.52 -0.18 4.38
C VAL A 38 8.82 0.51 5.71
N ASP A 39 9.99 0.14 6.26
CA ASP A 39 10.53 0.65 7.54
C ASP A 39 9.65 0.14 8.71
N SER A 40 8.70 -0.71 8.35
CA SER A 40 7.76 -1.34 9.24
C SER A 40 6.83 -0.35 9.95
N LEU A 41 7.32 0.38 10.93
CA LEU A 41 6.50 1.33 11.65
C LEU A 41 6.04 2.47 10.74
N SER A 42 6.89 2.79 9.79
CA SER A 42 6.65 3.87 8.85
C SER A 42 5.60 3.50 7.82
N MET A 43 5.23 2.22 7.74
CA MET A 43 4.26 1.78 6.73
C MET A 43 2.95 2.54 6.92
N VAL A 44 2.66 2.91 8.18
CA VAL A 44 1.42 3.57 8.54
C VAL A 44 1.34 4.98 7.91
N GLU A 45 2.49 5.54 7.58
CA GLU A 45 2.54 6.83 6.95
C GLU A 45 2.27 6.67 5.45
N VAL A 46 2.59 5.50 4.92
CA VAL A 46 2.31 5.16 3.52
C VAL A 46 0.81 5.10 3.33
N VAL A 47 0.16 4.43 4.29
CA VAL A 47 -1.29 4.24 4.31
C VAL A 47 -2.02 5.55 3.99
N VAL A 48 -1.81 6.58 4.81
CA VAL A 48 -2.46 7.90 4.67
C VAL A 48 -2.34 8.45 3.23
N ALA A 49 -1.12 8.48 2.71
CA ALA A 49 -0.88 9.04 1.39
C ALA A 49 -1.45 8.14 0.30
N ALA A 50 -1.49 6.84 0.57
CA ALA A 50 -2.10 5.90 -0.34
C ALA A 50 -3.60 6.12 -0.35
N GLU A 51 -4.16 6.36 0.84
CA GLU A 51 -5.57 6.69 1.00
C GLU A 51 -5.90 7.92 0.21
N GLU A 52 -5.03 8.92 0.34
CA GLU A 52 -5.15 10.19 -0.33
C GLU A 52 -5.09 10.01 -1.87
N ARG A 53 -4.44 8.96 -2.29
CA ARG A 53 -4.24 8.67 -3.70
C ARG A 53 -5.42 7.90 -4.29
N PHE A 54 -5.78 6.79 -3.67
CA PHE A 54 -6.81 5.89 -4.22
C PHE A 54 -8.20 6.32 -3.80
N ASP A 55 -8.25 7.32 -2.91
CA ASP A 55 -9.50 7.81 -2.27
C ASP A 55 -10.03 6.71 -1.36
N VAL A 56 -9.12 5.85 -0.97
CA VAL A 56 -9.46 4.75 -0.12
C VAL A 56 -9.42 5.25 1.33
N LYS A 57 -9.93 4.46 2.20
CA LYS A 57 -9.96 4.74 3.61
C LYS A 57 -9.60 3.51 4.34
N ILE A 58 -8.47 3.52 4.96
CA ILE A 58 -8.02 2.39 5.72
C ILE A 58 -7.36 2.92 6.99
N PRO A 59 -8.10 2.95 8.10
CA PRO A 59 -7.54 3.39 9.39
C PRO A 59 -6.40 2.48 9.84
N ASP A 60 -5.52 2.98 10.71
CA ASP A 60 -4.33 2.20 11.17
C ASP A 60 -4.73 0.88 11.81
N ASP A 61 -5.81 0.89 12.54
CA ASP A 61 -6.30 -0.32 13.18
C ASP A 61 -6.85 -1.32 12.15
N ASP A 62 -7.29 -0.80 11.02
CA ASP A 62 -7.87 -1.62 9.97
C ASP A 62 -6.76 -2.19 9.08
N VAL A 63 -5.73 -1.35 8.84
CA VAL A 63 -4.62 -1.70 7.96
C VAL A 63 -3.75 -2.84 8.51
N LYS A 64 -3.85 -3.06 9.85
CA LYS A 64 -3.06 -4.08 10.57
C LYS A 64 -3.21 -5.51 9.98
N ASN A 65 -4.13 -5.69 9.05
CA ASN A 65 -4.47 -6.99 8.54
C ASN A 65 -3.85 -7.25 7.17
N LEU A 66 -2.97 -6.38 6.71
CA LEU A 66 -2.42 -6.55 5.38
C LEU A 66 -1.17 -7.43 5.40
N LYS A 67 -0.74 -7.86 4.23
CA LYS A 67 0.40 -8.71 4.08
C LYS A 67 1.19 -8.29 2.84
N THR A 68 0.69 -8.65 1.68
CA THR A 68 1.34 -8.27 0.45
C THR A 68 0.51 -7.18 -0.18
N VAL A 69 0.89 -6.74 -1.35
CA VAL A 69 0.04 -5.83 -2.04
C VAL A 69 -1.06 -6.56 -2.76
N GLY A 70 -0.93 -7.89 -2.84
CA GLY A 70 -1.96 -8.69 -3.42
C GLY A 70 -3.16 -8.61 -2.53
N ASP A 71 -2.88 -8.72 -1.23
CA ASP A 71 -3.88 -8.56 -0.17
C ASP A 71 -4.41 -7.16 -0.25
N ALA A 72 -3.48 -6.19 -0.25
CA ALA A 72 -3.81 -4.77 -0.25
C ALA A 72 -4.69 -4.39 -1.42
N THR A 73 -4.40 -4.91 -2.60
CA THR A 73 -5.18 -4.60 -3.78
C THR A 73 -6.65 -4.96 -3.57
N LYS A 74 -6.91 -6.20 -3.15
CA LYS A 74 -8.28 -6.69 -2.97
C LYS A 74 -8.98 -5.89 -1.87
N TYR A 75 -8.18 -5.49 -0.91
CA TYR A 75 -8.62 -4.81 0.27
C TYR A 75 -8.97 -3.37 -0.06
N ILE A 76 -8.08 -2.71 -0.77
CA ILE A 76 -8.26 -1.33 -1.18
C ILE A 76 -9.42 -1.22 -2.16
N LEU A 77 -9.55 -2.19 -3.04
CA LEU A 77 -10.66 -2.20 -4.01
C LEU A 77 -12.02 -2.17 -3.32
N ASP A 78 -12.11 -2.86 -2.21
CA ASP A 78 -13.35 -2.92 -1.45
C ASP A 78 -13.49 -1.73 -0.51
N HIS A 79 -12.39 -1.34 0.12
CA HIS A 79 -12.38 -0.21 1.06
C HIS A 79 -12.45 1.16 0.37
N GLN A 80 -12.34 1.19 -0.95
CA GLN A 80 -12.40 2.47 -1.64
C GLN A 80 -13.82 2.90 -1.91
N ALA A 81 -14.39 3.51 -0.92
CA ALA A 81 -15.73 4.00 -0.97
C ALA A 81 -15.76 5.27 -0.17
C1 SOO B . 1.08 -4.08 7.07
O1 SOO B . -0.12 -4.31 7.18
S1 SOO B . 2.30 -4.79 8.09
C2 SOO B . 1.52 -3.10 6.07
C3 SOO B . 0.63 -2.37 5.39
C4 SOO B . 1.08 -1.31 4.46
C5 SOO B . -0.10 -0.59 3.85
C6 SOO B . 0.33 0.50 2.88
C7 SOO B . -0.86 1.25 2.28
C8 SOO B . -1.73 0.29 1.47
O23 SOO B . 8.91 -1.60 12.89
P24 SOO B . 8.14 -2.85 12.66
O26 SOO B . 8.78 -4.18 12.93
O27 SOO B . 6.83 -2.80 13.49
C28 SOO B . 6.01 -1.61 13.36
C29 SOO B . 4.55 -1.95 13.58
C30 SOO B . 3.75 -0.67 13.33
C31 SOO B . 4.17 -3.01 12.52
C32 SOO B . 4.33 -2.49 15.09
O33 SOO B . 5.00 -1.66 16.03
C34 SOO B . 2.84 -2.55 15.50
O35 SOO B . 2.48 -2.02 16.56
N36 SOO B . 2.02 -3.14 14.70
C37 SOO B . 0.60 -3.29 14.90
C38 SOO B . -0.14 -3.06 13.58
C39 SOO B . 0.26 -4.05 12.51
O40 SOO B . 0.56 -5.22 12.79
N41 SOO B . 0.28 -3.56 11.30
C42 SOO B . 0.64 -4.34 10.13
C43 SOO B . 1.96 -3.90 9.54
H2 SOO B . 2.59 -2.88 5.95
H3 SOO B . -0.45 -2.59 5.50
H4 SOO B . 1.68 -0.60 5.01
H4A SOO B . 1.66 -1.75 3.67
H5 SOO B . -0.69 -0.15 4.65
H5A SOO B . -0.72 -1.30 3.31
H6 SOO B . 0.90 0.05 2.08
H6A SOO B . 0.96 1.21 3.42
H7 SOO B . -0.50 2.02 1.62
H7A SOO B . -1.45 1.68 3.07
H8 SOO B . -1.15 -0.14 0.67
H8A SOO B . -2.57 0.83 1.07
H8B SOO B . -2.09 -0.50 2.12
H28 SOO B . 6.32 -0.90 14.09
H28A SOO B . 6.14 -1.21 12.37
H30 SOO B . 3.93 -0.32 12.33
H30A SOO B . 4.06 0.09 14.04
H30B SOO B . 2.70 -0.88 13.46
H31 SOO B . 4.57 -3.98 12.79
H31A SOO B . 4.68 -2.72 11.60
H31B SOO B . 3.12 -3.06 12.33
H32 SOO B . 4.73 -3.49 15.15
HO33 SOO B . 4.43 -1.68 16.81
HN36 SOO B . 2.40 -3.53 13.89
H37 SOO B . 0.38 -4.28 15.25
H37A SOO B . 0.26 -2.56 15.61
H38 SOO B . -1.20 -3.15 13.75
H38A SOO B . 0.09 -2.06 13.24
HN41 SOO B . 0.05 -2.62 11.14
H42 SOO B . 0.73 -5.37 10.41
H42A SOO B . -0.13 -4.24 9.38
H43 SOO B . 2.76 -4.05 10.25
H43A SOO B . 1.89 -2.85 9.29
N ALA A 1 -12.95 4.51 -7.48
CA ALA A 1 -12.48 3.21 -7.88
C ALA A 1 -11.16 3.33 -8.62
N ALA A 2 -10.39 2.28 -8.61
CA ALA A 2 -9.11 2.20 -9.29
C ALA A 2 -8.92 0.76 -9.70
N THR A 3 -7.84 0.45 -10.39
CA THR A 3 -7.59 -0.92 -10.75
C THR A 3 -6.40 -1.45 -9.95
N GLN A 4 -5.96 -2.65 -10.26
CA GLN A 4 -4.83 -3.25 -9.64
C GLN A 4 -3.56 -2.51 -10.05
N GLU A 5 -3.58 -1.97 -11.25
CA GLU A 5 -2.45 -1.22 -11.76
C GLU A 5 -2.27 0.10 -10.98
N GLU A 6 -3.38 0.81 -10.67
CA GLU A 6 -3.28 2.07 -9.91
C GLU A 6 -2.74 1.81 -8.53
N ILE A 7 -3.23 0.76 -7.92
CA ILE A 7 -2.82 0.39 -6.59
C ILE A 7 -1.33 0.04 -6.55
N VAL A 8 -0.95 -1.00 -7.25
CA VAL A 8 0.44 -1.48 -7.27
C VAL A 8 1.43 -0.37 -7.68
N ALA A 9 1.19 0.26 -8.81
CA ALA A 9 2.08 1.30 -9.31
C ALA A 9 2.07 2.54 -8.39
N GLY A 10 0.88 2.95 -7.97
CA GLY A 10 0.72 4.13 -7.12
C GLY A 10 1.32 3.92 -5.76
N LEU A 11 1.16 2.73 -5.22
CA LEU A 11 1.73 2.35 -3.94
C LEU A 11 3.20 2.53 -3.93
N ALA A 12 3.82 2.15 -5.00
CA ALA A 12 5.24 2.22 -5.11
C ALA A 12 5.74 3.64 -5.14
N GLU A 13 4.91 4.55 -5.59
CA GLU A 13 5.26 5.97 -5.58
C GLU A 13 5.32 6.46 -4.14
N ILE A 14 4.27 6.14 -3.40
CA ILE A 14 4.19 6.50 -1.99
C ILE A 14 5.29 5.77 -1.20
N VAL A 15 5.46 4.49 -1.46
CA VAL A 15 6.49 3.69 -0.83
C VAL A 15 7.90 4.22 -1.15
N ASN A 16 8.03 4.88 -2.28
CA ASN A 16 9.31 5.39 -2.72
C ASN A 16 9.66 6.66 -1.97
N GLU A 17 8.66 7.44 -1.63
CA GLU A 17 8.89 8.65 -0.86
C GLU A 17 8.98 8.37 0.64
N ILE A 18 8.09 7.53 1.14
CA ILE A 18 8.04 7.21 2.58
C ILE A 18 9.24 6.34 2.98
N ALA A 19 9.44 5.24 2.28
CA ALA A 19 10.50 4.30 2.64
C ALA A 19 11.71 4.45 1.75
N GLY A 20 11.48 4.58 0.48
CA GLY A 20 12.57 4.67 -0.46
C GLY A 20 12.76 3.37 -1.18
N ILE A 21 11.67 2.68 -1.41
CA ILE A 21 11.70 1.39 -2.07
C ILE A 21 11.29 1.59 -3.52
N PRO A 22 12.04 0.96 -4.46
CA PRO A 22 11.80 1.04 -5.91
C PRO A 22 10.33 1.00 -6.33
N VAL A 23 10.01 1.84 -7.29
CA VAL A 23 8.65 2.04 -7.82
C VAL A 23 8.19 0.89 -8.73
N GLU A 24 8.86 -0.20 -8.62
CA GLU A 24 8.58 -1.37 -9.43
C GLU A 24 8.84 -2.60 -8.60
N ASP A 25 8.95 -2.42 -7.31
CA ASP A 25 9.27 -3.52 -6.41
C ASP A 25 8.11 -3.79 -5.46
N VAL A 26 7.18 -2.85 -5.38
CA VAL A 26 6.02 -2.97 -4.52
C VAL A 26 4.93 -3.70 -5.32
N LYS A 27 5.24 -4.93 -5.64
CA LYS A 27 4.40 -5.72 -6.50
C LYS A 27 3.51 -6.67 -5.71
N LEU A 28 2.55 -7.30 -6.41
CA LEU A 28 1.50 -8.16 -5.81
C LEU A 28 1.98 -9.17 -4.79
N ASP A 29 3.07 -9.82 -5.08
CA ASP A 29 3.58 -10.89 -4.21
C ASP A 29 4.67 -10.38 -3.28
N LYS A 30 4.68 -9.09 -3.05
CA LYS A 30 5.69 -8.49 -2.22
C LYS A 30 5.04 -7.99 -0.96
N SER A 31 5.55 -8.42 0.16
CA SER A 31 5.02 -8.06 1.44
C SER A 31 5.64 -6.76 1.89
N PHE A 32 4.83 -5.88 2.45
CA PHE A 32 5.28 -4.59 2.92
C PHE A 32 6.34 -4.74 3.97
N THR A 33 5.96 -5.28 5.06
CA THR A 33 6.82 -5.39 6.16
C THR A 33 7.57 -6.74 6.12
N ASP A 34 8.35 -6.90 5.06
CA ASP A 34 9.18 -8.08 4.84
C ASP A 34 10.04 -7.86 3.61
N ASP A 35 9.38 -7.78 2.46
CA ASP A 35 10.07 -7.60 1.18
C ASP A 35 10.46 -6.16 0.98
N LEU A 36 9.54 -5.28 1.30
CA LEU A 36 9.74 -3.87 1.06
C LEU A 36 10.49 -3.22 2.21
N ASP A 37 9.89 -3.27 3.39
CA ASP A 37 10.39 -2.64 4.63
C ASP A 37 10.16 -1.13 4.62
N VAL A 38 9.18 -0.70 5.39
CA VAL A 38 8.87 0.71 5.50
C VAL A 38 9.00 1.15 6.98
N ASP A 39 10.10 0.72 7.59
CA ASP A 39 10.48 1.07 9.00
C ASP A 39 9.45 0.53 10.03
N SER A 40 8.53 -0.28 9.52
CA SER A 40 7.46 -1.01 10.23
C SER A 40 6.42 -0.14 10.96
N LEU A 41 6.84 0.89 11.64
CA LEU A 41 5.88 1.81 12.20
C LEU A 41 5.52 2.90 11.18
N SER A 42 6.48 3.23 10.33
CA SER A 42 6.32 4.26 9.32
C SER A 42 5.44 3.81 8.18
N MET A 43 5.15 2.52 8.12
CA MET A 43 4.29 2.01 7.08
C MET A 43 2.89 2.65 7.12
N VAL A 44 2.48 3.16 8.29
CA VAL A 44 1.19 3.81 8.44
C VAL A 44 1.16 5.09 7.59
N GLU A 45 2.32 5.68 7.40
CA GLU A 45 2.44 6.88 6.62
C GLU A 45 2.18 6.58 5.16
N VAL A 46 2.58 5.38 4.74
CA VAL A 46 2.29 4.90 3.40
C VAL A 46 0.78 4.80 3.25
N VAL A 47 0.15 4.11 4.22
CA VAL A 47 -1.30 3.91 4.28
C VAL A 47 -2.02 5.24 4.00
N VAL A 48 -1.76 6.23 4.87
CA VAL A 48 -2.36 7.58 4.78
C VAL A 48 -2.31 8.16 3.34
N ALA A 49 -1.14 8.11 2.74
CA ALA A 49 -0.95 8.67 1.41
C ALA A 49 -1.58 7.79 0.34
N ALA A 50 -1.57 6.49 0.57
CA ALA A 50 -2.22 5.55 -0.31
C ALA A 50 -3.71 5.80 -0.29
N GLU A 51 -4.23 6.06 0.91
CA GLU A 51 -5.62 6.41 1.12
C GLU A 51 -5.96 7.62 0.28
N GLU A 52 -5.10 8.62 0.40
CA GLU A 52 -5.25 9.86 -0.33
C GLU A 52 -5.26 9.61 -1.85
N ARG A 53 -4.33 8.82 -2.33
CA ARG A 53 -4.17 8.55 -3.75
C ARG A 53 -5.32 7.72 -4.33
N PHE A 54 -5.69 6.64 -3.68
CA PHE A 54 -6.71 5.73 -4.25
C PHE A 54 -8.10 6.13 -3.84
N ASP A 55 -8.19 7.19 -3.03
CA ASP A 55 -9.45 7.64 -2.43
C ASP A 55 -10.01 6.54 -1.57
N VAL A 56 -9.10 5.82 -0.94
CA VAL A 56 -9.45 4.72 -0.13
C VAL A 56 -9.36 5.17 1.33
N LYS A 57 -9.75 4.32 2.20
CA LYS A 57 -9.75 4.59 3.63
C LYS A 57 -9.33 3.32 4.31
N ILE A 58 -8.23 3.35 4.99
CA ILE A 58 -7.75 2.18 5.66
C ILE A 58 -7.13 2.59 7.01
N PRO A 59 -7.93 2.54 8.08
CA PRO A 59 -7.43 2.83 9.44
C PRO A 59 -6.45 1.74 9.92
N ASP A 60 -5.90 1.91 11.13
CA ASP A 60 -4.90 0.97 11.68
C ASP A 60 -5.44 -0.41 11.79
N ASP A 61 -6.65 -0.53 12.31
CA ASP A 61 -7.27 -1.84 12.51
C ASP A 61 -7.55 -2.53 11.20
N ASP A 62 -7.64 -1.74 10.15
CA ASP A 62 -7.80 -2.28 8.83
C ASP A 62 -6.46 -2.62 8.21
N VAL A 63 -5.46 -1.77 8.41
CA VAL A 63 -4.14 -2.05 7.89
C VAL A 63 -3.51 -3.24 8.64
N LYS A 64 -4.01 -3.47 9.88
CA LYS A 64 -3.62 -4.62 10.68
C LYS A 64 -3.83 -5.93 9.90
N ASN A 65 -4.78 -5.90 8.97
CA ASN A 65 -5.21 -7.07 8.20
C ASN A 65 -4.36 -7.30 6.96
N LEU A 66 -3.49 -6.36 6.65
CA LEU A 66 -2.73 -6.44 5.41
C LEU A 66 -1.44 -7.24 5.55
N LYS A 67 -0.95 -7.71 4.43
CA LYS A 67 0.25 -8.50 4.36
C LYS A 67 1.09 -8.09 3.15
N THR A 68 0.51 -8.18 1.98
CA THR A 68 1.23 -7.86 0.77
C THR A 68 0.46 -6.85 0.01
N VAL A 69 0.83 -6.55 -1.21
CA VAL A 69 0.00 -5.67 -1.96
C VAL A 69 -1.08 -6.46 -2.66
N GLY A 70 -0.95 -7.79 -2.67
CA GLY A 70 -1.94 -8.63 -3.32
C GLY A 70 -3.24 -8.54 -2.58
N ASP A 71 -3.14 -8.81 -1.29
CA ASP A 71 -4.24 -8.66 -0.37
C ASP A 71 -4.65 -7.21 -0.28
N ALA A 72 -3.66 -6.31 -0.25
CA ALA A 72 -3.93 -4.89 -0.20
C ALA A 72 -4.73 -4.42 -1.39
N THR A 73 -4.45 -4.95 -2.59
CA THR A 73 -5.16 -4.55 -3.79
C THR A 73 -6.67 -4.73 -3.61
N LYS A 74 -7.12 -5.97 -3.39
CA LYS A 74 -8.54 -6.25 -3.21
C LYS A 74 -9.11 -5.50 -2.03
N TYR A 75 -8.31 -5.35 -1.00
CA TYR A 75 -8.71 -4.72 0.24
C TYR A 75 -8.97 -3.24 -0.01
N ILE A 76 -8.08 -2.63 -0.76
CA ILE A 76 -8.20 -1.24 -1.16
C ILE A 76 -9.40 -1.10 -2.08
N LEU A 77 -9.52 -2.01 -3.05
CA LEU A 77 -10.66 -2.02 -3.96
C LEU A 77 -11.99 -2.16 -3.17
N ASP A 78 -11.92 -2.82 -2.05
CA ASP A 78 -13.06 -3.04 -1.16
C ASP A 78 -13.33 -1.81 -0.29
N HIS A 79 -12.29 -1.09 0.06
CA HIS A 79 -12.42 0.08 0.93
C HIS A 79 -12.58 1.41 0.18
N GLN A 80 -12.53 1.37 -1.13
CA GLN A 80 -12.69 2.57 -1.93
C GLN A 80 -14.10 2.66 -2.48
N ALA A 81 -14.42 3.79 -3.07
CA ALA A 81 -15.72 4.01 -3.64
C ALA A 81 -15.65 3.79 -5.13
C1 SOO B . 1.46 -4.06 6.23
O1 SOO B . 0.81 -4.71 5.42
S1 SOO B . 2.34 -4.82 7.53
C2 SOO B . 1.58 -2.60 6.02
C3 SOO B . 0.97 -1.99 4.96
C4 SOO B . 1.18 -0.54 4.73
C5 SOO B . 0.42 -0.02 3.51
C6 SOO B . -1.09 -0.19 3.66
C7 SOO B . -1.88 0.50 2.55
C8 SOO B . -1.56 -0.11 1.21
O23 SOO B . 9.50 -1.86 14.53
P24 SOO B . 9.06 -2.65 13.35
O26 SOO B . 9.92 -3.77 12.87
O27 SOO B . 7.65 -3.29 13.67
C28 SOO B . 6.53 -2.45 14.18
C29 SOO B . 5.26 -3.31 14.29
C30 SOO B . 4.89 -3.71 12.87
C31 SOO B . 5.56 -4.58 15.10
C32 SOO B . 4.07 -2.53 15.01
O33 SOO B . 4.59 -1.89 16.18
C34 SOO B . 3.48 -1.38 14.17
O35 SOO B . 3.86 -0.23 14.38
N36 SOO B . 2.52 -1.68 13.30
C37 SOO B . 1.84 -0.69 12.46
C38 SOO B . 0.34 -1.04 12.21
C39 SOO B . 0.08 -2.24 11.30
O40 SOO B . -0.95 -2.94 11.43
N41 SOO B . 0.99 -2.45 10.41
C42 SOO B . 0.98 -3.51 9.41
C43 SOO B . 2.34 -3.57 8.73
H2 SOO B . 2.16 -1.99 6.73
H3 SOO B . 0.40 -2.60 4.24
H4 SOO B . 0.83 0.01 5.59
H4A SOO B . 2.23 -0.36 4.59
H5 SOO B . 0.75 -0.56 2.64
H5A SOO B . 0.64 1.03 3.38
H6 SOO B . -1.39 0.22 4.62
H6A SOO B . -1.32 -1.24 3.64
H7 SOO B . -1.61 1.55 2.51
H7A SOO B . -2.94 0.40 2.75
H8 SOO B . -2.14 0.40 0.45
H8A SOO B . -1.83 -1.16 1.22
H8B SOO B . -0.51 0.01 1.01
H28 SOO B . 6.81 -2.07 15.15
H28A SOO B . 6.35 -1.63 13.50
H30 SOO B . 5.69 -4.27 12.42
H30A SOO B . 4.70 -2.83 12.29
H30B SOO B . 3.99 -4.33 12.90
H31 SOO B . 6.34 -5.14 14.61
H31A SOO B . 4.66 -5.18 15.18
H31B SOO B . 5.89 -4.30 16.09
H32 SOO B . 3.29 -3.22 15.29
HO33 SOO B . 4.31 -0.99 15.99
HN36 SOO B . 2.23 -2.63 13.20
H37 SOO B . 1.85 0.24 13.00
H37A SOO B . 2.39 -0.55 11.55
H38 SOO B . -0.19 -1.17 13.14
H38A SOO B . -0.03 -0.17 11.69
HN41 SOO B . 1.74 -1.82 10.39
H42 SOO B . 0.79 -4.45 9.90
H42A SOO B . 0.22 -3.31 8.68
H43 SOO B . 3.11 -3.76 9.46
H43A SOO B . 2.50 -2.61 8.24
N ALA A 1 -13.09 4.67 -7.64
CA ALA A 1 -12.50 3.35 -7.83
C ALA A 1 -11.13 3.47 -8.49
N ALA A 2 -10.37 2.40 -8.46
CA ALA A 2 -9.05 2.32 -9.06
C ALA A 2 -8.85 0.90 -9.53
N THR A 3 -7.73 0.60 -10.15
CA THR A 3 -7.47 -0.74 -10.61
C THR A 3 -6.32 -1.34 -9.80
N GLN A 4 -5.98 -2.60 -10.05
CA GLN A 4 -4.82 -3.23 -9.45
C GLN A 4 -3.59 -2.49 -9.89
N GLU A 5 -3.59 -2.12 -11.15
CA GLU A 5 -2.51 -1.42 -11.78
C GLU A 5 -2.30 -0.07 -11.11
N GLU A 6 -3.39 0.69 -10.94
CA GLU A 6 -3.33 1.99 -10.27
C GLU A 6 -2.85 1.84 -8.84
N ILE A 7 -3.31 0.80 -8.18
CA ILE A 7 -2.88 0.50 -6.84
C ILE A 7 -1.40 0.26 -6.80
N VAL A 8 -0.94 -0.79 -7.46
CA VAL A 8 0.48 -1.16 -7.47
C VAL A 8 1.39 0.02 -7.92
N ALA A 9 1.08 0.61 -9.06
CA ALA A 9 1.90 1.69 -9.61
C ALA A 9 1.94 2.88 -8.65
N GLY A 10 0.79 3.26 -8.12
CA GLY A 10 0.72 4.39 -7.21
C GLY A 10 1.33 4.07 -5.86
N LEU A 11 1.08 2.86 -5.38
CA LEU A 11 1.58 2.39 -4.10
C LEU A 11 3.08 2.52 -4.04
N ALA A 12 3.72 2.06 -5.10
CA ALA A 12 5.15 2.10 -5.19
C ALA A 12 5.69 3.52 -5.16
N GLU A 13 4.91 4.47 -5.64
CA GLU A 13 5.32 5.85 -5.60
C GLU A 13 5.37 6.31 -4.17
N ILE A 14 4.29 6.08 -3.44
CA ILE A 14 4.21 6.44 -2.03
C ILE A 14 5.28 5.70 -1.23
N VAL A 15 5.48 4.43 -1.54
CA VAL A 15 6.52 3.62 -0.90
C VAL A 15 7.91 4.23 -1.15
N ASN A 16 8.07 4.86 -2.28
CA ASN A 16 9.32 5.49 -2.65
C ASN A 16 9.45 6.87 -1.97
N GLU A 17 8.33 7.44 -1.56
CA GLU A 17 8.32 8.72 -0.84
C GLU A 17 8.64 8.48 0.63
N ILE A 18 7.94 7.51 1.21
CA ILE A 18 8.07 7.16 2.61
C ILE A 18 9.44 6.50 2.89
N ALA A 19 9.77 5.49 2.12
CA ALA A 19 11.02 4.76 2.34
C ALA A 19 12.02 4.97 1.22
N GLY A 20 11.56 4.82 0.00
CA GLY A 20 12.47 4.96 -1.12
C GLY A 20 12.69 3.64 -1.82
N ILE A 21 11.79 2.72 -1.58
CA ILE A 21 11.85 1.41 -2.20
C ILE A 21 11.48 1.54 -3.69
N PRO A 22 12.24 0.85 -4.58
CA PRO A 22 12.02 0.84 -6.03
C PRO A 22 10.54 0.83 -6.43
N VAL A 23 10.22 1.73 -7.32
CA VAL A 23 8.85 1.99 -7.79
C VAL A 23 8.26 0.86 -8.68
N GLU A 24 8.98 -0.23 -8.80
CA GLU A 24 8.54 -1.36 -9.58
C GLU A 24 8.73 -2.63 -8.76
N ASP A 25 8.97 -2.45 -7.49
CA ASP A 25 9.26 -3.57 -6.61
C ASP A 25 8.12 -3.82 -5.60
N VAL A 26 7.10 -2.99 -5.66
CA VAL A 26 6.00 -3.10 -4.75
C VAL A 26 4.90 -3.90 -5.44
N LYS A 27 5.18 -5.17 -5.59
CA LYS A 27 4.31 -6.09 -6.30
C LYS A 27 3.44 -6.91 -5.35
N LEU A 28 2.46 -7.63 -5.89
CA LEU A 28 1.50 -8.41 -5.09
C LEU A 28 2.12 -9.50 -4.25
N ASP A 29 3.28 -9.95 -4.64
CA ASP A 29 3.97 -11.02 -3.90
C ASP A 29 4.97 -10.46 -2.92
N LYS A 30 4.94 -9.16 -2.74
CA LYS A 30 5.89 -8.51 -1.88
C LYS A 30 5.19 -8.09 -0.61
N SER A 31 5.60 -8.64 0.49
CA SER A 31 5.08 -8.27 1.76
C SER A 31 5.77 -7.00 2.21
N PHE A 32 5.00 -6.03 2.64
CA PHE A 32 5.53 -4.74 3.08
C PHE A 32 6.55 -4.91 4.17
N THR A 33 6.17 -5.53 5.24
CA THR A 33 7.03 -5.72 6.36
C THR A 33 7.90 -7.01 6.22
N ASP A 34 8.44 -7.24 5.03
CA ASP A 34 9.33 -8.40 4.78
C ASP A 34 10.20 -8.17 3.55
N ASP A 35 9.55 -8.07 2.40
CA ASP A 35 10.24 -7.95 1.12
C ASP A 35 10.62 -6.53 0.85
N LEU A 36 9.79 -5.63 1.30
CA LEU A 36 9.97 -4.23 1.02
C LEU A 36 10.70 -3.51 2.15
N ASP A 37 10.07 -3.51 3.31
CA ASP A 37 10.45 -2.73 4.48
C ASP A 37 10.21 -1.28 4.22
N VAL A 38 9.24 -0.76 4.87
CA VAL A 38 8.93 0.62 4.68
C VAL A 38 9.08 1.31 6.02
N ASP A 39 10.28 1.12 6.62
CA ASP A 39 10.68 1.72 7.92
C ASP A 39 9.74 1.20 9.04
N SER A 40 9.14 0.07 8.70
CA SER A 40 8.22 -0.72 9.53
C SER A 40 6.98 0.02 10.05
N LEU A 41 7.13 0.97 10.98
CA LEU A 41 5.95 1.68 11.50
C LEU A 41 5.42 2.65 10.48
N SER A 42 6.32 3.11 9.64
CA SER A 42 6.04 4.08 8.61
C SER A 42 5.11 3.52 7.55
N MET A 43 4.90 2.21 7.59
CA MET A 43 3.96 1.52 6.73
C MET A 43 2.61 2.23 6.77
N VAL A 44 2.18 2.54 7.97
CA VAL A 44 0.91 3.23 8.21
C VAL A 44 0.84 4.55 7.42
N GLU A 45 1.95 5.25 7.36
CA GLU A 45 2.04 6.52 6.66
C GLU A 45 1.88 6.32 5.16
N VAL A 46 2.41 5.21 4.66
CA VAL A 46 2.19 4.79 3.27
C VAL A 46 0.70 4.68 3.04
N VAL A 47 0.04 3.91 3.92
CA VAL A 47 -1.41 3.71 3.89
C VAL A 47 -2.13 5.05 3.79
N VAL A 48 -1.85 5.95 4.73
CA VAL A 48 -2.44 7.30 4.75
C VAL A 48 -2.29 8.01 3.36
N ALA A 49 -1.11 7.92 2.79
CA ALA A 49 -0.81 8.57 1.52
C ALA A 49 -1.47 7.80 0.36
N ALA A 50 -1.68 6.52 0.56
CA ALA A 50 -2.38 5.69 -0.40
C ALA A 50 -3.87 6.01 -0.33
N GLU A 51 -4.34 6.30 0.88
CA GLU A 51 -5.71 6.74 1.12
C GLU A 51 -5.94 8.04 0.37
N GLU A 52 -4.90 8.83 0.29
CA GLU A 52 -4.91 10.05 -0.46
C GLU A 52 -4.99 9.72 -1.97
N ARG A 53 -4.08 8.85 -2.41
CA ARG A 53 -3.97 8.42 -3.82
C ARG A 53 -5.28 7.86 -4.37
N PHE A 54 -5.86 6.91 -3.68
CA PHE A 54 -7.04 6.22 -4.21
C PHE A 54 -8.31 6.82 -3.67
N ASP A 55 -8.15 7.77 -2.75
CA ASP A 55 -9.26 8.38 -2.00
C ASP A 55 -9.99 7.27 -1.21
N VAL A 56 -9.18 6.31 -0.76
CA VAL A 56 -9.67 5.19 -0.04
C VAL A 56 -9.65 5.52 1.46
N LYS A 57 -10.06 4.58 2.27
CA LYS A 57 -10.11 4.74 3.72
C LYS A 57 -9.73 3.44 4.34
N ILE A 58 -8.60 3.39 4.98
CA ILE A 58 -8.17 2.16 5.60
C ILE A 58 -7.58 2.48 6.97
N PRO A 59 -8.37 2.28 8.03
CA PRO A 59 -7.92 2.50 9.41
C PRO A 59 -6.79 1.53 9.82
N ASP A 60 -6.11 1.83 10.91
CA ASP A 60 -5.00 0.97 11.40
C ASP A 60 -5.51 -0.41 11.76
N ASP A 61 -6.74 -0.48 12.25
CA ASP A 61 -7.36 -1.75 12.60
C ASP A 61 -7.55 -2.60 11.35
N ASP A 62 -7.77 -1.93 10.25
CA ASP A 62 -7.95 -2.59 8.97
C ASP A 62 -6.63 -2.99 8.34
N VAL A 63 -5.64 -2.10 8.43
CA VAL A 63 -4.38 -2.34 7.75
C VAL A 63 -3.56 -3.48 8.40
N LYS A 64 -3.81 -3.75 9.67
CA LYS A 64 -3.06 -4.79 10.39
C LYS A 64 -3.41 -6.21 9.91
N ASN A 65 -4.39 -6.30 9.02
CA ASN A 65 -4.81 -7.56 8.46
C ASN A 65 -4.12 -7.79 7.13
N LEU A 66 -3.28 -6.84 6.73
CA LEU A 66 -2.62 -6.92 5.46
C LEU A 66 -1.26 -7.59 5.54
N LYS A 67 -0.63 -7.71 4.41
CA LYS A 67 0.59 -8.48 4.29
C LYS A 67 1.37 -8.03 3.05
N THR A 68 0.84 -8.38 1.90
CA THR A 68 1.46 -8.04 0.65
C THR A 68 0.67 -6.93 0.00
N VAL A 69 1.00 -6.56 -1.24
CA VAL A 69 0.15 -5.63 -1.91
C VAL A 69 -1.00 -6.38 -2.52
N GLY A 70 -0.90 -7.71 -2.56
CA GLY A 70 -1.97 -8.50 -3.10
C GLY A 70 -3.15 -8.37 -2.17
N ASP A 71 -2.83 -8.46 -0.88
CA ASP A 71 -3.79 -8.24 0.20
C ASP A 71 -4.31 -6.84 0.08
N ALA A 72 -3.38 -5.89 0.01
CA ALA A 72 -3.67 -4.48 -0.06
C ALA A 72 -4.57 -4.13 -1.25
N THR A 73 -4.24 -4.62 -2.43
CA THR A 73 -4.97 -4.32 -3.67
C THR A 73 -6.49 -4.55 -3.50
N LYS A 74 -6.89 -5.79 -3.22
CA LYS A 74 -8.31 -6.13 -3.06
C LYS A 74 -8.92 -5.40 -1.89
N TYR A 75 -8.10 -5.12 -0.89
CA TYR A 75 -8.56 -4.51 0.32
C TYR A 75 -8.90 -3.03 0.05
N ILE A 76 -8.03 -2.40 -0.70
CA ILE A 76 -8.22 -1.04 -1.13
C ILE A 76 -9.43 -0.98 -2.05
N LEU A 77 -9.50 -1.91 -2.99
CA LEU A 77 -10.64 -2.02 -3.91
C LEU A 77 -11.96 -2.20 -3.15
N ASP A 78 -11.88 -2.89 -2.05
CA ASP A 78 -13.02 -3.12 -1.17
C ASP A 78 -13.42 -1.83 -0.45
N HIS A 79 -12.43 -1.17 0.14
CA HIS A 79 -12.67 0.03 0.94
C HIS A 79 -12.88 1.32 0.14
N GLN A 80 -12.91 1.24 -1.17
CA GLN A 80 -13.06 2.42 -1.98
C GLN A 80 -14.42 2.50 -2.63
N ALA A 81 -14.71 3.63 -3.21
CA ALA A 81 -15.91 3.84 -3.96
C ALA A 81 -15.51 3.99 -5.42
C1 SOO B . 1.24 -4.50 7.83
O1 SOO B . 0.09 -4.39 8.26
S1 SOO B . 2.59 -4.95 8.82
C2 SOO B . 1.49 -4.12 6.44
C3 SOO B . 0.48 -3.59 5.73
C4 SOO B . 0.71 -2.91 4.45
C5 SOO B . -0.58 -2.30 3.92
C6 SOO B . -0.35 -1.39 2.74
C7 SOO B . -1.66 -0.76 2.28
C8 SOO B . -1.40 0.20 1.14
O23 SOO B . 9.15 0.84 13.08
P24 SOO B . 9.65 -0.53 12.93
O26 SOO B . 10.89 -0.92 13.62
O27 SOO B . 8.54 -1.52 13.54
C28 SOO B . 7.09 -1.41 13.22
C29 SOO B . 6.32 -2.53 13.94
C30 SOO B . 7.08 -3.83 13.72
C31 SOO B . 6.23 -2.21 15.43
C32 SOO B . 4.87 -2.70 13.35
O33 SOO B . 4.21 -3.85 13.90
C34 SOO B . 3.94 -1.52 13.50
O35 SOO B . 4.29 -0.34 13.38
N36 SOO B . 2.75 -1.90 13.70
C37 SOO B . 1.55 -1.08 13.85
C38 SOO B . 0.26 -1.95 13.97
C39 SOO B . 0.23 -3.19 13.06
O40 SOO B . -0.41 -4.20 13.36
N41 SOO B . 0.96 -3.08 11.99
C42 SOO B . 1.15 -4.10 10.98
C43 SOO B . 2.39 -3.80 10.13
H2 SOO B . 2.49 -4.21 5.99
H3 SOO B . -0.51 -3.51 6.22
H4 SOO B . 1.43 -2.12 4.58
H4A SOO B . 1.09 -3.63 3.72
H5 SOO B . -1.03 -1.74 4.72
H5A SOO B . -1.24 -3.10 3.61
H6 SOO B . 0.07 -1.95 1.92
H6A SOO B . 0.33 -0.60 3.03
H7 SOO B . -2.11 -0.20 3.10
H7A SOO B . -2.33 -1.53 1.95
H8 SOO B . -2.32 0.65 0.82
H8A SOO B . -0.95 -0.34 0.31
H8B SOO B . -0.72 0.98 1.47
H28 SOO B . 6.74 -0.47 13.62
H28A SOO B . 6.87 -1.41 12.17
H30 SOO B . 6.55 -4.64 14.22
H30A SOO B . 8.08 -3.75 14.13
H30B SOO B . 7.14 -4.03 12.67
H31 SOO B . 7.22 -2.15 15.85
H31A SOO B . 5.69 -2.99 15.93
H31B SOO B . 5.72 -1.27 15.56
H32 SOO B . 4.94 -2.90 12.29
HO33 SOO B . 4.11 -3.67 14.86
HN36 SOO B . 2.68 -2.88 13.71
H37 SOO B . 1.63 -0.38 14.66
H37A SOO B . 1.42 -0.52 12.93
H38 SOO B . 0.20 -2.34 14.98
H38A SOO B . -0.59 -1.33 13.72
HN41 SOO B . 1.42 -2.23 11.92
H42 SOO B . 1.29 -5.06 11.46
H42A SOO B . 0.29 -4.14 10.33
H43 SOO B . 3.27 -3.81 10.76
H43A SOO B . 2.26 -2.82 9.70
N ALA A 1 -12.44 5.17 -8.24
CA ALA A 1 -12.09 3.77 -8.35
C ALA A 1 -10.81 3.62 -9.13
N ALA A 2 -10.08 2.55 -8.88
CA ALA A 2 -8.81 2.31 -9.54
C ALA A 2 -8.69 0.84 -9.88
N THR A 3 -7.60 0.44 -10.47
CA THR A 3 -7.38 -0.95 -10.80
C THR A 3 -6.18 -1.49 -10.03
N GLN A 4 -5.86 -2.76 -10.21
CA GLN A 4 -4.71 -3.36 -9.61
C GLN A 4 -3.45 -2.73 -10.15
N GLU A 5 -3.47 -2.43 -11.42
CA GLU A 5 -2.35 -1.81 -12.10
C GLU A 5 -2.08 -0.41 -11.50
N GLU A 6 -3.15 0.32 -11.22
CA GLU A 6 -3.03 1.64 -10.65
C GLU A 6 -2.64 1.59 -9.17
N ILE A 7 -3.19 0.62 -8.46
CA ILE A 7 -2.90 0.46 -7.05
C ILE A 7 -1.44 0.10 -6.82
N VAL A 8 -1.02 -1.02 -7.37
CA VAL A 8 0.35 -1.54 -7.22
C VAL A 8 1.40 -0.45 -7.55
N ALA A 9 1.35 0.05 -8.77
CA ALA A 9 2.29 1.06 -9.24
C ALA A 9 2.18 2.37 -8.43
N GLY A 10 1.00 2.66 -7.89
CA GLY A 10 0.80 3.89 -7.18
C GLY A 10 1.29 3.77 -5.76
N LEU A 11 1.00 2.64 -5.15
CA LEU A 11 1.39 2.31 -3.80
C LEU A 11 2.89 2.43 -3.68
N ALA A 12 3.56 1.90 -4.69
CA ALA A 12 5.00 1.90 -4.77
C ALA A 12 5.58 3.30 -4.76
N GLU A 13 4.87 4.26 -5.34
CA GLU A 13 5.33 5.63 -5.33
C GLU A 13 5.27 6.22 -3.94
N ILE A 14 4.18 5.95 -3.23
CA ILE A 14 4.06 6.41 -1.84
C ILE A 14 5.13 5.71 -0.98
N VAL A 15 5.33 4.41 -1.24
CA VAL A 15 6.38 3.63 -0.60
C VAL A 15 7.75 4.26 -0.87
N ASN A 16 7.92 4.73 -2.07
CA ASN A 16 9.15 5.37 -2.51
C ASN A 16 9.37 6.69 -1.79
N GLU A 17 8.28 7.41 -1.55
CA GLU A 17 8.33 8.67 -0.81
C GLU A 17 8.74 8.40 0.62
N ILE A 18 7.96 7.55 1.29
CA ILE A 18 8.16 7.23 2.69
C ILE A 18 9.51 6.58 2.92
N ALA A 19 9.80 5.54 2.19
CA ALA A 19 11.01 4.80 2.40
C ALA A 19 11.99 5.03 1.28
N GLY A 20 11.59 4.68 0.09
CA GLY A 20 12.51 4.79 -1.04
C GLY A 20 12.65 3.48 -1.76
N ILE A 21 11.70 2.59 -1.56
CA ILE A 21 11.68 1.32 -2.24
C ILE A 21 11.26 1.57 -3.69
N PRO A 22 11.93 0.94 -4.68
CA PRO A 22 11.63 1.09 -6.11
C PRO A 22 10.14 1.13 -6.44
N VAL A 23 9.76 2.12 -7.24
CA VAL A 23 8.36 2.42 -7.61
C VAL A 23 7.70 1.36 -8.51
N GLU A 24 8.28 0.23 -8.60
CA GLU A 24 7.75 -0.84 -9.40
C GLU A 24 7.98 -2.17 -8.69
N ASP A 25 8.55 -2.10 -7.52
CA ASP A 25 8.97 -3.29 -6.84
C ASP A 25 7.98 -3.64 -5.74
N VAL A 26 6.92 -2.89 -5.63
CA VAL A 26 5.94 -3.13 -4.64
C VAL A 26 4.81 -3.91 -5.32
N LYS A 27 5.18 -5.10 -5.76
CA LYS A 27 4.32 -5.98 -6.51
C LYS A 27 3.43 -6.80 -5.58
N LEU A 28 2.47 -7.55 -6.16
CA LEU A 28 1.52 -8.35 -5.40
C LEU A 28 2.12 -9.18 -4.28
N ASP A 29 2.95 -10.17 -4.57
CA ASP A 29 3.57 -10.92 -3.47
C ASP A 29 4.89 -10.31 -3.04
N LYS A 30 4.77 -9.13 -2.49
CA LYS A 30 5.86 -8.39 -1.93
C LYS A 30 5.33 -7.78 -0.64
N SER A 31 5.62 -8.43 0.43
CA SER A 31 5.14 -8.04 1.71
C SER A 31 5.88 -6.81 2.22
N PHE A 32 5.11 -5.89 2.75
CA PHE A 32 5.58 -4.59 3.19
C PHE A 32 6.60 -4.72 4.31
N THR A 33 6.42 -5.69 5.18
CA THR A 33 7.34 -5.87 6.30
C THR A 33 8.16 -7.15 6.18
N ASP A 34 8.38 -7.60 4.95
CA ASP A 34 9.13 -8.84 4.70
C ASP A 34 10.09 -8.72 3.54
N ASP A 35 9.58 -8.38 2.38
CA ASP A 35 10.46 -8.32 1.21
C ASP A 35 10.91 -6.89 1.02
N LEU A 36 9.98 -5.99 1.21
CA LEU A 36 10.22 -4.58 1.00
C LEU A 36 10.86 -3.93 2.22
N ASP A 37 10.09 -3.90 3.29
CA ASP A 37 10.38 -3.18 4.53
C ASP A 37 10.31 -1.70 4.29
N VAL A 38 9.12 -1.17 4.45
CA VAL A 38 8.87 0.25 4.20
C VAL A 38 9.03 1.01 5.51
N ASP A 39 10.24 0.90 6.07
CA ASP A 39 10.66 1.55 7.34
C ASP A 39 9.87 1.04 8.58
N SER A 40 8.95 0.11 8.31
CA SER A 40 8.12 -0.69 9.27
C SER A 40 7.22 0.11 10.23
N LEU A 41 7.70 1.17 10.81
CA LEU A 41 6.87 2.00 11.64
C LEU A 41 6.16 3.06 10.80
N SER A 42 6.85 3.50 9.77
CA SER A 42 6.39 4.52 8.87
C SER A 42 5.31 4.02 7.92
N MET A 43 5.12 2.71 7.88
CA MET A 43 4.14 2.11 6.99
C MET A 43 2.71 2.70 7.14
N VAL A 44 2.39 3.22 8.32
CA VAL A 44 1.09 3.84 8.56
C VAL A 44 0.96 5.12 7.72
N GLU A 45 2.07 5.82 7.57
CA GLU A 45 2.11 7.05 6.81
C GLU A 45 1.94 6.75 5.32
N VAL A 46 2.48 5.59 4.90
CA VAL A 46 2.23 5.06 3.55
C VAL A 46 0.73 4.94 3.35
N VAL A 47 0.08 4.25 4.30
CA VAL A 47 -1.38 4.04 4.30
C VAL A 47 -2.10 5.38 4.09
N VAL A 48 -1.84 6.35 4.96
CA VAL A 48 -2.47 7.69 4.90
C VAL A 48 -2.37 8.31 3.48
N ALA A 49 -1.19 8.26 2.90
CA ALA A 49 -0.97 8.84 1.59
C ALA A 49 -1.57 7.97 0.50
N ALA A 50 -1.64 6.68 0.75
CA ALA A 50 -2.29 5.77 -0.16
C ALA A 50 -3.78 6.04 -0.15
N GLU A 51 -4.29 6.43 1.03
CA GLU A 51 -5.68 6.82 1.17
C GLU A 51 -5.95 7.98 0.25
N GLU A 52 -5.08 8.97 0.31
CA GLU A 52 -5.16 10.13 -0.54
C GLU A 52 -5.05 9.74 -2.02
N ARG A 53 -4.13 8.83 -2.30
CA ARG A 53 -3.86 8.37 -3.66
C ARG A 53 -5.04 7.63 -4.31
N PHE A 54 -5.67 6.73 -3.60
CA PHE A 54 -6.71 5.91 -4.23
C PHE A 54 -8.10 6.36 -3.88
N ASP A 55 -8.21 7.33 -2.97
CA ASP A 55 -9.52 7.76 -2.41
C ASP A 55 -10.04 6.60 -1.54
N VAL A 56 -9.08 5.91 -0.95
CA VAL A 56 -9.34 4.77 -0.11
C VAL A 56 -9.32 5.23 1.35
N LYS A 57 -9.70 4.38 2.24
CA LYS A 57 -9.79 4.68 3.66
C LYS A 57 -9.31 3.47 4.40
N ILE A 58 -8.22 3.58 5.11
CA ILE A 58 -7.68 2.44 5.83
C ILE A 58 -7.07 2.93 7.14
N PRO A 59 -7.66 2.59 8.30
CA PRO A 59 -7.08 2.92 9.59
C PRO A 59 -5.88 1.99 9.90
N ASP A 60 -4.98 2.43 10.79
CA ASP A 60 -3.76 1.65 11.10
C ASP A 60 -4.08 0.30 11.72
N ASP A 61 -5.23 0.18 12.35
CA ASP A 61 -5.61 -1.11 12.93
C ASP A 61 -6.11 -2.05 11.90
N ASP A 62 -6.66 -1.51 10.85
CA ASP A 62 -7.24 -2.33 9.81
C ASP A 62 -6.16 -2.73 8.81
N VAL A 63 -5.15 -1.86 8.66
CA VAL A 63 -4.02 -2.14 7.77
C VAL A 63 -3.14 -3.27 8.34
N LYS A 64 -3.24 -3.46 9.66
CA LYS A 64 -2.49 -4.50 10.37
C LYS A 64 -2.80 -5.91 9.81
N ASN A 65 -3.85 -6.00 9.03
CA ASN A 65 -4.37 -7.26 8.51
C ASN A 65 -3.81 -7.57 7.14
N LEU A 66 -2.93 -6.72 6.65
CA LEU A 66 -2.39 -6.90 5.32
C LEU A 66 -1.18 -7.79 5.31
N LYS A 67 -0.98 -8.49 4.22
CA LYS A 67 0.13 -9.37 4.06
C LYS A 67 1.05 -8.82 2.98
N THR A 68 0.53 -8.78 1.77
CA THR A 68 1.25 -8.32 0.62
C THR A 68 0.39 -7.29 -0.11
N VAL A 69 0.76 -6.88 -1.33
CA VAL A 69 -0.08 -5.92 -2.03
C VAL A 69 -1.15 -6.61 -2.79
N GLY A 70 -1.03 -7.93 -2.93
CA GLY A 70 -2.04 -8.69 -3.61
C GLY A 70 -3.32 -8.59 -2.82
N ASP A 71 -3.16 -8.67 -1.51
CA ASP A 71 -4.23 -8.51 -0.56
C ASP A 71 -4.66 -7.07 -0.62
N ALA A 72 -3.67 -6.18 -0.40
CA ALA A 72 -3.87 -4.74 -0.32
C ALA A 72 -4.64 -4.17 -1.50
N THR A 73 -4.34 -4.61 -2.70
CA THR A 73 -5.02 -4.14 -3.90
C THR A 73 -6.54 -4.35 -3.77
N LYS A 74 -6.95 -5.61 -3.63
CA LYS A 74 -8.36 -5.99 -3.54
C LYS A 74 -9.00 -5.34 -2.32
N TYR A 75 -8.21 -5.27 -1.29
CA TYR A 75 -8.57 -4.67 -0.02
C TYR A 75 -8.90 -3.18 -0.22
N ILE A 76 -8.01 -2.49 -0.91
CA ILE A 76 -8.17 -1.09 -1.25
C ILE A 76 -9.37 -0.91 -2.17
N LEU A 77 -9.58 -1.85 -3.06
CA LEU A 77 -10.71 -1.82 -3.97
C LEU A 77 -12.04 -1.93 -3.21
N ASP A 78 -12.00 -2.55 -2.05
CA ASP A 78 -13.16 -2.71 -1.19
C ASP A 78 -13.30 -1.50 -0.26
N HIS A 79 -12.16 -1.05 0.25
CA HIS A 79 -12.06 0.03 1.24
C HIS A 79 -12.06 1.44 0.63
N GLN A 80 -12.21 1.55 -0.68
CA GLN A 80 -12.21 2.87 -1.31
C GLN A 80 -13.62 3.39 -1.51
N ALA A 81 -13.73 4.68 -1.75
CA ALA A 81 -15.00 5.40 -1.93
C ALA A 81 -15.73 5.58 -0.61
C1 SOO B . 1.36 -4.39 6.76
O1 SOO B . 1.03 -5.11 5.82
S1 SOO B . 1.63 -5.03 8.37
C2 SOO B . 1.51 -2.94 6.53
C3 SOO B . 1.21 -2.36 5.36
C4 SOO B . 1.45 -0.89 5.19
C5 SOO B . 1.16 -0.39 3.79
C6 SOO B . -0.30 -0.55 3.40
C7 SOO B . -0.57 0.02 2.02
C8 SOO B . -2.03 -0.14 1.69
O23 SOO B . 11.12 -0.64 12.90
P24 SOO B . 10.55 -1.71 12.05
O26 SOO B . 11.41 -2.88 11.66
O27 SOO B . 9.27 -2.30 12.78
C28 SOO B . 8.22 -1.40 13.35
C29 SOO B . 7.11 -2.26 14.02
C30 SOO B . 6.36 -3.02 12.91
C31 SOO B . 7.76 -3.27 14.96
C32 SOO B . 6.13 -1.35 14.91
O33 SOO B . 6.90 -0.50 15.74
C34 SOO B . 5.19 -0.42 14.14
O35 SOO B . 5.36 0.80 14.24
N36 SOO B . 4.20 -0.96 13.45
C37 SOO B . 3.21 -0.19 12.72
C38 SOO B . 1.79 -0.71 12.98
C39 SOO B . 1.54 -2.14 12.51
O40 SOO B . 0.86 -2.94 13.16
N41 SOO B . 2.09 -2.44 11.36
C42 SOO B . 1.99 -3.72 10.70
C43 SOO B . 2.03 -3.56 9.20
H2 SOO B . 1.82 -2.30 7.37
H3 SOO B . 0.89 -2.96 4.48
H4 SOO B . 0.82 -0.37 5.89
H4A SOO B . 2.48 -0.69 5.42
H5 SOO B . 1.77 -0.94 3.08
H5A SOO B . 1.42 0.66 3.73
H6 SOO B . -0.91 -0.03 4.13
H6A SOO B . -0.55 -1.60 3.41
H7 SOO B . 0.01 -0.52 1.29
H7A SOO B . -0.32 1.07 2.02
H8 SOO B . -2.29 -1.19 1.70
H8A SOO B . -2.22 0.26 0.70
H8B SOO B . -2.64 0.38 2.42
H28 SOO B . 8.68 -0.76 14.08
H28A SOO B . 7.77 -0.81 12.56
H30 SOO B . 7.05 -3.64 12.38
H30A SOO B . 5.91 -2.32 12.23
H30B SOO B . 5.59 -3.63 13.35
H31 SOO B . 8.42 -3.92 14.39
H31A SOO B . 6.99 -3.88 15.42
H31B SOO B . 8.32 -2.76 15.72
H32 SOO B . 5.53 -1.99 15.55
HO33 SOO B . 6.52 0.35 15.48
HN36 SOO B . 4.09 -1.93 13.42
H37 SOO B . 3.27 0.84 13.04
H37A SOO B . 3.44 -0.23 11.66
H38 SOO B . 1.57 -0.65 14.03
H38A SOO B . 1.13 -0.07 12.43
HN41 SOO B . 2.61 -1.74 10.92
H42 SOO B . 2.78 -4.39 11.03
H42A SOO B . 1.04 -4.17 10.95
H43 SOO B . 3.03 -3.24 8.93
H43A SOO B . 1.33 -2.79 8.92
N ALA A 1 -11.94 5.51 -5.59
CA ALA A 1 -11.96 4.38 -6.53
C ALA A 1 -10.66 4.34 -7.31
N ALA A 2 -10.07 3.16 -7.43
CA ALA A 2 -8.82 2.94 -8.12
C ALA A 2 -8.64 1.46 -8.36
N THR A 3 -8.04 1.09 -9.48
CA THR A 3 -7.90 -0.31 -9.85
C THR A 3 -6.57 -0.88 -9.35
N GLN A 4 -6.26 -2.14 -9.71
CA GLN A 4 -4.98 -2.75 -9.38
C GLN A 4 -3.86 -1.94 -9.94
N GLU A 5 -4.07 -1.39 -11.11
CA GLU A 5 -3.08 -0.58 -11.77
C GLU A 5 -2.73 0.62 -10.89
N GLU A 6 -3.77 1.39 -10.50
CA GLU A 6 -3.56 2.57 -9.66
C GLU A 6 -2.97 2.19 -8.33
N ILE A 7 -3.45 1.09 -7.77
CA ILE A 7 -2.98 0.61 -6.48
C ILE A 7 -1.51 0.25 -6.53
N VAL A 8 -1.14 -0.74 -7.31
CA VAL A 8 0.24 -1.22 -7.41
C VAL A 8 1.20 -0.08 -7.84
N ALA A 9 0.89 0.56 -8.95
CA ALA A 9 1.74 1.61 -9.48
C ALA A 9 1.75 2.85 -8.58
N GLY A 10 0.70 3.03 -7.82
CA GLY A 10 0.64 4.15 -6.92
C GLY A 10 1.39 3.87 -5.67
N LEU A 11 1.21 2.66 -5.17
CA LEU A 11 1.85 2.16 -3.97
C LEU A 11 3.33 2.42 -4.00
N ALA A 12 3.97 1.97 -5.06
CA ALA A 12 5.41 2.08 -5.21
C ALA A 12 5.90 3.52 -5.14
N GLU A 13 5.14 4.45 -5.70
CA GLU A 13 5.48 5.86 -5.67
C GLU A 13 5.51 6.37 -4.24
N ILE A 14 4.45 6.08 -3.50
CA ILE A 14 4.36 6.48 -2.09
C ILE A 14 5.40 5.71 -1.26
N VAL A 15 5.54 4.43 -1.54
CA VAL A 15 6.49 3.57 -0.86
C VAL A 15 7.92 4.06 -1.05
N ASN A 16 8.22 4.58 -2.21
CA ASN A 16 9.57 5.05 -2.52
C ASN A 16 9.93 6.31 -1.75
N GLU A 17 8.96 7.18 -1.54
CA GLU A 17 9.25 8.42 -0.83
C GLU A 17 9.21 8.22 0.69
N ILE A 18 8.28 7.44 1.18
CA ILE A 18 8.14 7.23 2.61
C ILE A 18 9.11 6.16 3.12
N ALA A 19 9.11 5.00 2.51
CA ALA A 19 9.99 3.92 2.96
C ALA A 19 11.32 3.95 2.20
N GLY A 20 11.25 4.13 0.90
CA GLY A 20 12.46 4.17 0.08
C GLY A 20 12.59 2.98 -0.83
N ILE A 21 11.57 2.15 -0.87
CA ILE A 21 11.59 0.93 -1.66
C ILE A 21 11.38 1.21 -3.15
N PRO A 22 12.21 0.56 -4.01
CA PRO A 22 12.16 0.68 -5.48
C PRO A 22 10.73 0.71 -6.07
N VAL A 23 10.50 1.66 -6.95
CA VAL A 23 9.19 1.90 -7.57
C VAL A 23 8.79 0.84 -8.60
N GLU A 24 9.51 -0.25 -8.64
CA GLU A 24 9.25 -1.30 -9.59
C GLU A 24 9.17 -2.62 -8.85
N ASP A 25 9.38 -2.56 -7.56
CA ASP A 25 9.56 -3.76 -6.77
C ASP A 25 8.36 -4.01 -5.85
N VAL A 26 7.37 -3.15 -5.91
CA VAL A 26 6.21 -3.28 -5.07
C VAL A 26 5.13 -4.00 -5.86
N LYS A 27 5.35 -5.27 -6.04
CA LYS A 27 4.49 -6.11 -6.85
C LYS A 27 3.56 -6.96 -5.98
N LEU A 28 2.51 -7.51 -6.58
CA LEU A 28 1.44 -8.25 -5.87
C LEU A 28 1.96 -9.37 -4.96
N ASP A 29 3.05 -10.00 -5.36
CA ASP A 29 3.65 -11.09 -4.59
C ASP A 29 4.73 -10.58 -3.63
N LYS A 30 4.70 -9.30 -3.33
CA LYS A 30 5.64 -8.72 -2.42
C LYS A 30 4.97 -8.36 -1.14
N SER A 31 5.49 -8.85 -0.08
CA SER A 31 4.99 -8.57 1.21
C SER A 31 5.70 -7.36 1.78
N PHE A 32 4.91 -6.48 2.37
CA PHE A 32 5.43 -5.32 3.06
C PHE A 32 6.33 -5.77 4.18
N THR A 33 5.76 -6.49 5.11
CA THR A 33 6.42 -6.94 6.31
C THR A 33 7.29 -8.19 6.07
N ASP A 34 8.13 -8.18 5.04
CA ASP A 34 9.03 -9.31 4.75
C ASP A 34 9.92 -9.06 3.55
N ASP A 35 9.31 -8.82 2.40
CA ASP A 35 10.09 -8.68 1.16
C ASP A 35 10.56 -7.27 0.96
N LEU A 36 9.70 -6.34 1.29
CA LEU A 36 9.97 -4.94 1.02
C LEU A 36 10.53 -4.21 2.23
N ASP A 37 9.77 -4.26 3.31
CA ASP A 37 9.91 -3.43 4.51
C ASP A 37 9.33 -2.07 4.22
N VAL A 38 8.28 -1.76 4.91
CA VAL A 38 7.58 -0.53 4.70
C VAL A 38 7.79 0.35 5.94
N ASP A 39 8.91 0.06 6.59
CA ASP A 39 9.44 0.70 7.80
C ASP A 39 8.51 0.51 9.00
N SER A 40 7.46 -0.28 8.77
CA SER A 40 6.43 -0.73 9.71
C SER A 40 5.64 0.39 10.45
N LEU A 41 6.33 1.28 11.10
CA LEU A 41 5.70 2.38 11.78
C LEU A 41 5.34 3.49 10.79
N SER A 42 6.22 3.70 9.80
CA SER A 42 6.00 4.69 8.77
C SER A 42 5.02 4.20 7.74
N MET A 43 4.73 2.90 7.81
CA MET A 43 3.78 2.27 6.92
C MET A 43 2.46 3.00 6.94
N VAL A 44 2.06 3.35 8.13
CA VAL A 44 0.83 4.07 8.38
C VAL A 44 0.74 5.34 7.50
N GLU A 45 1.86 6.03 7.35
CA GLU A 45 1.91 7.23 6.53
C GLU A 45 1.73 6.88 5.05
N VAL A 46 2.32 5.75 4.62
CA VAL A 46 2.11 5.21 3.27
C VAL A 46 0.61 5.04 3.05
N VAL A 47 -0.07 4.42 4.01
CA VAL A 47 -1.52 4.23 3.96
C VAL A 47 -2.24 5.56 3.78
N VAL A 48 -1.91 6.56 4.60
CA VAL A 48 -2.52 7.91 4.52
C VAL A 48 -2.47 8.47 3.08
N ALA A 49 -1.31 8.34 2.46
CA ALA A 49 -1.10 8.83 1.11
C ALA A 49 -1.80 7.95 0.09
N ALA A 50 -1.90 6.68 0.40
CA ALA A 50 -2.64 5.74 -0.42
C ALA A 50 -4.13 6.07 -0.35
N GLU A 51 -4.57 6.44 0.85
CA GLU A 51 -5.93 6.87 1.07
C GLU A 51 -6.25 8.10 0.24
N GLU A 52 -5.24 8.91 0.05
CA GLU A 52 -5.35 10.06 -0.81
C GLU A 52 -5.43 9.60 -2.27
N ARG A 53 -4.43 8.83 -2.67
CA ARG A 53 -4.22 8.34 -4.04
C ARG A 53 -5.41 7.54 -4.61
N PHE A 54 -6.01 6.68 -3.81
CA PHE A 54 -7.10 5.82 -4.32
C PHE A 54 -8.44 6.28 -3.80
N ASP A 55 -8.38 7.27 -2.93
CA ASP A 55 -9.54 7.73 -2.14
C ASP A 55 -10.03 6.56 -1.27
N VAL A 56 -9.08 5.72 -0.89
CA VAL A 56 -9.38 4.61 -0.03
C VAL A 56 -9.42 5.14 1.40
N LYS A 57 -9.86 4.36 2.29
CA LYS A 57 -9.86 4.71 3.66
C LYS A 57 -9.61 3.48 4.48
N ILE A 58 -8.48 3.45 5.13
CA ILE A 58 -8.06 2.31 5.90
C ILE A 58 -7.47 2.78 7.23
N PRO A 59 -8.21 2.62 8.32
CA PRO A 59 -7.72 2.95 9.66
C PRO A 59 -6.55 2.03 10.09
N ASP A 60 -5.85 2.40 11.14
CA ASP A 60 -4.65 1.66 11.58
C ASP A 60 -4.97 0.27 12.11
N ASP A 61 -6.10 0.12 12.79
CA ASP A 61 -6.53 -1.21 13.28
C ASP A 61 -6.73 -2.14 12.11
N ASP A 62 -7.33 -1.58 11.10
CA ASP A 62 -7.72 -2.27 9.88
C ASP A 62 -6.48 -2.68 9.07
N VAL A 63 -5.49 -1.78 9.00
CA VAL A 63 -4.29 -2.02 8.20
C VAL A 63 -3.39 -3.12 8.78
N LYS A 64 -3.51 -3.37 10.10
CA LYS A 64 -2.65 -4.38 10.78
C LYS A 64 -2.87 -5.80 10.23
N ASN A 65 -3.89 -5.98 9.43
CA ASN A 65 -4.24 -7.29 8.92
C ASN A 65 -3.72 -7.50 7.50
N LEU A 66 -2.94 -6.57 7.01
CA LEU A 66 -2.41 -6.66 5.66
C LEU A 66 -1.04 -7.33 5.68
N LYS A 67 -0.59 -7.77 4.51
CA LYS A 67 0.68 -8.45 4.44
C LYS A 67 1.41 -8.17 3.13
N THR A 68 0.73 -8.32 2.03
CA THR A 68 1.32 -8.08 0.74
C THR A 68 0.55 -6.99 0.06
N VAL A 69 1.02 -6.52 -1.09
CA VAL A 69 0.20 -5.59 -1.85
C VAL A 69 -0.84 -6.37 -2.61
N GLY A 70 -0.67 -7.69 -2.66
CA GLY A 70 -1.63 -8.54 -3.28
C GLY A 70 -2.91 -8.50 -2.51
N ASP A 71 -2.80 -8.70 -1.21
CA ASP A 71 -3.96 -8.62 -0.34
C ASP A 71 -4.43 -7.20 -0.29
N ALA A 72 -3.46 -6.27 -0.19
CA ALA A 72 -3.74 -4.84 -0.10
C ALA A 72 -4.54 -4.34 -1.30
N THR A 73 -4.21 -4.79 -2.50
CA THR A 73 -4.93 -4.39 -3.71
C THR A 73 -6.41 -4.74 -3.60
N LYS A 74 -6.69 -6.01 -3.32
CA LYS A 74 -8.08 -6.51 -3.27
C LYS A 74 -8.80 -5.88 -2.09
N TYR A 75 -8.02 -5.53 -1.11
CA TYR A 75 -8.48 -4.93 0.10
C TYR A 75 -8.89 -3.51 -0.18
N ILE A 76 -7.97 -2.75 -0.77
CA ILE A 76 -8.19 -1.38 -1.14
C ILE A 76 -9.35 -1.26 -2.09
N LEU A 77 -9.44 -2.19 -3.05
CA LEU A 77 -10.56 -2.22 -4.00
C LEU A 77 -11.92 -2.20 -3.28
N ASP A 78 -12.01 -2.90 -2.17
CA ASP A 78 -13.24 -2.97 -1.41
C ASP A 78 -13.33 -1.85 -0.37
N HIS A 79 -12.21 -1.57 0.28
CA HIS A 79 -12.11 -0.62 1.39
C HIS A 79 -12.04 0.85 0.92
N GLN A 80 -12.18 1.07 -0.37
CA GLN A 80 -12.09 2.42 -0.92
C GLN A 80 -13.46 3.01 -1.13
N ALA A 81 -13.48 4.29 -1.44
CA ALA A 81 -14.70 4.94 -1.77
C ALA A 81 -14.92 4.73 -3.24
C1 SOO B . 1.96 -4.02 7.70
O1 SOO B . 0.92 -4.48 8.15
S1 SOO B . 3.48 -4.13 8.52
C2 SOO B . 1.94 -3.30 6.42
C3 SOO B . 0.78 -3.05 5.78
C4 SOO B . 0.83 -2.13 4.60
C5 SOO B . -0.56 -1.84 4.05
C6 SOO B . -0.49 -0.76 2.99
C7 SOO B . -1.87 -0.43 2.44
C8 SOO B . -1.76 0.66 1.40
O23 SOO B . 9.81 -1.55 13.09
P24 SOO B . 8.90 -2.34 12.24
O26 SOO B . 9.48 -3.40 11.36
O27 SOO B . 7.78 -2.99 13.15
C28 SOO B . 7.05 -2.06 14.06
C29 SOO B . 5.94 -2.78 14.85
C30 SOO B . 5.01 -3.44 13.85
C31 SOO B . 6.55 -3.84 15.76
C32 SOO B . 5.18 -1.72 15.76
O33 SOO B . 6.10 -1.13 16.68
C34 SOO B . 4.62 -0.54 14.94
O35 SOO B . 5.20 0.54 14.96
N36 SOO B . 3.52 -0.75 14.25
C37 SOO B . 2.83 0.24 13.42
C38 SOO B . 1.39 -0.17 13.07
C39 SOO B . 1.29 -1.49 12.32
O40 SOO B . 0.39 -2.30 12.56
N41 SOO B . 2.23 -1.69 11.44
C42 SOO B . 2.34 -2.90 10.61
C43 SOO B . 3.35 -2.68 9.48
H2 SOO B . 2.88 -2.91 6.00
H3 SOO B . -0.17 -3.43 6.16
H4 SOO B . 1.29 -1.20 4.90
H4A SOO B . 1.40 -2.60 3.82
H5 SOO B . -1.19 -1.49 4.86
H5A SOO B . -0.97 -2.73 3.63
H6 SOO B . 0.14 -1.10 2.18
H6A SOO B . -0.07 0.14 3.41
H7 SOO B . -2.50 -0.07 3.24
H7A SOO B . -2.30 -1.31 1.99
H8 SOO B . -1.33 1.55 1.85
H8A SOO B . -2.74 0.89 1.02
H8B SOO B . -1.12 0.32 0.59
H28 SOO B . 7.77 -1.65 14.75
H28A SOO B . 6.62 -1.27 13.47
H30 SOO B . 5.55 -4.15 13.26
H30A SOO B . 4.57 -2.69 13.22
H30B SOO B . 4.22 -3.96 14.39
H31 SOO B . 7.09 -4.57 15.16
H31A SOO B . 5.76 -4.34 16.31
H31B SOO B . 7.24 -3.37 16.45
H32 SOO B . 4.39 -2.20 16.31
HO33 SOO B . 6.12 -0.21 16.38
HN36 SOO B . 3.11 -1.65 14.32
H37 SOO B . 2.81 1.19 13.95
H37A SOO B . 3.39 0.39 12.51
H38 SOO B . 0.80 -0.24 13.97
H38A SOO B . 1.02 0.60 12.42
HN41 SOO B . 2.90 -0.99 11.33
H42 SOO B . 2.67 -3.72 11.22
H42A SOO B . 1.38 -3.12 10.18
H43 SOO B . 4.31 -2.44 9.91
H43A SOO B . 3.00 -1.87 8.87
N ALA A 1 -11.39 6.39 -7.98
CA ALA A 1 -11.21 5.06 -7.41
C ALA A 1 -10.08 4.36 -8.13
N ALA A 2 -9.48 3.39 -7.48
CA ALA A 2 -8.32 2.72 -8.01
C ALA A 2 -8.65 1.34 -8.57
N THR A 3 -7.63 0.69 -9.10
CA THR A 3 -7.67 -0.67 -9.61
C THR A 3 -6.36 -1.32 -9.19
N GLN A 4 -6.08 -2.54 -9.64
CA GLN A 4 -4.81 -3.19 -9.35
C GLN A 4 -3.65 -2.39 -9.89
N GLU A 5 -3.80 -1.89 -11.11
CA GLU A 5 -2.77 -1.11 -11.78
C GLU A 5 -2.49 0.17 -11.00
N GLU A 6 -3.54 0.78 -10.49
CA GLU A 6 -3.42 2.01 -9.75
C GLU A 6 -2.83 1.78 -8.38
N ILE A 7 -3.25 0.70 -7.75
CA ILE A 7 -2.79 0.35 -6.41
C ILE A 7 -1.31 0.02 -6.41
N VAL A 8 -0.92 -0.99 -7.16
CA VAL A 8 0.48 -1.43 -7.23
C VAL A 8 1.42 -0.25 -7.57
N ALA A 9 1.23 0.32 -8.75
CA ALA A 9 2.08 1.41 -9.24
C ALA A 9 2.01 2.64 -8.32
N GLY A 10 0.82 2.94 -7.82
CA GLY A 10 0.63 4.11 -7.01
C GLY A 10 1.25 3.98 -5.64
N LEU A 11 1.14 2.81 -5.06
CA LEU A 11 1.71 2.53 -3.75
C LEU A 11 3.20 2.71 -3.79
N ALA A 12 3.83 2.19 -4.84
CA ALA A 12 5.26 2.26 -5.01
C ALA A 12 5.78 3.69 -5.02
N GLU A 13 4.96 4.62 -5.50
CA GLU A 13 5.33 6.01 -5.51
C GLU A 13 5.51 6.50 -4.08
N ILE A 14 4.47 6.33 -3.27
CA ILE A 14 4.50 6.79 -1.89
C ILE A 14 5.50 5.93 -1.06
N VAL A 15 5.65 4.67 -1.44
CA VAL A 15 6.64 3.81 -0.80
C VAL A 15 8.05 4.37 -1.02
N ASN A 16 8.32 4.83 -2.22
CA ASN A 16 9.63 5.38 -2.55
C ASN A 16 9.87 6.70 -1.81
N GLU A 17 8.81 7.38 -1.46
CA GLU A 17 8.91 8.64 -0.73
C GLU A 17 9.31 8.40 0.71
N ILE A 18 8.53 7.60 1.38
CA ILE A 18 8.71 7.34 2.79
C ILE A 18 9.79 6.29 3.06
N ALA A 19 9.68 5.15 2.41
CA ALA A 19 10.61 4.04 2.66
C ALA A 19 11.83 4.12 1.76
N GLY A 20 11.63 4.62 0.55
CA GLY A 20 12.72 4.76 -0.41
C GLY A 20 12.89 3.52 -1.26
N ILE A 21 11.91 2.65 -1.21
CA ILE A 21 11.93 1.39 -1.94
C ILE A 21 11.59 1.62 -3.42
N PRO A 22 12.29 0.90 -4.36
CA PRO A 22 12.09 0.97 -5.81
C PRO A 22 10.62 1.14 -6.24
N VAL A 23 10.42 2.02 -7.21
CA VAL A 23 9.10 2.46 -7.67
C VAL A 23 8.36 1.44 -8.54
N GLU A 24 8.76 0.21 -8.50
CA GLU A 24 8.07 -0.84 -9.21
C GLU A 24 8.29 -2.15 -8.50
N ASP A 25 8.77 -2.06 -7.28
CA ASP A 25 9.12 -3.26 -6.53
C ASP A 25 8.05 -3.58 -5.51
N VAL A 26 7.03 -2.74 -5.47
CA VAL A 26 5.89 -2.93 -4.61
C VAL A 26 4.87 -3.71 -5.44
N LYS A 27 5.24 -4.93 -5.70
CA LYS A 27 4.52 -5.82 -6.59
C LYS A 27 3.50 -6.63 -5.82
N LEU A 28 2.52 -7.18 -6.54
CA LEU A 28 1.43 -7.99 -5.98
C LEU A 28 1.91 -9.07 -5.03
N ASP A 29 3.03 -9.68 -5.35
CA ASP A 29 3.53 -10.80 -4.55
C ASP A 29 4.58 -10.34 -3.54
N LYS A 30 4.61 -9.05 -3.24
CA LYS A 30 5.58 -8.52 -2.30
C LYS A 30 4.87 -8.13 -1.02
N SER A 31 5.37 -8.60 0.09
CA SER A 31 4.78 -8.35 1.38
C SER A 31 5.34 -7.06 1.95
N PHE A 32 4.45 -6.23 2.48
CA PHE A 32 4.85 -4.95 3.06
C PHE A 32 5.90 -5.12 4.14
N THR A 33 5.54 -5.77 5.23
CA THR A 33 6.43 -5.91 6.35
C THR A 33 7.34 -7.15 6.22
N ASP A 34 7.91 -7.34 5.06
CA ASP A 34 8.81 -8.47 4.83
C ASP A 34 9.72 -8.19 3.68
N ASP A 35 9.13 -7.79 2.59
CA ASP A 35 9.88 -7.49 1.38
C ASP A 35 10.19 -6.04 1.33
N LEU A 36 9.15 -5.25 1.40
CA LEU A 36 9.23 -3.83 1.20
C LEU A 36 9.90 -3.12 2.37
N ASP A 37 9.29 -3.27 3.55
CA ASP A 37 9.74 -2.59 4.77
C ASP A 37 9.59 -1.10 4.68
N VAL A 38 8.49 -0.61 5.20
CA VAL A 38 8.19 0.79 5.17
C VAL A 38 8.44 1.36 6.57
N ASP A 39 9.59 0.98 7.12
CA ASP A 39 10.13 1.44 8.43
C ASP A 39 9.25 0.95 9.62
N SER A 40 8.25 0.15 9.28
CA SER A 40 7.24 -0.48 10.16
C SER A 40 6.34 0.50 10.93
N LEU A 41 6.90 1.55 11.47
CA LEU A 41 6.07 2.55 12.12
C LEU A 41 5.57 3.55 11.09
N SER A 42 6.41 3.80 10.11
CA SER A 42 6.12 4.72 9.04
C SER A 42 5.17 4.16 8.02
N MET A 43 4.91 2.86 8.09
CA MET A 43 3.95 2.29 7.16
C MET A 43 2.57 2.91 7.30
N VAL A 44 2.24 3.41 8.48
CA VAL A 44 0.95 4.06 8.67
C VAL A 44 0.91 5.32 7.78
N GLU A 45 2.05 5.95 7.65
CA GLU A 45 2.19 7.14 6.87
C GLU A 45 2.02 6.81 5.38
N VAL A 46 2.66 5.70 4.91
CA VAL A 46 2.46 5.28 3.51
C VAL A 46 0.99 4.94 3.24
N VAL A 47 0.28 4.45 4.28
CA VAL A 47 -1.15 4.15 4.16
C VAL A 47 -1.91 5.42 3.87
N VAL A 48 -1.79 6.41 4.75
CA VAL A 48 -2.49 7.70 4.66
C VAL A 48 -2.34 8.37 3.27
N ALA A 49 -1.16 8.28 2.71
CA ALA A 49 -0.91 8.88 1.42
C ALA A 49 -1.37 7.96 0.31
N ALA A 50 -1.36 6.68 0.56
CA ALA A 50 -1.88 5.71 -0.38
C ALA A 50 -3.38 5.86 -0.47
N GLU A 51 -4.02 6.15 0.67
CA GLU A 51 -5.45 6.42 0.75
C GLU A 51 -5.79 7.54 -0.22
N GLU A 52 -4.97 8.56 -0.15
CA GLU A 52 -5.12 9.76 -0.95
C GLU A 52 -4.92 9.46 -2.45
N ARG A 53 -4.17 8.43 -2.72
CA ARG A 53 -3.81 8.05 -4.07
C ARG A 53 -4.85 7.10 -4.67
N PHE A 54 -5.53 6.33 -3.82
CA PHE A 54 -6.50 5.33 -4.31
C PHE A 54 -7.92 5.77 -4.09
N ASP A 55 -8.05 6.92 -3.42
CA ASP A 55 -9.34 7.50 -3.01
C ASP A 55 -9.99 6.61 -1.93
N VAL A 56 -9.17 5.81 -1.28
CA VAL A 56 -9.67 4.88 -0.30
C VAL A 56 -9.44 5.47 1.10
N LYS A 57 -9.72 4.68 2.10
CA LYS A 57 -9.54 5.00 3.50
C LYS A 57 -9.27 3.72 4.23
N ILE A 58 -8.14 3.65 4.86
CA ILE A 58 -7.75 2.48 5.60
C ILE A 58 -7.01 2.95 6.87
N PRO A 59 -7.70 2.99 8.01
CA PRO A 59 -7.08 3.36 9.29
C PRO A 59 -6.00 2.33 9.73
N ASP A 60 -5.15 2.67 10.70
CA ASP A 60 -4.10 1.73 11.17
C ASP A 60 -4.71 0.46 11.78
N ASP A 61 -5.89 0.62 12.34
CA ASP A 61 -6.66 -0.50 12.87
C ASP A 61 -7.09 -1.44 11.76
N ASP A 62 -7.31 -0.89 10.60
CA ASP A 62 -7.77 -1.65 9.46
C ASP A 62 -6.59 -2.26 8.71
N VAL A 63 -5.54 -1.45 8.51
CA VAL A 63 -4.35 -1.82 7.71
C VAL A 63 -3.61 -3.06 8.25
N LYS A 64 -3.79 -3.36 9.53
CA LYS A 64 -3.10 -4.48 10.18
C LYS A 64 -3.46 -5.86 9.56
N ASN A 65 -4.43 -5.87 8.66
CA ASN A 65 -4.87 -7.10 8.03
C ASN A 65 -4.17 -7.33 6.69
N LEU A 66 -3.28 -6.44 6.33
CA LEU A 66 -2.60 -6.52 5.05
C LEU A 66 -1.40 -7.44 5.10
N LYS A 67 -1.09 -8.03 3.98
CA LYS A 67 0.03 -8.92 3.85
C LYS A 67 0.90 -8.45 2.69
N THR A 68 0.46 -8.77 1.48
CA THR A 68 1.15 -8.34 0.29
C THR A 68 0.31 -7.26 -0.35
N VAL A 69 0.70 -6.77 -1.51
CA VAL A 69 -0.15 -5.82 -2.15
C VAL A 69 -1.23 -6.51 -2.94
N GLY A 70 -1.09 -7.83 -3.13
CA GLY A 70 -2.13 -8.59 -3.78
C GLY A 70 -3.34 -8.58 -2.89
N ASP A 71 -3.10 -8.87 -1.62
CA ASP A 71 -4.12 -8.82 -0.58
C ASP A 71 -4.62 -7.41 -0.48
N ALA A 72 -3.67 -6.48 -0.42
CA ALA A 72 -3.96 -5.07 -0.27
C ALA A 72 -4.86 -4.56 -1.36
N THR A 73 -4.58 -4.90 -2.61
CA THR A 73 -5.38 -4.47 -3.76
C THR A 73 -6.87 -4.78 -3.52
N LYS A 74 -7.16 -6.03 -3.23
CA LYS A 74 -8.52 -6.51 -3.05
C LYS A 74 -9.15 -5.85 -1.82
N TYR A 75 -8.33 -5.67 -0.82
CA TYR A 75 -8.71 -5.12 0.45
C TYR A 75 -9.12 -3.68 0.27
N ILE A 76 -8.26 -2.95 -0.41
CA ILE A 76 -8.48 -1.56 -0.74
C ILE A 76 -9.73 -1.46 -1.55
N LEU A 77 -9.81 -2.22 -2.63
CA LEU A 77 -10.96 -2.19 -3.52
C LEU A 77 -12.29 -2.48 -2.79
N ASP A 78 -12.25 -3.34 -1.81
CA ASP A 78 -13.44 -3.67 -1.02
C ASP A 78 -13.72 -2.60 0.03
N HIS A 79 -12.67 -1.97 0.53
CA HIS A 79 -12.77 -0.92 1.55
C HIS A 79 -12.97 0.45 0.92
N GLN A 80 -13.12 0.44 -0.41
CA GLN A 80 -13.45 1.62 -1.21
C GLN A 80 -14.91 1.99 -0.99
N ALA A 81 -15.35 3.07 -1.64
CA ALA A 81 -16.72 3.55 -1.58
C ALA A 81 -17.05 4.01 -0.17
C1 SOO B . 1.18 -4.02 6.81
O1 SOO B . 0.62 -4.72 5.97
S1 SOO B . 1.81 -4.69 8.30
C2 SOO B . 1.41 -2.60 6.50
C3 SOO B . 1.05 -2.06 5.31
C4 SOO B . 1.39 -0.64 5.03
C5 SOO B . 1.02 -0.17 3.63
C6 SOO B . -0.47 -0.19 3.38
C7 SOO B . -0.81 0.37 2.01
C8 SOO B . -2.31 0.37 1.80
O23 SOO B . 9.43 -0.94 14.44
P24 SOO B . 8.92 -1.85 13.35
O26 SOO B . 9.75 -3.01 12.95
O27 SOO B . 7.50 -2.40 13.79
C28 SOO B . 6.41 -1.46 14.24
C29 SOO B . 5.14 -2.25 14.67
C30 SOO B . 4.62 -2.99 13.43
C31 SOO B . 5.52 -3.27 15.74
C32 SOO B . 4.01 -1.31 15.28
O33 SOO B . 4.59 -0.50 16.30
C34 SOO B . 3.39 -0.33 14.26
O35 SOO B . 3.87 0.79 14.14
N36 SOO B . 2.31 -0.74 13.61
C37 SOO B . 1.59 0.10 12.66
C38 SOO B . 0.09 -0.26 12.54
C39 SOO B . -0.24 -1.57 11.81
O40 SOO B . -1.21 -2.26 12.13
N41 SOO B . 0.60 -1.86 10.85
C42 SOO B . 0.52 -3.04 9.98
C43 SOO B . 1.87 -3.28 9.32
H2 SOO B . 1.90 -1.97 7.25
H3 SOO B . 0.55 -2.67 4.54
H4 SOO B . 0.87 -0.01 5.75
H4A SOO B . 2.45 -0.51 5.17
H5 SOO B . 1.50 -0.82 2.92
H5A SOO B . 1.38 0.84 3.49
H6 SOO B . -0.97 0.42 4.14
H6A SOO B . -0.84 -1.20 3.46
H7 SOO B . -0.36 -0.26 1.25
H7A SOO B . -0.45 1.38 1.93
H8 SOO B . -2.68 -0.65 1.88
H8A SOO B . -2.54 0.75 0.82
H8B SOO B . -2.77 0.98 2.55
H28 SOO B . 6.78 -0.88 15.07
H28A SOO B . 6.17 -0.79 13.42
H30 SOO B . 4.38 -2.28 12.66
H30A SOO B . 3.74 -3.55 13.70
H30B SOO B . 5.38 -3.66 13.07
H31 SOO B . 5.92 -2.75 16.61
H31A SOO B . 6.26 -3.95 15.36
H31B SOO B . 4.64 -3.82 16.03
H32 SOO B . 3.23 -1.92 15.71
HO33 SOO B . 4.57 0.39 15.92
HN36 SOO B . 1.93 -1.64 13.77
H37 SOO B . 1.63 1.11 13.02
H37A SOO B . 2.10 0.08 11.70
H38 SOO B . -0.39 -0.25 13.51
H38A SOO B . -0.32 0.53 11.94
HN41 SOO B . 1.33 -1.23 10.68
H42 SOO B . 0.26 -3.90 10.58
H42A SOO B . -0.22 -2.88 9.23
H43 SOO B . 2.62 -3.43 10.07
H43A SOO B . 2.11 -2.41 8.71
N ALA A 1 -12.43 5.04 -7.22
CA ALA A 1 -12.27 3.72 -7.82
C ALA A 1 -10.85 3.58 -8.31
N ALA A 2 -10.41 2.35 -8.53
CA ALA A 2 -9.07 2.09 -8.99
C ALA A 2 -8.98 0.67 -9.53
N THR A 3 -7.81 0.25 -9.90
CA THR A 3 -7.56 -1.07 -10.38
C THR A 3 -6.36 -1.64 -9.64
N GLN A 4 -5.94 -2.86 -9.99
CA GLN A 4 -4.74 -3.45 -9.44
C GLN A 4 -3.56 -2.67 -9.98
N GLU A 5 -3.75 -2.21 -11.21
CA GLU A 5 -2.80 -1.37 -11.91
C GLU A 5 -2.52 -0.11 -11.07
N GLU A 6 -3.60 0.64 -10.80
CA GLU A 6 -3.51 1.89 -10.04
C GLU A 6 -3.02 1.70 -8.62
N ILE A 7 -3.41 0.61 -8.00
CA ILE A 7 -2.98 0.33 -6.64
C ILE A 7 -1.50 0.02 -6.61
N VAL A 8 -1.11 -1.05 -7.25
CA VAL A 8 0.27 -1.52 -7.26
C VAL A 8 1.26 -0.45 -7.78
N ALA A 9 1.04 0.01 -9.00
CA ALA A 9 1.94 1.00 -9.60
C ALA A 9 1.91 2.32 -8.84
N GLY A 10 0.73 2.69 -8.36
CA GLY A 10 0.58 3.94 -7.63
C GLY A 10 1.20 3.88 -6.25
N LEU A 11 1.04 2.73 -5.58
CA LEU A 11 1.57 2.46 -4.25
C LEU A 11 3.04 2.78 -4.18
N ALA A 12 3.75 2.37 -5.22
CA ALA A 12 5.18 2.54 -5.31
C ALA A 12 5.60 4.01 -5.21
N GLU A 13 4.76 4.93 -5.67
CA GLU A 13 5.03 6.36 -5.56
C GLU A 13 5.12 6.76 -4.10
N ILE A 14 4.13 6.35 -3.35
CA ILE A 14 4.03 6.63 -1.92
C ILE A 14 5.16 5.89 -1.19
N VAL A 15 5.31 4.63 -1.50
CA VAL A 15 6.34 3.79 -0.93
C VAL A 15 7.73 4.39 -1.15
N ASN A 16 7.98 4.87 -2.34
CA ASN A 16 9.26 5.43 -2.71
C ASN A 16 9.58 6.72 -1.94
N GLU A 17 8.58 7.51 -1.63
CA GLU A 17 8.82 8.75 -0.90
C GLU A 17 8.92 8.51 0.62
N ILE A 18 8.12 7.59 1.14
CA ILE A 18 8.11 7.32 2.57
C ILE A 18 9.19 6.31 2.98
N ALA A 19 9.23 5.18 2.32
CA ALA A 19 10.19 4.14 2.68
C ALA A 19 11.45 4.21 1.82
N GLY A 20 11.31 4.72 0.62
CA GLY A 20 12.44 4.81 -0.27
C GLY A 20 12.68 3.50 -0.98
N ILE A 21 11.62 2.76 -1.20
CA ILE A 21 11.67 1.48 -1.87
C ILE A 21 11.46 1.71 -3.38
N PRO A 22 12.22 0.98 -4.26
CA PRO A 22 12.09 1.07 -5.71
C PRO A 22 10.63 1.09 -6.22
N VAL A 23 10.41 1.88 -7.25
CA VAL A 23 9.06 2.13 -7.79
C VAL A 23 8.50 0.98 -8.63
N GLU A 24 9.18 -0.13 -8.60
CA GLU A 24 8.78 -1.30 -9.34
C GLU A 24 8.95 -2.52 -8.46
N ASP A 25 9.16 -2.28 -7.19
CA ASP A 25 9.43 -3.34 -6.24
C ASP A 25 8.20 -3.60 -5.39
N VAL A 26 7.18 -2.81 -5.57
CA VAL A 26 5.97 -2.95 -4.82
C VAL A 26 5.01 -3.74 -5.68
N LYS A 27 5.28 -5.01 -5.79
CA LYS A 27 4.53 -5.91 -6.66
C LYS A 27 3.58 -6.77 -5.84
N LEU A 28 2.61 -7.41 -6.52
CA LEU A 28 1.58 -8.27 -5.90
C LEU A 28 2.13 -9.26 -4.87
N ASP A 29 3.15 -9.99 -5.23
CA ASP A 29 3.69 -11.01 -4.33
C ASP A 29 4.93 -10.47 -3.62
N LYS A 30 4.77 -9.32 -3.03
CA LYS A 30 5.82 -8.68 -2.27
C LYS A 30 5.25 -8.28 -0.93
N SER A 31 5.70 -8.96 0.08
CA SER A 31 5.24 -8.75 1.45
C SER A 31 5.78 -7.42 2.00
N PHE A 32 4.97 -6.73 2.80
CA PHE A 32 5.36 -5.46 3.38
C PHE A 32 6.49 -5.60 4.39
N THR A 33 6.19 -5.80 5.64
CA THR A 33 7.27 -5.91 6.61
C THR A 33 7.80 -7.37 6.67
N ASP A 34 8.47 -7.73 5.60
CA ASP A 34 9.05 -9.05 5.39
C ASP A 34 9.91 -9.03 4.16
N ASP A 35 9.44 -8.35 3.13
CA ASP A 35 10.18 -8.26 1.87
C ASP A 35 10.61 -6.82 1.65
N LEU A 36 9.61 -5.94 1.58
CA LEU A 36 9.83 -4.52 1.31
C LEU A 36 10.40 -3.82 2.54
N ASP A 37 9.61 -3.88 3.60
CA ASP A 37 9.84 -3.23 4.89
C ASP A 37 9.80 -1.74 4.78
N VAL A 38 8.70 -1.19 5.21
CA VAL A 38 8.47 0.24 5.14
C VAL A 38 8.77 0.82 6.52
N ASP A 39 9.98 0.50 7.02
CA ASP A 39 10.50 0.90 8.36
C ASP A 39 9.50 0.54 9.46
N SER A 40 8.70 -0.45 9.11
CA SER A 40 7.61 -1.06 9.87
C SER A 40 6.48 -0.05 10.16
N LEU A 41 6.75 0.89 11.01
CA LEU A 41 5.77 1.86 11.45
C LEU A 41 5.38 2.84 10.35
N SER A 42 6.28 3.08 9.41
CA SER A 42 6.05 4.01 8.33
C SER A 42 5.03 3.48 7.35
N MET A 43 4.72 2.18 7.48
CA MET A 43 3.70 1.54 6.67
C MET A 43 2.41 2.32 6.75
N VAL A 44 2.05 2.67 7.96
CA VAL A 44 0.84 3.43 8.26
C VAL A 44 0.84 4.77 7.53
N GLU A 45 2.01 5.36 7.39
CA GLU A 45 2.13 6.63 6.69
C GLU A 45 1.90 6.44 5.20
N VAL A 46 2.43 5.33 4.67
CA VAL A 46 2.11 4.91 3.30
C VAL A 46 0.59 4.80 3.15
N VAL A 47 -0.07 4.19 4.13
CA VAL A 47 -1.54 4.08 4.18
C VAL A 47 -2.18 5.47 4.03
N VAL A 48 -1.75 6.43 4.86
CA VAL A 48 -2.24 7.83 4.83
C VAL A 48 -2.22 8.40 3.40
N ALA A 49 -1.06 8.30 2.78
CA ALA A 49 -0.86 8.83 1.45
C ALA A 49 -1.55 7.96 0.39
N ALA A 50 -1.74 6.70 0.70
CA ALA A 50 -2.48 5.81 -0.17
C ALA A 50 -3.95 6.20 -0.12
N GLU A 51 -4.42 6.57 1.08
CA GLU A 51 -5.76 7.06 1.27
C GLU A 51 -5.99 8.29 0.43
N GLU A 52 -4.95 9.07 0.32
CA GLU A 52 -4.92 10.23 -0.53
C GLU A 52 -4.97 9.79 -2.02
N ARG A 53 -3.98 8.98 -2.39
CA ARG A 53 -3.75 8.53 -3.76
C ARG A 53 -4.95 7.80 -4.39
N PHE A 54 -5.61 6.93 -3.65
CA PHE A 54 -6.69 6.14 -4.24
C PHE A 54 -8.05 6.67 -3.83
N ASP A 55 -8.06 7.69 -2.98
CA ASP A 55 -9.31 8.20 -2.36
C ASP A 55 -9.93 7.12 -1.49
N VAL A 56 -9.07 6.26 -0.99
CA VAL A 56 -9.43 5.13 -0.20
C VAL A 56 -9.49 5.54 1.28
N LYS A 57 -10.02 4.67 2.10
CA LYS A 57 -10.14 4.88 3.55
C LYS A 57 -9.63 3.65 4.25
N ILE A 58 -8.53 3.77 4.95
CA ILE A 58 -7.95 2.63 5.60
C ILE A 58 -7.48 2.99 7.00
N PRO A 59 -8.20 2.53 8.03
CA PRO A 59 -7.79 2.74 9.42
C PRO A 59 -6.58 1.86 9.77
N ASP A 60 -5.65 2.39 10.58
CA ASP A 60 -4.43 1.65 10.96
C ASP A 60 -4.75 0.42 11.79
N ASP A 61 -5.91 0.41 12.38
CA ASP A 61 -6.42 -0.73 13.14
C ASP A 61 -6.68 -1.89 12.20
N ASP A 62 -7.22 -1.59 11.06
CA ASP A 62 -7.63 -2.62 10.12
C ASP A 62 -6.49 -3.02 9.19
N VAL A 63 -5.62 -2.07 8.85
CA VAL A 63 -4.53 -2.30 7.89
C VAL A 63 -3.53 -3.35 8.38
N LYS A 64 -3.45 -3.53 9.69
CA LYS A 64 -2.51 -4.47 10.29
C LYS A 64 -2.79 -5.94 9.95
N ASN A 65 -3.85 -6.17 9.20
CA ASN A 65 -4.26 -7.51 8.78
C ASN A 65 -3.67 -7.90 7.44
N LEU A 66 -2.88 -7.04 6.84
CA LEU A 66 -2.41 -7.31 5.48
C LEU A 66 -0.96 -7.80 5.48
N LYS A 67 -0.61 -8.63 4.51
CA LYS A 67 0.75 -9.14 4.40
C LYS A 67 1.46 -8.56 3.15
N THR A 68 0.74 -8.49 2.03
CA THR A 68 1.32 -8.10 0.76
C THR A 68 0.45 -7.07 0.10
N VAL A 69 0.83 -6.68 -1.10
CA VAL A 69 -0.02 -5.81 -1.85
C VAL A 69 -1.11 -6.62 -2.52
N GLY A 70 -0.95 -7.96 -2.51
CA GLY A 70 -1.98 -8.82 -3.05
C GLY A 70 -3.19 -8.66 -2.21
N ASP A 71 -2.97 -8.71 -0.90
CA ASP A 71 -4.00 -8.41 0.08
C ASP A 71 -4.48 -7.01 -0.12
N ALA A 72 -3.53 -6.09 -0.09
CA ALA A 72 -3.79 -4.66 -0.21
C ALA A 72 -4.64 -4.29 -1.40
N THR A 73 -4.38 -4.88 -2.56
CA THR A 73 -5.11 -4.57 -3.78
C THR A 73 -6.64 -4.77 -3.57
N LYS A 74 -7.04 -6.00 -3.29
CA LYS A 74 -8.45 -6.32 -3.10
C LYS A 74 -9.04 -5.59 -1.91
N TYR A 75 -8.22 -5.39 -0.93
CA TYR A 75 -8.58 -4.71 0.27
C TYR A 75 -8.87 -3.23 0.00
N ILE A 76 -7.95 -2.59 -0.66
CA ILE A 76 -8.05 -1.18 -1.01
C ILE A 76 -9.19 -0.97 -2.00
N LEU A 77 -9.39 -1.92 -2.89
CA LEU A 77 -10.50 -1.84 -3.83
C LEU A 77 -11.83 -1.76 -3.09
N ASP A 78 -11.99 -2.61 -2.09
CA ASP A 78 -13.20 -2.62 -1.28
C ASP A 78 -13.29 -1.37 -0.42
N HIS A 79 -12.17 -0.99 0.17
CA HIS A 79 -12.08 0.15 1.09
C HIS A 79 -12.19 1.54 0.45
N GLN A 80 -12.44 1.62 -0.84
CA GLN A 80 -12.54 2.90 -1.47
C GLN A 80 -13.86 3.06 -2.19
N ALA A 81 -14.10 4.25 -2.68
CA ALA A 81 -15.25 4.57 -3.45
C ALA A 81 -14.81 5.49 -4.56
C1 SOO B . 1.23 -4.50 7.35
O1 SOO B . 0.11 -4.70 7.85
S1 SOO B . 2.71 -4.78 8.20
C2 SOO B . 1.31 -3.88 6.03
C3 SOO B . 0.20 -3.50 5.40
C4 SOO B . 0.28 -2.67 4.17
C5 SOO B . -1.11 -2.45 3.58
C6 SOO B . -1.11 -1.52 2.38
C7 SOO B . -0.68 -0.11 2.77
C8 SOO B . -0.82 0.80 1.57
O23 SOO B . 9.49 -0.19 14.31
P24 SOO B . 9.15 -1.35 13.46
O26 SOO B . 10.17 -2.43 13.23
O27 SOO B . 7.85 -2.02 14.07
C28 SOO B . 6.69 -1.13 14.31
C29 SOO B . 5.49 -1.90 14.85
C30 SOO B . 5.15 -3.00 13.85
C31 SOO B . 5.86 -2.50 16.22
C32 SOO B . 4.27 -0.90 15.02
O33 SOO B . 4.06 -0.10 13.82
C34 SOO B . 2.97 -1.59 15.34
O35 SOO B . 2.83 -2.46 16.22
N36 SOO B . 2.03 -1.17 14.61
C37 SOO B . 0.65 -1.59 14.62
C38 SOO B . 0.14 -1.86 13.22
C39 SOO B . 0.73 -3.13 12.60
O40 SOO B . 0.97 -4.14 13.28
N41 SOO B . 0.91 -3.07 11.30
C42 SOO B . 1.44 -4.15 10.48
C43 SOO B . 2.47 -3.65 9.50
H2 SOO B . 2.30 -3.69 5.56
H3 SOO B . -0.77 -3.69 5.88
H4 SOO B . 0.71 -1.71 4.42
H4A SOO B . 0.90 -3.17 3.45
H5 SOO B . -1.75 -2.05 4.35
H5A SOO B . -1.49 -3.41 3.26
H6 SOO B . -2.11 -1.47 1.98
H6A SOO B . -0.43 -1.90 1.64
H7 SOO B . 0.36 -0.12 3.07
H7A SOO B . -1.30 0.26 3.58
H8 SOO B . -0.51 1.79 1.84
H8A SOO B . -1.86 0.81 1.26
H8B SOO B . -0.20 0.42 0.77
H28 SOO B . 6.98 -0.37 15.02
H28A SOO B . 6.42 -0.67 13.37
H30 SOO B . 4.91 -2.57 12.90
H30A SOO B . 4.29 -3.56 14.22
H30B SOO B . 5.99 -3.67 13.75
H31 SOO B . 6.70 -3.17 16.11
H31A SOO B . 5.02 -3.04 16.62
H31B SOO B . 6.12 -1.70 16.90
H32 SOO B . 4.45 -0.19 15.81
HO33 SOO B . 3.96 0.82 14.12
HN36 SOO B . 2.38 -0.48 13.99
H37 SOO B . 0.53 -2.47 15.24
H37A SOO B . 0.05 -0.80 15.05
H38 SOO B . -0.93 -2.03 13.28
H38A SOO B . 0.37 -1.02 12.58
HN41 SOO B . 0.68 -2.25 10.83
H42 SOO B . 1.84 -4.94 11.11
H42A SOO B . 0.62 -4.54 9.91
H43 SOO B . 3.41 -3.40 9.98
H43A SOO B . 2.07 -2.75 9.07
N ALA A 1 -12.62 4.87 -9.16
CA ALA A 1 -12.20 3.66 -8.47
C ALA A 1 -10.81 3.29 -8.94
N ALA A 2 -9.89 3.14 -8.01
CA ALA A 2 -8.53 2.79 -8.35
C ALA A 2 -8.43 1.31 -8.60
N THR A 3 -7.96 0.95 -9.77
CA THR A 3 -7.84 -0.43 -10.18
C THR A 3 -6.58 -1.06 -9.59
N GLN A 4 -6.31 -2.30 -9.97
CA GLN A 4 -5.11 -2.99 -9.54
C GLN A 4 -3.88 -2.29 -10.12
N GLU A 5 -4.03 -1.81 -11.34
CA GLU A 5 -2.97 -1.07 -12.03
C GLU A 5 -2.67 0.24 -11.27
N GLU A 6 -3.70 0.79 -10.67
CA GLU A 6 -3.55 2.02 -9.92
C GLU A 6 -3.08 1.78 -8.50
N ILE A 7 -3.44 0.65 -7.95
CA ILE A 7 -3.03 0.29 -6.60
C ILE A 7 -1.55 -0.08 -6.56
N VAL A 8 -1.19 -1.10 -7.31
CA VAL A 8 0.18 -1.62 -7.35
C VAL A 8 1.18 -0.52 -7.76
N ALA A 9 1.03 0.01 -8.96
CA ALA A 9 1.91 1.07 -9.45
C ALA A 9 1.77 2.36 -8.62
N GLY A 10 0.61 2.56 -8.00
CA GLY A 10 0.38 3.74 -7.20
C GLY A 10 1.09 3.68 -5.87
N LEU A 11 0.95 2.55 -5.19
CA LEU A 11 1.57 2.31 -3.89
C LEU A 11 3.04 2.60 -3.91
N ALA A 12 3.71 2.09 -4.93
CA ALA A 12 5.15 2.22 -5.08
C ALA A 12 5.61 3.67 -5.07
N GLU A 13 4.80 4.55 -5.61
CA GLU A 13 5.13 5.96 -5.67
C GLU A 13 5.16 6.57 -4.26
N ILE A 14 4.27 6.13 -3.40
CA ILE A 14 4.22 6.63 -2.03
C ILE A 14 5.19 5.82 -1.16
N VAL A 15 5.36 4.55 -1.48
CA VAL A 15 6.32 3.68 -0.79
C VAL A 15 7.73 4.25 -0.94
N ASN A 16 7.99 4.82 -2.10
CA ASN A 16 9.27 5.42 -2.40
C ASN A 16 9.51 6.67 -1.56
N GLU A 17 8.44 7.26 -1.09
CA GLU A 17 8.52 8.44 -0.26
C GLU A 17 8.80 8.05 1.17
N ILE A 18 7.95 7.19 1.69
CA ILE A 18 7.99 6.77 3.07
C ILE A 18 9.21 5.91 3.37
N ALA A 19 9.40 4.87 2.57
CA ALA A 19 10.47 3.93 2.84
C ALA A 19 11.64 4.08 1.87
N GLY A 20 11.37 4.64 0.71
CA GLY A 20 12.41 4.81 -0.27
C GLY A 20 12.64 3.56 -1.08
N ILE A 21 11.59 2.77 -1.20
CA ILE A 21 11.64 1.50 -1.90
C ILE A 21 11.34 1.73 -3.38
N PRO A 22 12.11 1.07 -4.27
CA PRO A 22 11.94 1.17 -5.72
C PRO A 22 10.48 1.11 -6.17
N VAL A 23 10.12 2.09 -6.99
CA VAL A 23 8.75 2.29 -7.50
C VAL A 23 8.30 1.22 -8.52
N GLU A 24 8.97 0.13 -8.52
CA GLU A 24 8.71 -0.95 -9.42
C GLU A 24 8.71 -2.26 -8.67
N ASP A 25 8.99 -2.19 -7.39
CA ASP A 25 9.22 -3.38 -6.59
C ASP A 25 8.02 -3.72 -5.72
N VAL A 26 7.04 -2.85 -5.69
CA VAL A 26 5.87 -3.05 -4.89
C VAL A 26 4.87 -3.79 -5.76
N LYS A 27 5.17 -5.04 -5.97
CA LYS A 27 4.41 -5.89 -6.84
C LYS A 27 3.48 -6.79 -6.02
N LEU A 28 2.45 -7.33 -6.68
CA LEU A 28 1.39 -8.14 -6.05
C LEU A 28 1.86 -9.25 -5.11
N ASP A 29 2.92 -9.94 -5.45
CA ASP A 29 3.36 -11.09 -4.65
C ASP A 29 4.52 -10.67 -3.70
N LYS A 30 4.53 -9.40 -3.31
CA LYS A 30 5.54 -8.85 -2.41
C LYS A 30 4.86 -8.46 -1.11
N SER A 31 5.43 -8.90 -0.01
CA SER A 31 4.91 -8.60 1.30
C SER A 31 5.45 -7.24 1.76
N PHE A 32 4.59 -6.43 2.37
CA PHE A 32 4.96 -5.09 2.86
C PHE A 32 6.14 -5.13 3.81
N THR A 33 5.91 -5.49 5.04
CA THR A 33 6.96 -5.47 6.03
C THR A 33 7.75 -6.79 6.04
N ASP A 34 8.24 -7.16 4.86
CA ASP A 34 9.04 -8.37 4.69
C ASP A 34 9.84 -8.31 3.40
N ASP A 35 9.16 -8.15 2.27
CA ASP A 35 9.84 -8.12 0.97
C ASP A 35 10.15 -6.71 0.57
N LEU A 36 9.29 -5.80 0.98
CA LEU A 36 9.45 -4.40 0.66
C LEU A 36 10.27 -3.69 1.72
N ASP A 37 9.77 -3.79 2.96
CA ASP A 37 10.30 -3.09 4.14
C ASP A 37 9.90 -1.65 4.12
N VAL A 38 8.82 -1.37 4.78
CA VAL A 38 8.29 -0.03 4.81
C VAL A 38 8.40 0.47 6.25
N ASP A 39 9.62 0.34 6.79
CA ASP A 39 10.01 0.72 8.16
C ASP A 39 9.39 -0.18 9.24
N SER A 40 8.06 -0.29 9.18
CA SER A 40 7.15 -1.06 10.05
C SER A 40 6.34 -0.18 11.00
N LEU A 41 6.94 0.86 11.57
CA LEU A 41 6.15 1.82 12.32
C LEU A 41 5.66 2.97 11.43
N SER A 42 6.56 3.50 10.59
CA SER A 42 6.27 4.64 9.70
C SER A 42 5.29 4.31 8.60
N MET A 43 5.03 3.05 8.42
CA MET A 43 4.12 2.58 7.39
C MET A 43 2.72 3.21 7.47
N VAL A 44 2.31 3.70 8.62
CA VAL A 44 1.01 4.38 8.75
C VAL A 44 0.97 5.61 7.81
N GLU A 45 2.13 6.18 7.58
CA GLU A 45 2.24 7.35 6.75
C GLU A 45 2.08 6.99 5.25
N VAL A 46 2.46 5.77 4.88
CA VAL A 46 2.24 5.33 3.49
C VAL A 46 0.76 4.98 3.31
N VAL A 47 0.12 4.56 4.40
CA VAL A 47 -1.31 4.26 4.38
C VAL A 47 -2.08 5.55 4.17
N VAL A 48 -1.85 6.55 5.03
CA VAL A 48 -2.51 7.86 4.94
C VAL A 48 -2.34 8.51 3.55
N ALA A 49 -1.19 8.29 2.93
CA ALA A 49 -0.92 8.84 1.62
C ALA A 49 -1.45 7.91 0.51
N ALA A 50 -1.60 6.64 0.82
CA ALA A 50 -2.20 5.69 -0.10
C ALA A 50 -3.66 6.00 -0.20
N GLU A 51 -4.25 6.37 0.93
CA GLU A 51 -5.64 6.80 0.97
C GLU A 51 -5.81 8.00 0.05
N GLU A 52 -4.85 8.90 0.16
CA GLU A 52 -4.77 10.12 -0.61
C GLU A 52 -4.60 9.81 -2.13
N ARG A 53 -3.97 8.69 -2.42
CA ARG A 53 -3.67 8.27 -3.77
C ARG A 53 -4.84 7.54 -4.44
N PHE A 54 -5.39 6.55 -3.77
CA PHE A 54 -6.44 5.71 -4.38
C PHE A 54 -7.81 6.23 -4.08
N ASP A 55 -7.85 7.23 -3.20
CA ASP A 55 -9.09 7.82 -2.66
C ASP A 55 -9.74 6.81 -1.72
N VAL A 56 -8.92 5.86 -1.30
CA VAL A 56 -9.33 4.81 -0.43
C VAL A 56 -9.38 5.36 0.98
N LYS A 57 -9.96 4.63 1.87
CA LYS A 57 -10.02 5.02 3.25
C LYS A 57 -9.68 3.80 4.03
N ILE A 58 -8.51 3.77 4.58
CA ILE A 58 -8.03 2.63 5.32
C ILE A 58 -7.32 3.15 6.55
N PRO A 59 -7.91 2.97 7.71
CA PRO A 59 -7.30 3.38 8.95
C PRO A 59 -6.14 2.46 9.32
N ASP A 60 -5.34 2.86 10.31
CA ASP A 60 -4.19 2.05 10.71
C ASP A 60 -4.64 0.80 11.43
N ASP A 61 -5.89 0.80 11.87
CA ASP A 61 -6.52 -0.37 12.47
C ASP A 61 -6.57 -1.51 11.47
N ASP A 62 -7.01 -1.19 10.26
CA ASP A 62 -7.14 -2.14 9.17
C ASP A 62 -5.80 -2.64 8.66
N VAL A 63 -4.86 -1.72 8.52
CA VAL A 63 -3.56 -2.02 7.91
C VAL A 63 -2.74 -3.08 8.69
N LYS A 64 -3.03 -3.23 9.98
CA LYS A 64 -2.30 -4.16 10.86
C LYS A 64 -2.52 -5.62 10.45
N ASN A 65 -3.43 -5.84 9.52
CA ASN A 65 -3.81 -7.19 9.12
C ASN A 65 -3.35 -7.48 7.70
N LEU A 66 -2.61 -6.55 7.10
CA LEU A 66 -2.14 -6.71 5.73
C LEU A 66 -0.90 -7.58 5.67
N LYS A 67 -0.64 -8.13 4.51
CA LYS A 67 0.49 -9.01 4.32
C LYS A 67 1.31 -8.59 3.07
N THR A 68 0.67 -8.60 1.92
CA THR A 68 1.27 -8.28 0.67
C THR A 68 0.47 -7.19 0.03
N VAL A 69 0.85 -6.79 -1.17
CA VAL A 69 0.02 -5.87 -1.89
C VAL A 69 -1.06 -6.62 -2.64
N GLY A 70 -0.93 -7.95 -2.70
CA GLY A 70 -1.93 -8.75 -3.35
C GLY A 70 -3.18 -8.70 -2.55
N ASP A 71 -3.03 -8.90 -1.24
CA ASP A 71 -4.14 -8.80 -0.31
C ASP A 71 -4.60 -7.37 -0.30
N ALA A 72 -3.63 -6.45 -0.23
CA ALA A 72 -3.89 -5.02 -0.18
C ALA A 72 -4.65 -4.51 -1.39
N THR A 73 -4.36 -5.03 -2.57
CA THR A 73 -5.08 -4.62 -3.77
C THR A 73 -6.58 -4.90 -3.61
N LYS A 74 -6.93 -6.17 -3.38
CA LYS A 74 -8.33 -6.56 -3.17
C LYS A 74 -8.93 -5.79 -2.02
N TYR A 75 -8.12 -5.58 -1.02
CA TYR A 75 -8.49 -4.90 0.17
C TYR A 75 -8.87 -3.46 -0.17
N ILE A 76 -7.96 -2.77 -0.82
CA ILE A 76 -8.14 -1.39 -1.23
C ILE A 76 -9.31 -1.28 -2.19
N LEU A 77 -9.44 -2.24 -3.09
CA LEU A 77 -10.55 -2.30 -4.04
C LEU A 77 -11.89 -2.27 -3.31
N ASP A 78 -11.98 -2.99 -2.23
CA ASP A 78 -13.22 -3.12 -1.47
C ASP A 78 -13.35 -2.01 -0.42
N HIS A 79 -12.22 -1.59 0.11
CA HIS A 79 -12.18 -0.60 1.19
C HIS A 79 -12.18 0.83 0.66
N GLN A 80 -12.28 1.00 -0.66
CA GLN A 80 -12.30 2.32 -1.23
C GLN A 80 -13.71 2.85 -1.31
N ALA A 81 -13.98 3.82 -0.49
CA ALA A 81 -15.28 4.40 -0.43
C ALA A 81 -15.15 5.89 -0.37
C1 SOO B . 1.41 -4.05 7.31
O1 SOO B . 1.07 -4.85 6.44
S1 SOO B . 1.35 -4.42 9.02
C2 SOO B . 1.82 -2.70 6.88
C3 SOO B . 1.65 -2.26 5.62
C4 SOO B . 2.14 -0.91 5.26
C5 SOO B . 1.72 -0.47 3.87
C6 SOO B . 0.21 -0.30 3.75
C7 SOO B . -0.20 0.23 2.39
C8 SOO B . -1.70 0.40 2.32
O23 SOO B . 9.81 -2.55 13.93
P24 SOO B . 8.95 -3.12 12.85
O26 SOO B . 9.43 -4.31 12.12
O27 SOO B . 7.55 -3.50 13.49
C28 SOO B . 6.80 -2.50 14.27
C29 SOO B . 5.49 -3.13 14.82
C30 SOO B . 4.65 -3.56 13.64
C31 SOO B . 5.83 -4.34 15.68
C32 SOO B . 4.71 -2.09 15.76
O33 SOO B . 5.51 -1.78 16.91
C34 SOO B . 4.41 -0.74 15.06
O35 SOO B . 4.98 0.28 15.44
N36 SOO B . 3.53 -0.74 14.07
C37 SOO B . 3.12 0.44 13.32
C38 SOO B . 1.62 0.48 13.01
C39 SOO B . 1.04 -0.81 12.48
O40 SOO B . -0.12 -1.12 12.71
N41 SOO B . 1.87 -1.56 11.77
C42 SOO B . 1.54 -2.86 11.17
C43 SOO B . 1.81 -2.89 9.68
H2 SOO B . 2.16 -1.97 7.63
H3 SOO B . 1.33 -2.97 4.83
H4 SOO B . 1.74 -0.20 5.97
H4A SOO B . 3.22 -0.90 5.31
H5 SOO B . 2.04 -1.21 3.15
H5A SOO B . 2.19 0.47 3.63
H6 SOO B . -0.11 0.39 4.51
H6A SOO B . -0.26 -1.26 3.91
H7 SOO B . 0.10 -0.48 1.63
H7A SOO B . 0.28 1.18 2.22
H8 SOO B . -2.01 1.09 3.09
H8A SOO B . -2.17 -0.56 2.51
H8B SOO B . -1.98 0.76 1.35
H28 SOO B . 7.42 -2.18 15.10
H28A SOO B . 6.56 -1.66 13.65
H30 SOO B . 4.43 -2.71 13.01
H30A SOO B . 3.73 -4.00 13.99
H30B SOO B . 5.20 -4.29 13.06
H31 SOO B . 4.92 -4.79 16.06
H31A SOO B . 6.45 -4.05 16.50
H31B SOO B . 6.36 -5.07 15.07
H32 SOO B . 3.79 -2.53 16.08
HO33 SOO B . 5.88 -0.91 16.71
HN36 SOO B . 3.09 -1.59 13.82
H37 SOO B . 3.42 1.34 13.83
H37A SOO B . 3.63 0.39 12.36
H38 SOO B . 1.08 0.71 13.92
H38A SOO B . 1.49 1.23 12.25
HN41 SOO B . 2.77 -1.17 11.66
H42 SOO B . 2.11 -3.63 11.65
H42A SOO B . 0.49 -3.04 11.33
H43 SOO B . 2.87 -2.74 9.50
H43A SOO B . 1.23 -2.12 9.19
N ALA A 1 -11.36 5.85 -5.86
CA ALA A 1 -11.35 4.64 -6.66
C ALA A 1 -10.01 4.47 -7.31
N ALA A 2 -9.59 3.24 -7.49
CA ALA A 2 -8.33 2.91 -8.11
C ALA A 2 -8.35 1.44 -8.45
N THR A 3 -7.89 1.10 -9.60
CA THR A 3 -7.88 -0.26 -10.06
C THR A 3 -6.62 -0.97 -9.53
N GLN A 4 -6.40 -2.21 -9.94
CA GLN A 4 -5.24 -2.96 -9.52
C GLN A 4 -3.96 -2.27 -9.93
N GLU A 5 -3.90 -1.84 -11.18
CA GLU A 5 -2.73 -1.15 -11.67
C GLU A 5 -2.48 0.15 -10.92
N GLU A 6 -3.56 0.86 -10.62
CA GLU A 6 -3.47 2.13 -9.92
C GLU A 6 -2.92 1.91 -8.52
N ILE A 7 -3.40 0.86 -7.88
CA ILE A 7 -2.94 0.46 -6.58
C ILE A 7 -1.46 0.10 -6.62
N VAL A 8 -1.14 -0.94 -7.37
CA VAL A 8 0.23 -1.48 -7.46
C VAL A 8 1.25 -0.41 -7.89
N ALA A 9 0.99 0.25 -9.00
CA ALA A 9 1.90 1.27 -9.51
C ALA A 9 1.98 2.48 -8.58
N GLY A 10 0.82 2.93 -8.10
CA GLY A 10 0.74 4.08 -7.22
C GLY A 10 1.44 3.82 -5.90
N LEU A 11 1.21 2.64 -5.34
CA LEU A 11 1.82 2.20 -4.10
C LEU A 11 3.29 2.39 -4.09
N ALA A 12 3.93 1.97 -5.15
CA ALA A 12 5.36 2.03 -5.23
C ALA A 12 5.87 3.46 -5.20
N GLU A 13 5.10 4.39 -5.73
CA GLU A 13 5.51 5.78 -5.73
C GLU A 13 5.43 6.34 -4.30
N ILE A 14 4.32 6.02 -3.63
CA ILE A 14 4.12 6.41 -2.22
C ILE A 14 5.16 5.71 -1.33
N VAL A 15 5.37 4.44 -1.59
CA VAL A 15 6.37 3.67 -0.87
C VAL A 15 7.77 4.25 -1.11
N ASN A 16 7.99 4.73 -2.28
CA ASN A 16 9.27 5.29 -2.66
C ASN A 16 9.52 6.63 -1.99
N GLU A 17 8.47 7.41 -1.81
CA GLU A 17 8.61 8.72 -1.20
C GLU A 17 8.73 8.62 0.32
N ILE A 18 7.94 7.75 0.92
CA ILE A 18 7.91 7.61 2.37
C ILE A 18 9.04 6.69 2.86
N ALA A 19 9.15 5.50 2.30
CA ALA A 19 10.15 4.55 2.74
C ALA A 19 11.42 4.68 1.91
N GLY A 20 11.25 4.71 0.62
CA GLY A 20 12.38 4.78 -0.27
C GLY A 20 12.61 3.47 -0.98
N ILE A 21 11.58 2.67 -1.07
CA ILE A 21 11.64 1.39 -1.75
C ILE A 21 11.41 1.62 -3.25
N PRO A 22 12.21 0.95 -4.12
CA PRO A 22 12.11 1.07 -5.58
C PRO A 22 10.67 1.02 -6.12
N VAL A 23 10.42 1.79 -7.16
CA VAL A 23 9.08 1.94 -7.73
C VAL A 23 8.69 0.76 -8.63
N GLU A 24 9.57 -0.19 -8.71
CA GLU A 24 9.38 -1.40 -9.48
C GLU A 24 9.36 -2.58 -8.53
N ASP A 25 9.44 -2.27 -7.26
CA ASP A 25 9.66 -3.29 -6.25
C ASP A 25 8.36 -3.61 -5.49
N VAL A 26 7.39 -2.75 -5.57
CA VAL A 26 6.15 -2.96 -4.87
C VAL A 26 5.16 -3.59 -5.83
N LYS A 27 5.32 -4.87 -6.06
CA LYS A 27 4.48 -5.59 -6.98
C LYS A 27 3.69 -6.68 -6.27
N LEU A 28 2.73 -7.28 -6.98
CA LEU A 28 1.67 -8.18 -6.42
C LEU A 28 2.06 -9.42 -5.57
N ASP A 29 3.31 -9.62 -5.23
CA ASP A 29 3.67 -10.74 -4.32
C ASP A 29 4.66 -10.25 -3.27
N LYS A 30 4.69 -8.95 -3.09
CA LYS A 30 5.62 -8.37 -2.17
C LYS A 30 4.88 -7.97 -0.91
N SER A 31 5.38 -8.42 0.20
CA SER A 31 4.83 -8.11 1.48
C SER A 31 5.44 -6.82 1.98
N PHE A 32 4.60 -5.93 2.44
CA PHE A 32 5.04 -4.67 3.01
C PHE A 32 5.97 -4.92 4.18
N THR A 33 5.49 -5.66 5.14
CA THR A 33 6.21 -5.94 6.36
C THR A 33 7.19 -7.12 6.23
N ASP A 34 7.80 -7.30 5.09
CA ASP A 34 8.77 -8.37 4.90
C ASP A 34 9.69 -8.08 3.73
N ASP A 35 9.11 -7.98 2.56
CA ASP A 35 9.87 -7.75 1.35
C ASP A 35 10.29 -6.31 1.24
N LEU A 36 9.35 -5.44 1.45
CA LEU A 36 9.57 -4.03 1.29
C LEU A 36 10.25 -3.43 2.51
N ASP A 37 9.50 -3.43 3.60
CA ASP A 37 9.86 -2.80 4.87
C ASP A 37 9.78 -1.29 4.79
N VAL A 38 8.70 -0.77 5.29
CA VAL A 38 8.50 0.66 5.33
C VAL A 38 8.76 1.10 6.77
N ASP A 39 9.93 0.68 7.28
CA ASP A 39 10.43 0.99 8.65
C ASP A 39 9.50 0.36 9.72
N SER A 40 8.56 -0.44 9.22
CA SER A 40 7.53 -1.18 9.95
C SER A 40 6.54 -0.31 10.76
N LEU A 41 6.99 0.74 11.35
CA LEU A 41 6.09 1.68 11.99
C LEU A 41 5.60 2.73 10.98
N SER A 42 6.47 3.07 10.05
CA SER A 42 6.19 4.07 9.03
C SER A 42 5.24 3.59 7.96
N MET A 43 4.98 2.30 7.95
CA MET A 43 4.06 1.75 6.97
C MET A 43 2.66 2.37 7.05
N VAL A 44 2.26 2.87 8.24
CA VAL A 44 0.97 3.52 8.39
C VAL A 44 0.97 4.86 7.67
N GLU A 45 2.14 5.42 7.48
CA GLU A 45 2.28 6.68 6.79
C GLU A 45 2.01 6.46 5.30
N VAL A 46 2.52 5.32 4.77
CA VAL A 46 2.18 4.88 3.41
C VAL A 46 0.67 4.77 3.28
N VAL A 47 0.04 4.08 4.24
CA VAL A 47 -1.42 3.91 4.29
C VAL A 47 -2.12 5.26 4.07
N VAL A 48 -1.84 6.21 4.95
CA VAL A 48 -2.42 7.57 4.91
C VAL A 48 -2.31 8.22 3.50
N ALA A 49 -1.15 8.12 2.88
CA ALA A 49 -0.91 8.74 1.59
C ALA A 49 -1.52 7.91 0.47
N ALA A 50 -1.59 6.61 0.68
CA ALA A 50 -2.23 5.70 -0.26
C ALA A 50 -3.72 5.94 -0.24
N GLU A 51 -4.23 6.25 0.95
CA GLU A 51 -5.63 6.61 1.12
C GLU A 51 -5.95 7.80 0.26
N GLU A 52 -5.04 8.75 0.27
CA GLU A 52 -5.16 9.93 -0.53
C GLU A 52 -5.14 9.55 -2.02
N ARG A 53 -4.15 8.76 -2.40
CA ARG A 53 -3.91 8.37 -3.80
C ARG A 53 -5.07 7.56 -4.43
N PHE A 54 -5.54 6.55 -3.74
CA PHE A 54 -6.57 5.67 -4.33
C PHE A 54 -7.94 6.14 -3.97
N ASP A 55 -7.99 7.19 -3.15
CA ASP A 55 -9.23 7.68 -2.58
C ASP A 55 -9.86 6.53 -1.77
N VAL A 56 -8.97 5.83 -1.07
CA VAL A 56 -9.34 4.71 -0.27
C VAL A 56 -9.40 5.18 1.18
N LYS A 57 -9.92 4.38 2.02
CA LYS A 57 -10.03 4.70 3.43
C LYS A 57 -9.63 3.50 4.19
N ILE A 58 -8.49 3.53 4.81
CA ILE A 58 -8.01 2.38 5.52
C ILE A 58 -7.38 2.85 6.83
N PRO A 59 -8.09 2.68 7.94
CA PRO A 59 -7.55 3.01 9.24
C PRO A 59 -6.53 1.95 9.69
N ASP A 60 -5.82 2.22 10.76
CA ASP A 60 -4.77 1.31 11.26
C ASP A 60 -5.33 -0.03 11.67
N ASP A 61 -6.58 -0.07 12.07
CA ASP A 61 -7.23 -1.32 12.45
C ASP A 61 -7.29 -2.22 11.25
N ASP A 62 -7.63 -1.62 10.13
CA ASP A 62 -7.78 -2.30 8.86
C ASP A 62 -6.44 -2.70 8.27
N VAL A 63 -5.43 -1.85 8.42
CA VAL A 63 -4.12 -2.15 7.84
C VAL A 63 -3.45 -3.34 8.55
N LYS A 64 -3.85 -3.59 9.78
CA LYS A 64 -3.31 -4.71 10.53
C LYS A 64 -3.85 -6.05 10.00
N ASN A 65 -4.74 -5.97 9.01
CA ASN A 65 -5.34 -7.15 8.37
C ASN A 65 -4.65 -7.45 7.04
N LEU A 66 -3.61 -6.70 6.72
CA LEU A 66 -2.91 -6.86 5.45
C LEU A 66 -1.64 -7.70 5.60
N LYS A 67 -0.93 -7.87 4.50
CA LYS A 67 0.29 -8.64 4.45
C LYS A 67 1.12 -8.21 3.23
N THR A 68 0.60 -8.51 2.05
CA THR A 68 1.26 -8.15 0.83
C THR A 68 0.45 -7.11 0.12
N VAL A 69 0.88 -6.72 -1.05
CA VAL A 69 0.09 -5.84 -1.85
C VAL A 69 -1.00 -6.62 -2.55
N GLY A 70 -0.91 -7.96 -2.52
CA GLY A 70 -1.93 -8.78 -3.11
C GLY A 70 -3.17 -8.65 -2.28
N ASP A 71 -2.93 -8.69 -0.97
CA ASP A 71 -3.98 -8.49 0.03
C ASP A 71 -4.46 -7.07 -0.08
N ALA A 72 -3.50 -6.15 -0.05
CA ALA A 72 -3.75 -4.71 -0.09
C ALA A 72 -4.62 -4.33 -1.26
N THR A 73 -4.28 -4.79 -2.47
CA THR A 73 -5.05 -4.45 -3.68
C THR A 73 -6.54 -4.75 -3.49
N LYS A 74 -6.85 -5.95 -3.05
CA LYS A 74 -8.24 -6.40 -2.94
C LYS A 74 -8.94 -5.62 -1.82
N TYR A 75 -8.18 -5.36 -0.77
CA TYR A 75 -8.66 -4.68 0.41
C TYR A 75 -8.93 -3.22 0.09
N ILE A 76 -8.04 -2.63 -0.68
CA ILE A 76 -8.17 -1.28 -1.14
C ILE A 76 -9.36 -1.17 -2.05
N LEU A 77 -9.56 -2.17 -2.90
CA LEU A 77 -10.73 -2.20 -3.76
C LEU A 77 -12.02 -2.16 -2.93
N ASP A 78 -12.00 -2.84 -1.79
CA ASP A 78 -13.15 -2.85 -0.87
C ASP A 78 -13.37 -1.49 -0.21
N HIS A 79 -12.32 -0.99 0.42
CA HIS A 79 -12.38 0.24 1.23
C HIS A 79 -12.28 1.54 0.46
N GLN A 80 -12.25 1.48 -0.84
CA GLN A 80 -12.12 2.71 -1.62
C GLN A 80 -13.47 3.17 -2.08
N ALA A 81 -13.54 4.41 -2.44
CA ALA A 81 -14.73 4.93 -3.02
C ALA A 81 -14.55 4.89 -4.52
C1 SOO B . 0.89 -4.50 6.00
O1 SOO B . 0.66 -5.11 4.95
S1 SOO B . 0.92 -5.31 7.56
C2 SOO B . 1.05 -3.03 5.93
C3 SOO B . 0.71 -2.33 4.83
C4 SOO B . 0.96 -0.86 4.78
C5 SOO B . 0.34 -0.20 3.55
C6 SOO B . -1.18 -0.34 3.54
C7 SOO B . -1.85 0.48 2.44
C8 SOO B . -1.45 0.00 1.09
O23 SOO B . 9.95 -2.04 13.98
P24 SOO B . 9.34 -2.88 12.91
O26 SOO B . 10.10 -4.06 12.43
O27 SOO B . 7.92 -3.37 13.38
C28 SOO B . 6.94 -2.38 13.94
C29 SOO B . 5.66 -3.13 14.40
C30 SOO B . 4.97 -3.68 13.14
C31 SOO B . 6.05 -4.30 15.30
C32 SOO B . 4.71 -2.15 15.26
O33 SOO B . 5.50 -1.46 16.24
C34 SOO B . 3.98 -1.06 14.44
O35 SOO B . 4.32 0.13 14.59
N36 SOO B . 3.02 -1.45 13.65
C37 SOO B . 2.21 -0.60 12.82
C38 SOO B . 0.91 -1.29 12.37
C39 SOO B . 1.11 -2.71 11.81
O40 SOO B . 1.80 -3.57 12.37
N41 SOO B . 0.48 -2.95 10.68
C42 SOO B . 0.53 -4.20 9.96
C43 SOO B . 1.04 -3.92 8.57
H2 SOO B . 1.29 -2.45 6.84
H3 SOO B . 0.47 -2.86 3.89
H4 SOO B . 0.52 -0.41 5.66
H4A SOO B . 2.02 -0.68 4.78
H5 SOO B . 0.74 -0.66 2.66
H5A SOO B . 0.60 0.86 3.55
H6 SOO B . -1.56 -0.03 4.50
H6A SOO B . -1.43 -1.38 3.38
H7 SOO B . -1.56 1.52 2.54
H7A SOO B . -2.93 0.40 2.55
H8 SOO B . -1.74 -1.03 0.97
H8A SOO B . -0.38 0.08 0.98
H8B SOO B . -1.94 0.60 0.33
H28 SOO B . 7.39 -1.89 14.78
H28A SOO B . 6.67 -1.67 13.17
H30 SOO B . 4.07 -4.22 13.42
H30A SOO B . 5.63 -4.36 12.61
H30B SOO B . 4.69 -2.88 12.46
H31 SOO B . 6.58 -3.93 16.17
H31A SOO B . 6.69 -4.98 14.76
H31B SOO B . 5.16 -4.82 15.63
H32 SOO B . 3.97 -2.75 15.78
HO33 SOO B . 5.09 -0.58 16.24
HN36 SOO B . 2.80 -2.40 13.59
H37 SOO B . 1.98 0.32 13.32
H37A SOO B . 2.77 -0.36 11.92
H38 SOO B . 0.28 -1.40 13.24
H38A SOO B . 0.41 -0.68 11.63
HN41 SOO B . -0.05 -2.23 10.29
H42 SOO B . 1.16 -4.91 10.47
H42A SOO B . -0.47 -4.60 9.87
H43 SOO B . 2.08 -3.64 8.71
H43A SOO B . 0.47 -3.11 8.14
N ALA A 1 -13.03 4.37 -9.74
CA ALA A 1 -12.29 3.90 -8.59
C ALA A 1 -10.89 3.51 -9.04
N ALA A 2 -10.15 2.79 -8.22
CA ALA A 2 -8.81 2.39 -8.58
C ALA A 2 -8.84 0.97 -9.11
N THR A 3 -7.71 0.51 -9.58
CA THR A 3 -7.57 -0.83 -10.08
C THR A 3 -6.31 -1.43 -9.49
N GLN A 4 -5.96 -2.65 -9.86
CA GLN A 4 -4.72 -3.26 -9.44
C GLN A 4 -3.57 -2.50 -10.04
N GLU A 5 -3.78 -1.98 -11.22
CA GLU A 5 -2.81 -1.16 -11.92
C GLU A 5 -2.49 0.08 -11.09
N GLU A 6 -3.53 0.82 -10.74
CA GLU A 6 -3.39 2.04 -9.98
C GLU A 6 -2.88 1.81 -8.57
N ILE A 7 -3.30 0.72 -7.95
CA ILE A 7 -2.86 0.41 -6.60
C ILE A 7 -1.39 0.05 -6.55
N VAL A 8 -0.99 -0.99 -7.27
CA VAL A 8 0.40 -1.47 -7.26
C VAL A 8 1.38 -0.35 -7.66
N ALA A 9 1.23 0.13 -8.90
CA ALA A 9 2.11 1.17 -9.44
C ALA A 9 2.00 2.46 -8.64
N GLY A 10 0.84 2.70 -8.05
CA GLY A 10 0.62 3.90 -7.29
C GLY A 10 1.28 3.84 -5.93
N LEU A 11 1.05 2.73 -5.23
CA LEU A 11 1.56 2.46 -3.90
C LEU A 11 3.06 2.64 -3.87
N ALA A 12 3.71 2.06 -4.87
CA ALA A 12 5.14 2.07 -4.99
C ALA A 12 5.74 3.46 -4.98
N GLU A 13 5.04 4.44 -5.54
CA GLU A 13 5.55 5.80 -5.59
C GLU A 13 5.52 6.44 -4.21
N ILE A 14 4.53 6.09 -3.40
CA ILE A 14 4.45 6.59 -2.04
C ILE A 14 5.43 5.81 -1.16
N VAL A 15 5.55 4.51 -1.44
CA VAL A 15 6.51 3.65 -0.77
C VAL A 15 7.92 4.15 -0.99
N ASN A 16 8.18 4.65 -2.17
CA ASN A 16 9.48 5.18 -2.56
C ASN A 16 9.83 6.43 -1.75
N GLU A 17 8.81 7.11 -1.27
CA GLU A 17 8.97 8.30 -0.44
C GLU A 17 9.23 7.93 1.00
N ILE A 18 8.29 7.19 1.57
CA ILE A 18 8.33 6.81 2.98
C ILE A 18 9.47 5.82 3.25
N ALA A 19 9.52 4.75 2.49
CA ALA A 19 10.49 3.71 2.72
C ALA A 19 11.70 3.85 1.83
N GLY A 20 11.46 3.96 0.53
CA GLY A 20 12.55 4.08 -0.40
C GLY A 20 12.60 2.94 -1.40
N ILE A 21 11.63 2.05 -1.30
CA ILE A 21 11.50 0.90 -2.20
C ILE A 21 11.17 1.37 -3.62
N PRO A 22 11.85 0.80 -4.64
CA PRO A 22 11.65 1.13 -6.05
C PRO A 22 10.17 1.19 -6.48
N VAL A 23 9.90 2.08 -7.42
CA VAL A 23 8.55 2.40 -7.88
C VAL A 23 7.90 1.32 -8.75
N GLU A 24 8.52 0.18 -8.85
CA GLU A 24 7.98 -0.96 -9.59
C GLU A 24 8.21 -2.21 -8.77
N ASP A 25 8.73 -2.04 -7.57
CA ASP A 25 9.16 -3.19 -6.81
C ASP A 25 8.22 -3.53 -5.67
N VAL A 26 7.16 -2.76 -5.57
CA VAL A 26 6.14 -3.03 -4.60
C VAL A 26 5.12 -3.89 -5.31
N LYS A 27 5.56 -5.11 -5.55
CA LYS A 27 4.86 -6.06 -6.38
C LYS A 27 3.81 -6.84 -5.61
N LEU A 28 2.83 -7.36 -6.35
CA LEU A 28 1.70 -8.14 -5.81
C LEU A 28 2.11 -9.23 -4.83
N ASP A 29 3.18 -9.93 -5.13
CA ASP A 29 3.63 -11.02 -4.27
C ASP A 29 4.71 -10.60 -3.32
N LYS A 30 4.85 -9.33 -3.10
CA LYS A 30 5.83 -8.87 -2.17
C LYS A 30 5.12 -8.50 -0.92
N SER A 31 5.53 -9.08 0.16
CA SER A 31 4.96 -8.75 1.41
C SER A 31 5.77 -7.61 1.97
N PHE A 32 5.07 -6.65 2.53
CA PHE A 32 5.69 -5.45 3.08
C PHE A 32 6.75 -5.81 4.07
N THR A 33 6.34 -6.39 5.12
CA THR A 33 7.20 -6.70 6.17
C THR A 33 7.66 -8.16 6.04
N ASP A 34 8.51 -8.36 5.03
CA ASP A 34 9.09 -9.66 4.64
C ASP A 34 10.03 -9.42 3.48
N ASP A 35 9.53 -8.77 2.45
CA ASP A 35 10.33 -8.45 1.27
C ASP A 35 10.74 -7.01 1.29
N LEU A 36 9.74 -6.17 1.29
CA LEU A 36 9.90 -4.75 1.06
C LEU A 36 10.58 -3.99 2.18
N ASP A 37 10.03 -4.07 3.36
CA ASP A 37 10.40 -3.23 4.51
C ASP A 37 9.89 -1.84 4.26
N VAL A 38 8.74 -1.57 4.79
CA VAL A 38 8.08 -0.32 4.60
C VAL A 38 8.07 0.40 5.95
N ASP A 39 9.06 0.02 6.73
CA ASP A 39 9.38 0.54 8.06
C ASP A 39 8.34 0.12 9.14
N SER A 40 7.24 -0.48 8.69
CA SER A 40 6.13 -1.03 9.51
C SER A 40 5.39 0.02 10.40
N LEU A 41 6.12 0.82 11.14
CA LEU A 41 5.52 1.86 11.97
C LEU A 41 5.30 3.12 11.14
N SER A 42 6.24 3.42 10.25
CA SER A 42 6.08 4.55 9.35
C SER A 42 5.16 4.15 8.21
N MET A 43 4.90 2.84 8.13
CA MET A 43 4.01 2.27 7.12
C MET A 43 2.68 2.98 7.08
N VAL A 44 2.15 3.25 8.24
CA VAL A 44 0.86 3.91 8.39
C VAL A 44 0.81 5.27 7.63
N GLU A 45 1.97 5.88 7.47
CA GLU A 45 2.10 7.14 6.80
C GLU A 45 2.05 6.95 5.28
N VAL A 46 2.49 5.78 4.81
CA VAL A 46 2.31 5.38 3.41
C VAL A 46 0.83 5.32 3.17
N VAL A 47 0.15 4.60 4.07
CA VAL A 47 -1.30 4.41 4.05
C VAL A 47 -2.01 5.76 3.91
N VAL A 48 -1.66 6.73 4.76
CA VAL A 48 -2.25 8.11 4.69
C VAL A 48 -2.28 8.64 3.24
N ALA A 49 -1.15 8.58 2.57
CA ALA A 49 -1.02 9.10 1.23
C ALA A 49 -1.68 8.16 0.22
N ALA A 50 -1.73 6.88 0.56
CA ALA A 50 -2.40 5.90 -0.26
C ALA A 50 -3.91 6.12 -0.18
N GLU A 51 -4.40 6.47 1.01
CA GLU A 51 -5.80 6.80 1.22
C GLU A 51 -6.14 7.97 0.33
N GLU A 52 -5.30 8.97 0.40
CA GLU A 52 -5.37 10.18 -0.40
C GLU A 52 -5.38 9.83 -1.92
N ARG A 53 -4.48 8.94 -2.30
CA ARG A 53 -4.27 8.59 -3.69
C ARG A 53 -5.39 7.72 -4.28
N PHE A 54 -5.78 6.68 -3.56
CA PHE A 54 -6.73 5.69 -4.09
C PHE A 54 -8.17 6.03 -3.82
N ASP A 55 -8.41 7.16 -3.15
CA ASP A 55 -9.77 7.57 -2.74
C ASP A 55 -10.29 6.56 -1.71
N VAL A 56 -9.36 5.96 -1.01
CA VAL A 56 -9.69 4.98 -0.03
C VAL A 56 -9.49 5.61 1.34
N LYS A 57 -9.57 4.81 2.35
CA LYS A 57 -9.40 5.21 3.69
C LYS A 57 -9.22 3.94 4.45
N ILE A 58 -8.09 3.75 5.03
CA ILE A 58 -7.83 2.51 5.72
C ILE A 58 -7.22 2.85 7.05
N PRO A 59 -8.01 2.73 8.12
CA PRO A 59 -7.53 3.01 9.46
C PRO A 59 -6.50 1.98 9.91
N ASP A 60 -5.77 2.28 10.97
CA ASP A 60 -4.72 1.40 11.44
C ASP A 60 -5.24 0.08 11.93
N ASP A 61 -6.49 0.04 12.38
CA ASP A 61 -7.13 -1.22 12.78
C ASP A 61 -7.34 -2.12 11.55
N ASP A 62 -7.64 -1.49 10.44
CA ASP A 62 -7.89 -2.19 9.18
C ASP A 62 -6.61 -2.58 8.47
N VAL A 63 -5.61 -1.70 8.52
CA VAL A 63 -4.35 -1.94 7.82
C VAL A 63 -3.60 -3.18 8.38
N LYS A 64 -3.90 -3.54 9.62
CA LYS A 64 -3.27 -4.68 10.29
C LYS A 64 -3.61 -6.01 9.57
N ASN A 65 -4.60 -5.96 8.70
CA ASN A 65 -5.09 -7.13 7.99
C ASN A 65 -4.32 -7.34 6.69
N LEU A 66 -3.39 -6.45 6.41
CA LEU A 66 -2.64 -6.54 5.17
C LEU A 66 -1.37 -7.35 5.30
N LYS A 67 -0.85 -7.78 4.17
CA LYS A 67 0.29 -8.64 4.10
C LYS A 67 1.11 -8.28 2.85
N THR A 68 0.63 -8.66 1.69
CA THR A 68 1.30 -8.32 0.46
C THR A 68 0.55 -7.17 -0.18
N VAL A 69 0.95 -6.75 -1.36
CA VAL A 69 0.15 -5.77 -2.04
C VAL A 69 -0.97 -6.45 -2.78
N GLY A 70 -0.90 -7.78 -2.89
CA GLY A 70 -1.98 -8.51 -3.49
C GLY A 70 -3.17 -8.40 -2.59
N ASP A 71 -2.89 -8.62 -1.31
CA ASP A 71 -3.86 -8.47 -0.25
C ASP A 71 -4.32 -7.03 -0.21
N ALA A 72 -3.34 -6.13 -0.28
CA ALA A 72 -3.60 -4.71 -0.23
C ALA A 72 -4.52 -4.25 -1.35
N THR A 73 -4.20 -4.66 -2.58
CA THR A 73 -5.00 -4.30 -3.75
C THR A 73 -6.48 -4.60 -3.54
N LYS A 74 -6.79 -5.87 -3.31
CA LYS A 74 -8.17 -6.31 -3.08
C LYS A 74 -8.81 -5.57 -1.92
N TYR A 75 -8.03 -5.40 -0.87
CA TYR A 75 -8.51 -4.78 0.35
C TYR A 75 -8.89 -3.34 0.09
N ILE A 76 -8.00 -2.64 -0.59
CA ILE A 76 -8.22 -1.26 -0.97
C ILE A 76 -9.43 -1.19 -1.88
N LEU A 77 -9.47 -2.05 -2.89
CA LEU A 77 -10.57 -2.12 -3.84
C LEU A 77 -11.92 -2.27 -3.14
N ASP A 78 -11.99 -3.20 -2.21
CA ASP A 78 -13.20 -3.45 -1.43
C ASP A 78 -13.52 -2.33 -0.47
N HIS A 79 -12.49 -1.73 0.10
CA HIS A 79 -12.67 -0.70 1.10
C HIS A 79 -13.04 0.65 0.49
N GLN A 80 -12.52 0.94 -0.69
CA GLN A 80 -12.70 2.26 -1.34
C GLN A 80 -14.10 2.40 -1.94
N ALA A 81 -14.27 3.47 -2.74
CA ALA A 81 -15.52 3.84 -3.36
C ALA A 81 -16.49 4.40 -2.34
C1 SOO B . 1.89 -4.04 7.38
O1 SOO B . 0.80 -4.42 7.77
S1 SOO B . 3.35 -4.30 8.26
C2 SOO B . 1.98 -3.26 6.15
C3 SOO B . 0.87 -2.87 5.52
C4 SOO B . 0.96 -1.92 4.37
C5 SOO B . -0.40 -1.53 3.87
C6 SOO B . -0.32 -0.49 2.77
C7 SOO B . -1.71 -0.09 2.30
C8 SOO B . -1.61 0.97 1.25
O23 SOO B . 9.19 -2.49 13.06
P24 SOO B . 8.15 -3.08 12.18
O26 SOO B . 8.51 -4.27 11.33
O27 SOO B . 6.91 -3.47 13.09
C28 SOO B . 6.30 -2.42 13.95
C29 SOO B . 5.20 -3.04 14.87
C30 SOO B . 4.26 -3.84 13.99
C31 SOO B . 5.85 -3.97 15.88
C32 SOO B . 4.43 -1.90 15.69
O33 SOO B . 5.35 -1.13 16.46
C34 SOO B . 3.72 -0.90 14.79
O35 SOO B . 4.20 0.23 14.67
N36 SOO B . 2.62 -1.27 14.20
C37 SOO B . 1.83 -0.41 13.32
C38 SOO B . 0.50 -1.06 12.89
C39 SOO B . 0.63 -2.33 12.04
O40 SOO B . -0.24 -3.19 12.05
N41 SOO B . 1.72 -2.41 11.34
C42 SOO B . 2.06 -3.50 10.46
C43 SOO B . 3.15 -3.10 9.49
H2 SOO B . 2.95 -2.92 5.77
H3 SOO B . -0.12 -3.19 5.88
H4 SOO B . 1.49 -1.04 4.70
H4A SOO B . 1.51 -2.40 3.58
H5 SOO B . -0.98 -1.13 4.69
H5A SOO B . -0.89 -2.41 3.47
H6 SOO B . 0.23 -0.89 1.93
H6A SOO B . 0.19 0.39 3.14
H7 SOO B . -2.26 0.32 3.13
H7A SOO B . -2.22 -0.95 1.90
H8 SOO B . -2.61 1.25 0.92
H8A SOO B . -1.05 0.58 0.40
H8B SOO B . -1.10 1.84 1.65
H28 SOO B . 7.07 -1.97 14.56
H28A SOO B . 5.85 -1.67 13.32
H30 SOO B . 3.48 -4.28 14.60
H30A SOO B . 4.81 -4.63 13.49
H30B SOO B . 3.80 -3.20 13.25
H31 SOO B . 5.09 -4.40 16.52
H31A SOO B . 6.56 -3.41 16.49
H31B SOO B . 6.38 -4.76 15.36
H32 SOO B . 3.71 -2.35 16.35
HO33 SOO B . 5.27 -0.27 16.02
HN36 SOO B . 2.31 -2.19 14.38
H37 SOO B . 1.58 0.49 13.85
H37A SOO B . 2.41 -0.13 12.45
H38 SOO B . -0.12 -1.29 13.74
H38A SOO B . 0.03 -0.32 12.25
HN41 SOO B . 2.34 -1.65 11.40
H42 SOO B . 2.36 -4.36 11.03
H42A SOO B . 1.19 -3.76 9.87
H43 SOO B . 4.08 -2.93 10.02
H43A SOO B . 2.83 -2.17 9.02
N ALA A 1 -13.85 3.05 -8.68
CA ALA A 1 -12.86 2.08 -8.25
C ALA A 1 -11.57 2.31 -8.98
N ALA A 2 -10.49 1.93 -8.38
CA ALA A 2 -9.20 2.02 -9.01
C ALA A 2 -8.88 0.66 -9.58
N THR A 3 -7.83 0.56 -10.35
CA THR A 3 -7.44 -0.72 -10.83
C THR A 3 -6.37 -1.31 -9.93
N GLN A 4 -5.94 -2.51 -10.22
CA GLN A 4 -4.87 -3.11 -9.50
C GLN A 4 -3.58 -2.41 -9.88
N GLU A 5 -3.52 -1.98 -11.13
CA GLU A 5 -2.39 -1.21 -11.63
C GLU A 5 -2.26 0.12 -10.89
N GLU A 6 -3.38 0.80 -10.67
CA GLU A 6 -3.38 2.07 -9.95
C GLU A 6 -2.91 1.86 -8.53
N ILE A 7 -3.41 0.81 -7.90
CA ILE A 7 -3.01 0.47 -6.54
C ILE A 7 -1.53 0.14 -6.47
N VAL A 8 -1.13 -0.92 -7.16
CA VAL A 8 0.26 -1.41 -7.13
C VAL A 8 1.27 -0.30 -7.49
N ALA A 9 1.14 0.27 -8.67
CA ALA A 9 2.07 1.28 -9.14
C ALA A 9 1.99 2.56 -8.28
N GLY A 10 0.79 2.89 -7.83
CA GLY A 10 0.60 4.08 -7.04
C GLY A 10 1.17 3.94 -5.65
N LEU A 11 0.96 2.76 -5.07
CA LEU A 11 1.45 2.41 -3.75
C LEU A 11 2.93 2.63 -3.71
N ALA A 12 3.57 2.10 -4.72
CA ALA A 12 5.00 2.17 -4.86
C ALA A 12 5.51 3.59 -4.89
N GLU A 13 4.75 4.49 -5.46
CA GLU A 13 5.14 5.88 -5.52
C GLU A 13 5.20 6.50 -4.14
N ILE A 14 4.20 6.21 -3.33
CA ILE A 14 4.17 6.71 -1.96
C ILE A 14 5.20 5.94 -1.11
N VAL A 15 5.34 4.65 -1.38
CA VAL A 15 6.32 3.82 -0.69
C VAL A 15 7.74 4.31 -0.97
N ASN A 16 7.99 4.67 -2.20
CA ASN A 16 9.31 5.12 -2.63
C ASN A 16 9.75 6.38 -1.90
N GLU A 17 8.81 7.28 -1.66
CA GLU A 17 9.14 8.53 -1.00
C GLU A 17 9.20 8.43 0.53
N ILE A 18 8.52 7.46 1.11
CA ILE A 18 8.50 7.30 2.57
C ILE A 18 9.41 6.15 3.04
N ALA A 19 9.23 4.98 2.48
CA ALA A 19 10.01 3.82 2.87
C ALA A 19 11.29 3.76 2.06
N GLY A 20 11.20 4.17 0.81
CA GLY A 20 12.35 4.18 -0.06
C GLY A 20 12.48 2.91 -0.85
N ILE A 21 11.37 2.26 -1.11
CA ILE A 21 11.38 1.02 -1.88
C ILE A 21 11.08 1.34 -3.35
N PRO A 22 11.90 0.77 -4.29
CA PRO A 22 11.72 0.95 -5.74
C PRO A 22 10.27 0.79 -6.20
N VAL A 23 9.88 1.59 -7.15
CA VAL A 23 8.50 1.64 -7.60
C VAL A 23 8.05 0.38 -8.36
N GLU A 24 8.98 -0.32 -8.93
CA GLU A 24 8.66 -1.55 -9.59
C GLU A 24 8.94 -2.72 -8.70
N ASP A 25 9.19 -2.42 -7.45
CA ASP A 25 9.46 -3.45 -6.48
C ASP A 25 8.28 -3.63 -5.54
N VAL A 26 7.35 -2.65 -5.51
CA VAL A 26 6.15 -2.79 -4.72
C VAL A 26 5.14 -3.42 -5.64
N LYS A 27 5.26 -4.70 -5.75
CA LYS A 27 4.47 -5.50 -6.64
C LYS A 27 3.62 -6.50 -5.85
N LEU A 28 2.69 -7.16 -6.54
CA LEU A 28 1.66 -8.03 -5.94
C LEU A 28 2.17 -9.04 -4.92
N ASP A 29 3.24 -9.74 -5.22
CA ASP A 29 3.70 -10.83 -4.35
C ASP A 29 4.80 -10.34 -3.39
N LYS A 30 4.78 -9.06 -3.09
CA LYS A 30 5.76 -8.46 -2.21
C LYS A 30 5.08 -8.15 -0.89
N SER A 31 5.51 -8.80 0.16
CA SER A 31 4.92 -8.62 1.46
C SER A 31 5.48 -7.40 2.16
N PHE A 32 4.62 -6.69 2.85
CA PHE A 32 5.04 -5.60 3.65
C PHE A 32 5.73 -6.15 4.88
N THR A 33 6.52 -5.32 5.50
CA THR A 33 7.40 -5.68 6.62
C THR A 33 8.27 -6.94 6.35
N ASP A 34 8.54 -7.22 5.08
CA ASP A 34 9.30 -8.41 4.69
C ASP A 34 10.04 -8.16 3.39
N ASP A 35 9.33 -8.14 2.27
CA ASP A 35 9.95 -7.91 0.97
C ASP A 35 10.13 -6.46 0.78
N LEU A 36 9.15 -5.72 1.22
CA LEU A 36 9.16 -4.29 1.08
C LEU A 36 9.65 -3.69 2.36
N ASP A 37 8.83 -3.87 3.39
CA ASP A 37 9.01 -3.25 4.70
C ASP A 37 8.94 -1.76 4.62
N VAL A 38 7.91 -1.23 5.19
CA VAL A 38 7.74 0.19 5.21
C VAL A 38 8.08 0.67 6.63
N ASP A 39 9.20 0.14 7.15
CA ASP A 39 9.75 0.50 8.48
C ASP A 39 8.71 0.17 9.57
N SER A 40 7.84 -0.76 9.20
CA SER A 40 6.70 -1.31 9.95
C SER A 40 5.69 -0.26 10.47
N LEU A 41 6.13 0.60 11.32
CA LEU A 41 5.29 1.64 11.87
C LEU A 41 5.15 2.81 10.90
N SER A 42 6.15 2.97 10.04
CA SER A 42 6.17 4.05 9.08
C SER A 42 5.19 3.73 7.95
N MET A 43 4.74 2.49 7.93
CA MET A 43 3.80 1.99 6.96
C MET A 43 2.55 2.83 6.95
N VAL A 44 2.09 3.14 8.14
CA VAL A 44 0.89 3.93 8.37
C VAL A 44 0.97 5.27 7.61
N GLU A 45 2.16 5.86 7.64
CA GLU A 45 2.42 7.14 6.99
C GLU A 45 2.20 6.99 5.48
N VAL A 46 2.69 5.89 4.90
CA VAL A 46 2.42 5.57 3.51
C VAL A 46 0.91 5.47 3.27
N VAL A 47 0.24 4.62 4.05
CA VAL A 47 -1.22 4.37 3.93
C VAL A 47 -2.04 5.66 3.83
N VAL A 48 -1.78 6.60 4.73
CA VAL A 48 -2.49 7.89 4.74
C VAL A 48 -2.44 8.58 3.34
N ALA A 49 -1.29 8.52 2.71
CA ALA A 49 -1.08 9.13 1.41
C ALA A 49 -1.48 8.18 0.28
N ALA A 50 -1.27 6.89 0.50
CA ALA A 50 -1.62 5.85 -0.47
C ALA A 50 -3.11 5.83 -0.69
N GLU A 51 -3.86 5.73 0.37
CA GLU A 51 -5.29 5.73 0.29
C GLU A 51 -5.83 7.06 -0.17
N GLU A 52 -5.08 8.11 0.10
CA GLU A 52 -5.41 9.45 -0.40
C GLU A 52 -5.40 9.42 -1.93
N ARG A 53 -4.42 8.74 -2.44
CA ARG A 53 -4.18 8.53 -3.85
C ARG A 53 -5.26 7.62 -4.47
N PHE A 54 -5.78 6.68 -3.69
CA PHE A 54 -6.75 5.70 -4.20
C PHE A 54 -8.19 6.10 -3.87
N ASP A 55 -8.36 7.23 -3.21
CA ASP A 55 -9.69 7.74 -2.79
C ASP A 55 -10.32 6.85 -1.71
N VAL A 56 -9.47 6.24 -0.92
CA VAL A 56 -9.90 5.38 0.18
C VAL A 56 -9.37 6.03 1.48
N LYS A 57 -9.12 5.22 2.46
CA LYS A 57 -8.54 5.52 3.73
C LYS A 57 -8.66 4.27 4.56
N ILE A 58 -7.58 3.73 4.95
CA ILE A 58 -7.60 2.56 5.76
C ILE A 58 -7.01 2.91 7.11
N PRO A 59 -7.84 2.92 8.16
CA PRO A 59 -7.39 3.20 9.52
C PRO A 59 -6.37 2.14 10.01
N ASP A 60 -5.62 2.46 11.07
CA ASP A 60 -4.52 1.60 11.51
C ASP A 60 -4.96 0.24 12.01
N ASP A 61 -6.18 0.13 12.51
CA ASP A 61 -6.70 -1.16 12.96
C ASP A 61 -7.03 -2.05 11.80
N ASP A 62 -7.35 -1.43 10.70
CA ASP A 62 -7.74 -2.12 9.50
C ASP A 62 -6.53 -2.55 8.70
N VAL A 63 -5.59 -1.63 8.53
CA VAL A 63 -4.44 -1.84 7.65
C VAL A 63 -3.48 -2.93 8.14
N LYS A 64 -3.44 -3.16 9.45
CA LYS A 64 -2.50 -4.14 10.04
C LYS A 64 -2.81 -5.58 9.63
N ASN A 65 -3.87 -5.77 8.89
CA ASN A 65 -4.31 -7.08 8.49
C ASN A 65 -3.87 -7.39 7.07
N LEU A 66 -2.95 -6.61 6.53
CA LEU A 66 -2.50 -6.80 5.17
C LEU A 66 -1.14 -7.50 5.07
N LYS A 67 -1.02 -8.32 4.05
CA LYS A 67 0.20 -9.06 3.79
C LYS A 67 1.05 -8.41 2.69
N THR A 68 0.60 -8.56 1.46
CA THR A 68 1.31 -8.09 0.31
C THR A 68 0.51 -6.97 -0.32
N VAL A 69 0.93 -6.49 -1.47
CA VAL A 69 0.09 -5.55 -2.15
C VAL A 69 -0.99 -6.29 -2.90
N GLY A 70 -0.84 -7.61 -3.05
CA GLY A 70 -1.86 -8.40 -3.70
C GLY A 70 -3.04 -8.48 -2.80
N ASP A 71 -2.73 -8.75 -1.56
CA ASP A 71 -3.70 -8.79 -0.48
C ASP A 71 -4.25 -7.39 -0.23
N ALA A 72 -3.36 -6.39 -0.32
CA ALA A 72 -3.74 -4.99 -0.15
C ALA A 72 -4.67 -4.53 -1.27
N THR A 73 -4.35 -4.88 -2.52
CA THR A 73 -5.13 -4.50 -3.70
C THR A 73 -6.61 -4.83 -3.51
N LYS A 74 -6.91 -6.09 -3.24
CA LYS A 74 -8.29 -6.56 -3.12
C LYS A 74 -8.98 -5.88 -1.94
N TYR A 75 -8.20 -5.59 -0.93
CA TYR A 75 -8.69 -4.97 0.27
C TYR A 75 -9.06 -3.53 -0.02
N ILE A 76 -8.12 -2.80 -0.58
CA ILE A 76 -8.29 -1.40 -0.95
C ILE A 76 -9.49 -1.26 -1.86
N LEU A 77 -9.60 -2.18 -2.82
CA LEU A 77 -10.73 -2.19 -3.74
C LEU A 77 -12.08 -2.34 -3.02
N ASP A 78 -12.10 -3.10 -1.95
CA ASP A 78 -13.32 -3.32 -1.18
C ASP A 78 -13.58 -2.18 -0.18
N HIS A 79 -12.52 -1.65 0.36
CA HIS A 79 -12.59 -0.63 1.40
C HIS A 79 -12.87 0.75 0.80
N GLN A 80 -12.67 0.88 -0.50
CA GLN A 80 -12.82 2.17 -1.15
C GLN A 80 -14.24 2.48 -1.53
N ALA A 81 -14.42 3.67 -2.13
CA ALA A 81 -15.70 4.26 -2.53
C ALA A 81 -16.33 4.94 -1.33
C1 SOO B . 1.17 -4.06 7.61
O1 SOO B . 0.04 -4.33 8.00
S1 SOO B . 2.60 -4.43 8.51
C2 SOO B . 1.34 -3.35 6.32
C3 SOO B . 0.28 -2.96 5.58
C4 SOO B . 0.53 -2.16 4.34
C5 SOO B . -0.76 -1.81 3.60
C6 SOO B . -0.47 -0.98 2.35
C7 SOO B . -1.72 -0.70 1.52
C8 SOO B . -2.64 0.25 2.24
O23 SOO B . 9.39 -1.81 14.07
P24 SOO B . 8.68 -2.63 13.04
O26 SOO B . 9.45 -3.69 12.30
O27 SOO B . 7.47 -3.34 13.75
C28 SOO B . 6.52 -2.51 14.54
C29 SOO B . 5.30 -3.33 15.00
C30 SOO B . 4.60 -3.87 13.77
C31 SOO B . 5.76 -4.51 15.87
C32 SOO B . 4.34 -2.41 15.88
O33 SOO B . 5.02 -1.99 17.06
C34 SOO B . 3.93 -1.13 15.13
O35 SOO B . 4.53 -0.08 15.35
N36 SOO B . 2.96 -1.23 14.26
C37 SOO B . 2.47 -0.10 13.47
C38 SOO B . 1.00 -0.25 13.08
C39 SOO B . 0.68 -1.52 12.30
O40 SOO B . -0.37 -2.11 12.46
N41 SOO B . 1.63 -1.90 11.47
C42 SOO B . 1.56 -3.09 10.60
C43 SOO B . 2.66 -3.03 9.54
H2 SOO B . 2.36 -3.12 5.98
H3 SOO B . -0.74 -3.19 5.92
H4 SOO B . 1.02 -1.25 4.63
H4A SOO B . 1.16 -2.72 3.68
H5 SOO B . -1.41 -1.25 4.25
H5A SOO B . -1.25 -2.73 3.31
H6 SOO B . 0.24 -1.51 1.73
H6A SOO B . -0.04 -0.04 2.65
H7 SOO B . -2.26 -1.62 1.35
H7A SOO B . -1.43 -0.25 0.58
H8 SOO B . -2.17 1.22 2.35
H8A SOO B . -2.91 -0.15 3.21
H8B SOO B . -3.54 0.38 1.65
H28 SOO B . 7.05 -2.12 15.40
H28A SOO B . 6.19 -1.70 13.91
H30 SOO B . 3.74 -4.44 14.08
H30A SOO B . 5.28 -4.49 13.21
H30B SOO B . 4.28 -3.04 13.16
H31 SOO B . 4.90 -5.07 16.19
H31A SOO B . 6.29 -4.13 16.73
H31B SOO B . 6.42 -5.14 15.30
H32 SOO B . 3.46 -2.97 16.15
HO33 SOO B . 4.81 -1.03 17.11
HN36 SOO B . 2.52 -2.11 14.16
H37 SOO B . 2.57 0.81 14.04
H37A SOO B . 3.07 -0.01 12.58
H38 SOO B . 0.38 -0.24 13.95
H38A SOO B . 0.78 0.58 12.43
HN41 SOO B . 2.42 -1.34 11.42
H42 SOO B . 1.71 -3.96 11.21
H42A SOO B . 0.61 -3.13 10.12
H43 SOO B . 3.62 -2.98 10.02
H43A SOO B . 2.49 -2.15 8.94
#